data_8EDU
#
_entry.id   8EDU
#
_cell.length_a   1.00
_cell.length_b   1.00
_cell.length_c   1.00
_cell.angle_alpha   90.00
_cell.angle_beta   90.00
_cell.angle_gamma   90.00
#
_symmetry.space_group_name_H-M   'P 1'
#
_entity_poly.entity_id   1
_entity_poly.type   'polypeptide(L)'
_entity_poly.pdbx_seq_one_letter_code
;AGFANIQGRADLSDVHLPDQVIKDVLQTAPEASVLLNRARKVRMSSKKTKQPVLASLPDAYWVDGDTGLKQTTKNIWSNV
FMTAEELAVIVPIPDALIADSDLPLWDEVKPLLVEAIGKKVDDAGIFGNDKPASWPAALIPGAIAAGNSVTLGTGDDIGV
DVATLGEQLALDGFSINGFISRPGLHWSLVGLRNAQGQPIYTPPLSTGLNGAPPTPALYGFPLNEVTSGVWDADEAILLG
ADWSKVVIGIRQDITFDLFSEGVISDSDGKVVLNLMQQDSKALRVVFRVGFQVANPMTRLNPNEATRYPAGVIIPAGGGS
GEGEGESE
;
_entity_poly.pdbx_strand_id   A,G,D,F,B,E,C
#
# COMPACT_ATOMS: atom_id res chain seq x y z
N ALA A 1 -9.06 60.24 -66.72
CA ALA A 1 -9.51 59.40 -65.60
C ALA A 1 -9.79 57.97 -66.05
N GLY A 2 -10.78 57.76 -66.93
CA GLY A 2 -11.25 56.42 -67.32
C GLY A 2 -12.06 55.74 -66.22
N PHE A 3 -11.98 54.41 -66.17
CA PHE A 3 -12.88 53.57 -65.34
C PHE A 3 -12.17 52.70 -64.29
N ALA A 4 -10.84 52.60 -64.32
CA ALA A 4 -10.05 51.73 -63.46
C ALA A 4 -9.84 52.21 -62.01
N ASN A 5 -10.21 53.43 -61.65
CA ASN A 5 -9.83 54.04 -60.37
C ASN A 5 -10.66 53.53 -59.18
N ILE A 6 -9.99 52.93 -58.19
CA ILE A 6 -10.59 52.41 -56.95
C ILE A 6 -9.64 52.70 -55.78
N GLN A 7 -10.17 52.94 -54.59
CA GLN A 7 -9.40 53.24 -53.39
C GLN A 7 -8.71 52.00 -52.83
N GLY A 8 -7.37 51.94 -52.83
CA GLY A 8 -6.60 50.80 -52.31
C GLY A 8 -6.20 50.92 -50.84
N ARG A 9 -5.50 49.91 -50.30
CA ARG A 9 -4.86 49.96 -48.96
C ARG A 9 -3.64 50.89 -48.95
N ALA A 10 -2.94 51.00 -50.07
CA ALA A 10 -1.75 51.81 -50.23
C ALA A 10 -2.03 53.32 -50.39
N ASP A 11 -3.28 53.71 -50.53
CA ASP A 11 -3.71 55.11 -50.67
C ASP A 11 -4.05 55.76 -49.33
N LEU A 12 -4.37 54.99 -48.29
CA LEU A 12 -4.49 55.50 -46.93
C LEU A 12 -3.09 55.63 -46.29
N SER A 13 -2.94 56.52 -45.32
CA SER A 13 -1.76 56.56 -44.46
C SER A 13 -1.84 55.50 -43.35
N ASP A 14 -0.71 55.06 -42.84
CA ASP A 14 -0.66 54.07 -41.75
C ASP A 14 -1.26 54.58 -40.43
N VAL A 15 -1.34 55.89 -40.24
CA VAL A 15 -2.07 56.51 -39.11
C VAL A 15 -3.55 56.15 -39.16
N HIS A 16 -4.14 56.04 -40.34
CA HIS A 16 -5.56 55.79 -40.56
C HIS A 16 -5.89 54.31 -40.81
N LEU A 17 -4.94 53.47 -41.23
CA LEU A 17 -5.03 52.01 -41.18
C LEU A 17 -4.03 51.41 -40.16
N PRO A 18 -4.21 51.64 -38.85
CA PRO A 18 -3.29 51.14 -37.83
C PRO A 18 -3.46 49.63 -37.59
N ASP A 19 -2.38 48.93 -37.25
CA ASP A 19 -2.50 47.63 -36.58
C ASP A 19 -3.08 47.84 -35.18
N GLN A 20 -3.90 46.91 -34.71
CA GLN A 20 -4.34 46.87 -33.32
C GLN A 20 -3.21 46.35 -32.43
N VAL A 21 -3.03 46.89 -31.23
CA VAL A 21 -1.95 46.46 -30.33
C VAL A 21 -2.47 45.92 -29.01
N ILE A 22 -1.83 44.86 -28.52
CA ILE A 22 -2.00 44.33 -27.18
C ILE A 22 -0.75 44.71 -26.37
N LYS A 23 -0.90 45.45 -25.27
CA LYS A 23 0.24 46.08 -24.56
C LYS A 23 1.06 45.09 -23.75
N ASP A 24 0.42 44.09 -23.16
CA ASP A 24 1.06 43.08 -22.32
C ASP A 24 1.99 42.16 -23.12
N VAL A 25 3.21 41.94 -22.62
CA VAL A 25 4.15 40.99 -23.23
C VAL A 25 3.64 39.56 -23.06
N LEU A 26 3.67 38.75 -24.12
CA LEU A 26 3.44 37.31 -24.04
C LEU A 26 4.72 36.60 -23.54
N GLN A 27 4.67 36.08 -22.31
CA GLN A 27 5.81 35.45 -21.61
C GLN A 27 5.33 34.44 -20.56
N THR A 28 6.20 33.52 -20.15
CA THR A 28 5.99 32.65 -18.97
C THR A 28 6.79 33.16 -17.77
N ALA A 29 6.23 33.03 -16.58
CA ALA A 29 6.77 33.57 -15.34
C ALA A 29 8.10 32.91 -14.92
N PRO A 30 9.01 33.65 -14.26
CA PRO A 30 10.32 33.15 -13.87
C PRO A 30 10.24 31.98 -12.87
N GLU A 31 11.11 31.01 -13.05
CA GLU A 31 11.16 29.77 -12.27
C GLU A 31 12.13 29.91 -11.10
N ALA A 32 11.63 29.78 -9.86
CA ALA A 32 12.46 29.89 -8.66
C ALA A 32 13.50 28.75 -8.56
N SER A 33 14.69 29.06 -8.05
CA SER A 33 15.76 28.09 -7.81
C SER A 33 15.33 27.02 -6.81
N VAL A 34 15.79 25.80 -7.07
CA VAL A 34 15.66 24.67 -6.17
C VAL A 34 16.46 24.91 -4.89
N LEU A 35 17.78 25.04 -4.97
CA LEU A 35 18.61 25.07 -3.76
C LEU A 35 18.37 26.31 -2.92
N LEU A 36 18.12 27.48 -3.52
CA LEU A 36 17.81 28.68 -2.76
C LEU A 36 16.42 28.65 -2.09
N ASN A 37 15.65 27.56 -2.26
CA ASN A 37 14.39 27.33 -1.53
C ASN A 37 14.37 26.03 -0.71
N ARG A 38 15.04 24.97 -1.14
CA ARG A 38 15.05 23.67 -0.44
C ARG A 38 16.12 23.54 0.64
N ALA A 39 17.29 24.13 0.45
CA ALA A 39 18.40 24.03 1.40
C ALA A 39 18.15 24.84 2.67
N ARG A 40 18.80 24.46 3.77
CA ARG A 40 18.87 25.26 5.00
C ARG A 40 19.81 26.45 4.76
N LYS A 41 19.41 27.66 5.13
CA LYS A 41 20.15 28.89 4.80
C LYS A 41 20.81 29.49 6.03
N VAL A 42 22.10 29.81 5.92
CA VAL A 42 22.91 30.43 6.97
C VAL A 42 23.65 31.65 6.44
N ARG A 43 24.08 32.57 7.32
CA ARG A 43 24.86 33.75 6.94
C ARG A 43 26.34 33.50 7.10
N MET A 44 27.12 33.78 6.06
CA MET A 44 28.58 33.82 6.17
C MET A 44 29.08 35.24 6.44
N SER A 45 30.21 35.38 7.15
CA SER A 45 30.83 36.67 7.49
C SER A 45 32.32 36.76 7.12
N SER A 46 32.84 35.72 6.47
CA SER A 46 34.18 35.60 5.91
C SER A 46 34.09 34.77 4.62
N LYS A 47 35.14 34.70 3.80
CA LYS A 47 35.15 33.80 2.65
C LYS A 47 35.04 32.34 3.06
N LYS A 48 35.54 31.98 4.25
CA LYS A 48 35.58 30.61 4.76
C LYS A 48 35.02 30.51 6.17
N THR A 49 34.35 29.40 6.45
CA THR A 49 33.69 29.10 7.72
C THR A 49 34.11 27.72 8.22
N LYS A 50 34.29 27.55 9.53
CA LYS A 50 34.60 26.29 10.23
C LYS A 50 33.47 25.88 11.18
N GLN A 51 33.29 24.58 11.33
CA GLN A 51 32.44 23.96 12.35
C GLN A 51 33.08 22.66 12.86
N PRO A 52 33.00 22.36 14.17
CA PRO A 52 33.45 21.08 14.71
C PRO A 52 32.47 19.95 14.42
N VAL A 53 32.97 18.73 14.17
CA VAL A 53 32.16 17.53 13.96
C VAL A 53 32.65 16.41 14.87
N LEU A 54 31.75 15.72 15.56
CA LEU A 54 32.09 14.58 16.42
C LEU A 54 32.57 13.40 15.57
N ALA A 55 33.68 12.75 15.92
CA ALA A 55 34.33 11.75 15.07
C ALA A 55 34.61 10.39 15.72
N SER A 56 34.24 10.20 16.99
CA SER A 56 34.26 8.91 17.68
C SER A 56 33.23 8.88 18.81
N LEU A 57 33.16 7.77 19.54
CA LEU A 57 32.40 7.66 20.79
C LEU A 57 33.26 6.99 21.87
N PRO A 58 33.10 7.35 23.15
CA PRO A 58 33.71 6.63 24.27
C PRO A 58 33.13 5.21 24.44
N ASP A 59 33.85 4.33 25.12
CA ASP A 59 33.35 3.03 25.60
C ASP A 59 32.90 3.09 27.07
N ALA A 60 32.30 2.02 27.57
CA ALA A 60 32.22 1.70 29.00
C ALA A 60 32.54 0.20 29.18
N TYR A 61 32.98 -0.22 30.36
CA TYR A 61 33.46 -1.59 30.58
C TYR A 61 32.84 -2.21 31.83
N TRP A 62 32.64 -3.53 31.86
CA TRP A 62 32.21 -4.26 33.04
C TRP A 62 33.34 -4.39 34.06
N VAL A 63 33.06 -4.13 35.33
CA VAL A 63 34.04 -4.17 36.41
C VAL A 63 34.02 -5.55 37.08
N ASP A 64 35.18 -6.15 37.29
CA ASP A 64 35.32 -7.49 37.87
C ASP A 64 35.08 -7.54 39.40
N GLY A 65 33.82 -7.45 39.81
CA GLY A 65 33.42 -7.48 41.22
C GLY A 65 33.68 -6.19 42.00
N ASP A 66 33.37 -6.20 43.29
CA ASP A 66 33.68 -5.07 44.19
C ASP A 66 35.20 -4.90 44.30
N THR A 67 35.71 -3.68 44.25
CA THR A 67 37.16 -3.36 44.22
C THR A 67 37.93 -3.89 43.01
N GLY A 68 37.24 -4.21 41.91
CA GLY A 68 37.85 -4.42 40.60
C GLY A 68 38.39 -3.12 40.01
N LEU A 69 39.43 -3.20 39.19
CA LEU A 69 40.16 -2.04 38.68
C LEU A 69 39.48 -1.43 37.44
N LYS A 70 38.88 -0.24 37.57
CA LYS A 70 38.17 0.49 36.50
C LYS A 70 39.11 0.95 35.38
N GLN A 71 38.62 1.04 34.15
CA GLN A 71 39.40 1.37 32.96
C GLN A 71 39.13 2.80 32.49
N THR A 72 39.99 3.30 31.60
CA THR A 72 39.95 4.65 31.03
C THR A 72 39.45 4.67 29.58
N THR A 73 38.89 5.78 29.13
CA THR A 73 38.52 6.02 27.72
C THR A 73 38.67 7.48 27.31
N LYS A 74 38.63 7.78 26.01
CA LYS A 74 38.77 9.12 25.39
C LYS A 74 37.80 9.30 24.22
N ASN A 75 37.67 10.53 23.72
CA ASN A 75 36.80 10.88 22.59
C ASN A 75 37.48 11.87 21.60
N ILE A 76 37.07 11.87 20.33
CA ILE A 76 37.70 12.61 19.22
C ILE A 76 36.69 13.47 18.43
N TRP A 77 37.13 14.63 17.96
CA TRP A 77 36.42 15.55 17.06
C TRP A 77 37.29 15.95 15.86
N SER A 78 36.68 16.52 14.83
CA SER A 78 37.32 16.96 13.59
C SER A 78 36.67 18.23 13.04
N ASN A 79 36.98 18.68 11.83
CA ASN A 79 36.49 19.93 11.23
C ASN A 79 35.71 19.71 9.92
N VAL A 80 34.74 20.57 9.65
CA VAL A 80 34.16 20.77 8.31
C VAL A 80 34.19 22.24 7.92
N PHE A 81 34.32 22.50 6.62
CA PHE A 81 34.53 23.83 6.02
C PHE A 81 33.45 24.19 4.99
N MET A 82 33.21 25.48 4.78
CA MET A 82 32.36 26.01 3.71
C MET A 82 33.02 27.25 3.11
N THR A 83 33.08 27.37 1.79
CA THR A 83 33.74 28.49 1.06
C THR A 83 32.76 29.23 0.17
N ALA A 84 32.72 30.57 0.28
CA ALA A 84 31.91 31.44 -0.58
C ALA A 84 32.57 31.66 -1.96
N GLU A 85 31.78 31.61 -3.02
CA GLU A 85 32.18 31.87 -4.40
C GLU A 85 31.25 32.90 -5.03
N GLU A 86 31.70 33.58 -6.08
CA GLU A 86 31.05 34.78 -6.61
C GLU A 86 30.52 34.60 -8.03
N LEU A 87 29.27 34.98 -8.28
CA LEU A 87 28.72 35.08 -9.63
C LEU A 87 28.02 36.42 -9.84
N ALA A 88 28.22 36.99 -11.03
CA ALA A 88 27.90 38.37 -11.33
C ALA A 88 27.84 38.64 -12.83
N VAL A 89 27.14 39.69 -13.24
CA VAL A 89 27.03 40.10 -14.65
C VAL A 89 26.72 41.59 -14.77
N ILE A 90 26.94 42.17 -15.94
CA ILE A 90 26.64 43.58 -16.25
C ILE A 90 25.65 43.73 -17.44
N VAL A 91 24.72 44.67 -17.38
CA VAL A 91 23.78 45.01 -18.47
C VAL A 91 23.92 46.50 -18.83
N PRO A 92 24.63 46.88 -19.91
CA PRO A 92 24.70 48.26 -20.38
C PRO A 92 23.50 48.66 -21.26
N ILE A 93 22.95 49.86 -21.10
CA ILE A 93 21.87 50.39 -21.96
C ILE A 93 22.11 51.88 -22.26
N PRO A 94 22.10 52.33 -23.52
CA PRO A 94 22.22 53.75 -23.87
C PRO A 94 20.99 54.52 -23.42
N ASP A 95 21.14 55.65 -22.72
CA ASP A 95 20.01 56.21 -21.99
C ASP A 95 19.04 57.05 -22.83
N ALA A 96 19.38 57.27 -24.11
CA ALA A 96 18.41 57.64 -25.14
C ALA A 96 17.31 56.57 -25.28
N LEU A 97 17.67 55.28 -25.26
CA LEU A 97 16.74 54.17 -25.32
C LEU A 97 15.96 53.98 -24.00
N ILE A 98 16.57 54.21 -22.83
CA ILE A 98 15.82 54.23 -21.56
C ILE A 98 14.72 55.28 -21.59
N ALA A 99 15.03 56.48 -22.08
CA ALA A 99 14.13 57.63 -22.12
C ALA A 99 12.95 57.44 -23.06
N ASP A 100 13.19 56.92 -24.27
CA ASP A 100 12.15 56.81 -25.29
C ASP A 100 11.51 55.41 -25.40
N SER A 101 11.99 54.42 -24.63
CA SER A 101 11.36 53.07 -24.56
C SER A 101 10.14 53.17 -23.64
N ASP A 102 8.95 52.82 -24.11
CA ASP A 102 7.72 52.83 -23.27
C ASP A 102 7.93 51.80 -22.15
N LEU A 103 8.56 50.67 -22.46
CA LEU A 103 8.83 49.60 -21.47
C LEU A 103 9.85 50.13 -20.43
N PRO A 104 9.66 49.99 -19.09
CA PRO A 104 10.66 50.43 -18.10
C PRO A 104 11.81 49.42 -17.91
N LEU A 105 12.80 49.44 -18.79
CA LEU A 105 13.76 48.35 -18.96
C LEU A 105 14.53 47.90 -17.71
N TRP A 106 14.88 48.78 -16.77
CA TRP A 106 15.54 48.35 -15.54
C TRP A 106 14.64 47.53 -14.61
N ASP A 107 13.34 47.83 -14.51
CA ASP A 107 12.41 47.02 -13.71
C ASP A 107 12.03 45.71 -14.40
N GLU A 108 12.16 45.64 -15.72
CA GLU A 108 11.89 44.42 -16.49
C GLU A 108 13.04 43.42 -16.44
N VAL A 109 14.30 43.87 -16.50
CA VAL A 109 15.45 42.96 -16.56
C VAL A 109 15.79 42.35 -15.19
N LYS A 110 15.55 43.05 -14.07
CA LYS A 110 15.94 42.58 -12.74
C LYS A 110 15.39 41.18 -12.36
N PRO A 111 14.09 40.88 -12.46
CA PRO A 111 13.57 39.54 -12.18
C PRO A 111 14.26 38.42 -12.97
N LEU A 112 14.63 38.67 -14.22
CA LEU A 112 15.32 37.70 -15.08
C LEU A 112 16.76 37.51 -14.66
N LEU A 113 17.43 38.54 -14.14
CA LEU A 113 18.77 38.41 -13.58
C LEU A 113 18.75 37.66 -12.25
N VAL A 114 17.77 37.90 -11.37
CA VAL A 114 17.58 37.10 -10.15
C VAL A 114 17.39 35.63 -10.47
N GLU A 115 16.55 35.34 -11.46
CA GLU A 115 16.31 33.99 -11.95
C GLU A 115 17.55 33.36 -12.60
N ALA A 116 18.33 34.12 -13.36
CA ALA A 116 19.55 33.62 -13.99
C ALA A 116 20.66 33.29 -12.98
N ILE A 117 20.74 34.01 -11.87
CA ILE A 117 21.66 33.68 -10.77
C ILE A 117 21.23 32.36 -10.14
N GLY A 118 19.96 32.20 -9.77
CA GLY A 118 19.46 30.99 -9.14
C GLY A 118 19.69 29.73 -9.97
N LYS A 119 19.56 29.83 -11.28
CA LYS A 119 19.78 28.73 -12.24
C LYS A 119 21.21 28.19 -12.19
N LYS A 120 22.22 29.05 -12.01
CA LYS A 120 23.64 28.64 -11.95
C LYS A 120 23.99 27.93 -10.64
N VAL A 121 23.42 28.37 -9.52
CA VAL A 121 23.60 27.76 -8.20
C VAL A 121 23.05 26.34 -8.16
N ASP A 122 21.85 26.11 -8.68
CA ASP A 122 21.28 24.76 -8.82
C ASP A 122 22.15 23.84 -9.67
N ASP A 123 22.57 24.29 -10.84
CA ASP A 123 23.37 23.51 -11.77
C ASP A 123 24.74 23.11 -11.19
N ALA A 124 25.35 23.99 -10.39
CA ALA A 124 26.59 23.69 -9.69
C ALA A 124 26.36 22.75 -8.48
N GLY A 125 25.36 22.99 -7.65
CA GLY A 125 25.17 22.21 -6.42
C GLY A 125 24.53 20.83 -6.59
N ILE A 126 23.62 20.64 -7.56
CA ILE A 126 22.96 19.35 -7.79
C ILE A 126 23.74 18.49 -8.79
N PHE A 127 24.06 19.03 -9.97
CA PHE A 127 24.66 18.26 -11.08
C PHE A 127 26.17 18.42 -11.21
N GLY A 128 26.76 19.47 -10.64
CA GLY A 128 28.19 19.70 -10.73
C GLY A 128 28.67 20.30 -12.04
N ASN A 129 27.85 21.12 -12.71
CA ASN A 129 28.22 21.80 -13.96
C ASN A 129 28.70 23.23 -13.72
N ASP A 130 29.82 23.59 -14.35
CA ASP A 130 30.57 24.84 -14.11
C ASP A 130 31.00 25.04 -12.64
N LYS A 131 30.95 23.99 -11.80
CA LYS A 131 31.13 24.08 -10.36
C LYS A 131 32.46 24.75 -9.99
N PRO A 132 32.51 25.71 -9.04
CA PRO A 132 33.75 26.25 -8.53
C PRO A 132 34.69 25.18 -7.97
N ALA A 133 36.01 25.36 -8.11
CA ALA A 133 37.01 24.37 -7.67
C ALA A 133 37.08 24.17 -6.15
N SER A 134 36.63 25.14 -5.35
CA SER A 134 36.62 25.07 -3.88
C SER A 134 35.38 24.38 -3.30
N TRP A 135 34.27 24.30 -4.02
CA TRP A 135 33.04 23.66 -3.56
C TRP A 135 33.20 22.14 -3.40
N PRO A 136 32.49 21.51 -2.45
CA PRO A 136 32.48 20.04 -2.30
C PRO A 136 31.84 19.37 -3.51
N ALA A 137 31.89 18.05 -3.60
CA ALA A 137 31.17 17.33 -4.65
C ALA A 137 29.66 17.63 -4.63
N ALA A 138 29.05 17.77 -5.80
CA ALA A 138 27.63 18.05 -5.96
C ALA A 138 26.75 16.85 -5.56
N LEU A 139 25.47 17.08 -5.24
CA LEU A 139 24.61 16.02 -4.68
C LEU A 139 24.56 14.73 -5.50
N ILE A 140 24.39 14.79 -6.82
CA ILE A 140 24.27 13.61 -7.67
C ILE A 140 25.62 12.89 -7.84
N PRO A 141 26.75 13.53 -8.19
CA PRO A 141 28.06 12.89 -8.18
C PRO A 141 28.50 12.35 -6.82
N GLY A 142 28.18 13.03 -5.72
CA GLY A 142 28.47 12.57 -4.37
C GLY A 142 27.70 11.30 -4.01
N ALA A 143 26.40 11.26 -4.27
CA ALA A 143 25.56 10.08 -4.07
C ALA A 143 26.05 8.88 -4.90
N ILE A 144 26.45 9.09 -6.15
CA ILE A 144 27.05 8.04 -6.98
C ILE A 144 28.37 7.55 -6.40
N ALA A 145 29.28 8.43 -5.99
CA ALA A 145 30.58 8.01 -5.46
C ALA A 145 30.47 7.24 -4.13
N ALA A 146 29.53 7.63 -3.27
CA ALA A 146 29.21 6.94 -2.02
C ALA A 146 28.61 5.54 -2.23
N GLY A 147 28.04 5.26 -3.40
CA GLY A 147 27.28 4.06 -3.70
C GLY A 147 25.78 4.13 -3.37
N ASN A 148 25.23 5.29 -3.03
CA ASN A 148 23.81 5.52 -2.76
C ASN A 148 23.02 5.73 -4.07
N SER A 149 23.18 4.80 -5.01
CA SER A 149 22.67 4.85 -6.37
C SER A 149 21.83 3.62 -6.69
N VAL A 150 20.81 3.77 -7.51
CA VAL A 150 19.93 2.68 -7.99
C VAL A 150 19.69 2.85 -9.49
N THR A 151 20.04 1.88 -10.31
CA THR A 151 19.68 1.89 -11.74
C THR A 151 18.21 1.51 -11.92
N LEU A 152 17.45 2.33 -12.62
CA LEU A 152 16.02 2.16 -12.86
C LEU A 152 15.73 0.85 -13.60
N GLY A 153 14.74 0.10 -13.13
CA GLY A 153 14.32 -1.17 -13.73
C GLY A 153 15.22 -2.35 -13.40
N THR A 154 16.06 -2.24 -12.36
CA THR A 154 16.72 -3.39 -11.72
C THR A 154 15.76 -4.19 -10.85
N GLY A 155 14.83 -3.54 -10.16
CA GLY A 155 13.62 -4.17 -9.64
C GLY A 155 12.49 -4.24 -10.68
N ASP A 156 11.37 -4.86 -10.30
CA ASP A 156 10.18 -5.04 -11.16
C ASP A 156 9.40 -3.76 -11.50
N ASP A 157 9.59 -2.71 -10.70
CA ASP A 157 8.63 -1.64 -10.49
C ASP A 157 9.40 -0.43 -9.94
N ILE A 158 9.20 0.79 -10.45
CA ILE A 158 9.91 1.96 -9.92
C ILE A 158 9.71 2.14 -8.41
N GLY A 159 8.56 1.77 -7.86
CA GLY A 159 8.33 1.80 -6.44
C GLY A 159 9.28 0.93 -5.62
N VAL A 160 9.83 -0.16 -6.16
CA VAL A 160 10.83 -0.96 -5.44
C VAL A 160 12.23 -0.39 -5.57
N ASP A 161 12.50 0.32 -6.65
CA ASP A 161 13.74 1.10 -6.80
C ASP A 161 13.76 2.31 -5.86
N VAL A 162 12.64 3.03 -5.73
CA VAL A 162 12.50 4.06 -4.68
C VAL A 162 12.64 3.48 -3.29
N ALA A 163 12.08 2.30 -3.02
CA ALA A 163 12.24 1.66 -1.72
C ALA A 163 13.68 1.22 -1.45
N THR A 164 14.40 0.76 -2.47
CA THR A 164 15.84 0.48 -2.38
C THR A 164 16.63 1.73 -2.01
N LEU A 165 16.24 2.89 -2.51
CA LEU A 165 16.80 4.17 -2.13
C LEU A 165 16.58 4.47 -0.65
N GLY A 166 15.34 4.37 -0.16
CA GLY A 166 15.02 4.58 1.24
C GLY A 166 15.80 3.65 2.17
N GLU A 167 16.01 2.40 1.80
CA GLU A 167 16.78 1.46 2.62
C GLU A 167 18.27 1.80 2.69
N GLN A 168 18.93 2.18 1.60
CA GLN A 168 20.33 2.61 1.64
C GLN A 168 20.55 3.81 2.57
N LEU A 169 19.66 4.80 2.56
CA LEU A 169 19.76 5.95 3.47
C LEU A 169 19.50 5.52 4.91
N ALA A 170 18.53 4.65 5.16
CA ALA A 170 18.26 4.12 6.50
C ALA A 170 19.44 3.31 7.06
N LEU A 171 20.14 2.54 6.22
CA LEU A 171 21.37 1.84 6.58
C LEU A 171 22.58 2.77 6.79
N ASP A 172 22.57 3.97 6.25
CA ASP A 172 23.52 5.04 6.58
C ASP A 172 23.12 5.84 7.83
N GLY A 173 21.88 5.73 8.29
CA GLY A 173 21.38 6.40 9.48
C GLY A 173 20.58 7.68 9.25
N PHE A 174 20.19 7.94 8.00
CA PHE A 174 19.38 9.10 7.58
C PHE A 174 18.01 8.65 7.04
N SER A 175 17.02 9.53 7.04
CA SER A 175 15.69 9.26 6.45
C SER A 175 15.35 10.25 5.35
N ILE A 176 14.77 9.78 4.23
CA ILE A 176 14.24 10.66 3.19
C ILE A 176 13.09 11.47 3.77
N ASN A 177 13.12 12.78 3.53
CA ASN A 177 11.95 13.64 3.77
C ASN A 177 11.52 14.43 2.53
N GLY A 178 12.08 14.15 1.36
CA GLY A 178 11.57 14.66 0.11
C GLY A 178 12.40 14.35 -1.13
N PHE A 179 11.88 14.74 -2.28
CA PHE A 179 12.47 14.51 -3.59
C PHE A 179 12.66 15.79 -4.39
N ILE A 180 13.50 15.73 -5.41
CA ILE A 180 13.45 16.54 -6.62
C ILE A 180 13.57 15.61 -7.82
N SER A 181 12.88 15.89 -8.93
CA SER A 181 12.77 14.95 -10.04
C SER A 181 12.76 15.59 -11.41
N ARG A 182 13.01 14.77 -12.43
CA ARG A 182 13.07 15.23 -13.82
C ARG A 182 11.75 15.87 -14.26
N PRO A 183 11.76 16.82 -15.22
CA PRO A 183 10.53 17.29 -15.85
C PRO A 183 9.77 16.13 -16.51
N GLY A 184 8.44 16.14 -16.40
CA GLY A 184 7.55 15.14 -16.98
C GLY A 184 7.44 13.82 -16.23
N LEU A 185 8.06 13.62 -15.06
CA LEU A 185 8.02 12.34 -14.34
C LEU A 185 6.59 11.90 -14.02
N HIS A 186 5.71 12.79 -13.59
CA HIS A 186 4.30 12.48 -13.28
C HIS A 186 3.58 11.75 -14.41
N TRP A 187 3.60 12.27 -15.63
CA TRP A 187 2.97 11.60 -16.76
C TRP A 187 3.66 10.30 -17.15
N SER A 188 4.96 10.14 -16.90
CA SER A 188 5.59 8.84 -17.08
C SER A 188 5.23 7.83 -15.99
N LEU A 189 4.78 8.24 -14.80
CA LEU A 189 4.21 7.35 -13.79
C LEU A 189 2.81 6.89 -14.16
N VAL A 190 1.90 7.76 -14.63
CA VAL A 190 0.57 7.29 -15.06
C VAL A 190 0.64 6.35 -16.26
N GLY A 191 1.73 6.39 -17.01
CA GLY A 191 1.95 5.63 -18.24
C GLY A 191 2.67 4.30 -18.09
N LEU A 192 2.82 3.73 -16.90
CA LEU A 192 3.53 2.46 -16.70
C LEU A 192 2.71 1.37 -16.00
N ARG A 193 3.05 0.12 -16.28
CA ARG A 193 2.22 -1.06 -16.02
C ARG A 193 2.97 -2.17 -15.27
N ASN A 194 2.20 -2.92 -14.48
CA ASN A 194 2.60 -4.19 -13.89
C ASN A 194 2.86 -5.24 -14.99
N ALA A 195 3.50 -6.36 -14.68
CA ALA A 195 3.62 -7.47 -15.65
C ALA A 195 2.25 -8.09 -16.02
N GLN A 196 1.25 -7.96 -15.16
CA GLN A 196 -0.16 -8.24 -15.41
C GLN A 196 -0.82 -7.29 -16.43
N GLY A 197 -0.16 -6.20 -16.83
CA GLY A 197 -0.67 -5.24 -17.80
C GLY A 197 -1.70 -4.25 -17.27
N GLN A 198 -1.68 -3.93 -15.98
CA GLN A 198 -2.58 -2.96 -15.32
C GLN A 198 -1.78 -1.80 -14.71
N PRO A 199 -2.35 -0.61 -14.50
CA PRO A 199 -1.65 0.52 -13.90
C PRO A 199 -1.27 0.31 -12.42
N ILE A 200 -0.15 0.89 -11.98
CA ILE A 200 0.39 0.68 -10.63
C ILE A 200 0.47 1.94 -9.76
N TYR A 201 0.25 3.11 -10.33
CA TYR A 201 0.45 4.40 -9.66
C TYR A 201 -0.61 4.75 -8.61
N THR A 202 -1.78 4.12 -8.65
CA THR A 202 -2.93 4.36 -7.75
C THR A 202 -3.55 3.04 -7.26
N PRO A 203 -4.38 3.06 -6.20
CA PRO A 203 -5.17 1.92 -5.76
C PRO A 203 -5.97 1.28 -6.91
N PRO A 204 -6.16 -0.05 -6.95
CA PRO A 204 -6.82 -0.74 -8.05
C PRO A 204 -8.17 -0.16 -8.47
N LEU A 205 -9.00 0.30 -7.52
CA LEU A 205 -10.33 0.87 -7.79
C LEU A 205 -10.31 2.31 -8.35
N SER A 206 -9.13 2.87 -8.61
CA SER A 206 -8.91 4.18 -9.26
C SER A 206 -7.85 4.11 -10.36
N THR A 207 -7.74 2.98 -11.07
CA THR A 207 -6.78 2.80 -12.18
C THR A 207 -7.37 3.03 -13.58
N GLY A 208 -8.68 3.22 -13.74
CA GLY A 208 -9.30 3.30 -15.06
C GLY A 208 -8.94 4.57 -15.83
N LEU A 209 -8.69 4.47 -17.14
CA LEU A 209 -8.27 5.62 -17.94
C LEU A 209 -9.28 6.79 -17.96
N ASN A 210 -10.57 6.63 -17.66
CA ASN A 210 -11.50 7.75 -17.65
C ASN A 210 -11.24 8.73 -16.50
N GLY A 211 -10.59 8.31 -15.40
CA GLY A 211 -10.47 9.08 -14.17
C GLY A 211 -9.25 10.00 -14.09
N ALA A 212 -9.35 11.09 -13.34
CA ALA A 212 -8.27 12.06 -13.15
C ALA A 212 -7.09 11.46 -12.36
N PRO A 213 -5.82 11.67 -12.77
CA PRO A 213 -4.65 11.29 -11.97
C PRO A 213 -4.59 11.98 -10.60
N PRO A 214 -3.88 11.42 -9.61
CA PRO A 214 -3.73 12.01 -8.29
C PRO A 214 -2.76 13.21 -8.29
N THR A 215 -2.71 13.95 -7.18
CA THR A 215 -1.65 14.94 -6.93
C THR A 215 -0.26 14.29 -7.12
N PRO A 216 0.72 14.92 -7.80
CA PRO A 216 2.00 14.28 -8.10
C PRO A 216 2.82 13.91 -6.85
N ALA A 217 2.97 12.62 -6.53
CA ALA A 217 3.73 12.15 -5.38
C ALA A 217 4.26 10.72 -5.55
N LEU A 218 5.34 10.37 -4.86
CA LEU A 218 5.77 8.99 -4.62
C LEU A 218 5.83 8.77 -3.12
N TYR A 219 5.21 7.70 -2.63
CA TYR A 219 5.14 7.34 -1.21
C TYR A 219 4.76 8.51 -0.29
N GLY A 220 3.84 9.34 -0.75
CA GLY A 220 3.34 10.49 0.00
C GLY A 220 4.23 11.73 -0.02
N PHE A 221 5.40 11.69 -0.65
CA PHE A 221 6.28 12.84 -0.85
C PHE A 221 6.05 13.46 -2.22
N PRO A 222 5.80 14.78 -2.34
CA PRO A 222 5.64 15.45 -3.62
C PRO A 222 6.81 15.27 -4.58
N LEU A 223 6.55 15.16 -5.87
CA LEU A 223 7.60 14.87 -6.85
C LEU A 223 8.58 16.01 -7.05
N ASN A 224 8.11 17.26 -6.93
CA ASN A 224 8.90 18.47 -7.14
C ASN A 224 9.71 18.41 -8.45
N GLU A 225 9.03 18.39 -9.59
CA GLU A 225 9.71 18.41 -10.88
C GLU A 225 10.47 19.71 -11.09
N VAL A 226 11.70 19.62 -11.59
CA VAL A 226 12.58 20.77 -11.78
C VAL A 226 12.31 21.46 -13.12
N THR A 227 11.39 22.42 -13.11
CA THR A 227 10.87 23.17 -14.26
C THR A 227 11.74 24.35 -14.73
N SER A 228 12.83 24.69 -14.05
CA SER A 228 13.76 25.77 -14.45
C SER A 228 14.73 25.40 -15.57
N GLY A 229 14.70 24.18 -16.09
CA GLY A 229 15.53 23.74 -17.21
C GLY A 229 16.97 23.33 -16.87
N VAL A 230 17.34 23.29 -15.60
CA VAL A 230 18.69 22.87 -15.15
C VAL A 230 18.95 21.36 -15.22
N TRP A 231 17.90 20.54 -15.17
CA TRP A 231 18.00 19.09 -15.02
C TRP A 231 18.58 18.37 -16.23
N ASP A 232 19.44 17.37 -16.02
CA ASP A 232 19.88 16.44 -17.07
C ASP A 232 19.31 15.03 -16.86
N ALA A 233 18.36 14.64 -17.71
CA ALA A 233 17.71 13.35 -17.66
C ALA A 233 18.59 12.18 -18.12
N ASP A 234 19.75 12.43 -18.72
CA ASP A 234 20.75 11.37 -18.94
C ASP A 234 21.52 11.02 -17.67
N GLU A 235 21.50 11.88 -16.65
CA GLU A 235 22.19 11.66 -15.38
C GLU A 235 21.27 11.12 -14.28
N ALA A 236 20.02 11.57 -14.18
CA ALA A 236 19.13 11.18 -13.09
C ALA A 236 17.65 11.28 -13.46
N ILE A 237 16.83 10.48 -12.79
CA ILE A 237 15.36 10.56 -12.81
C ILE A 237 14.87 11.28 -11.55
N LEU A 238 15.41 10.91 -10.40
CA LEU A 238 14.93 11.27 -9.08
C LEU A 238 16.13 11.39 -8.14
N LEU A 239 16.15 12.41 -7.28
CA LEU A 239 17.06 12.52 -6.15
C LEU A 239 16.23 12.60 -4.88
N GLY A 240 16.55 11.78 -3.89
CA GLY A 240 15.91 11.80 -2.57
C GLY A 240 16.93 12.11 -1.49
N ALA A 241 16.54 12.84 -0.45
CA ALA A 241 17.46 13.28 0.59
C ALA A 241 16.78 13.59 1.92
N ASP A 242 17.58 13.67 2.99
CA ASP A 242 17.24 14.50 4.15
C ASP A 242 17.64 15.93 3.84
N TRP A 243 16.68 16.77 3.45
CA TRP A 243 16.97 18.14 3.01
C TRP A 243 17.50 19.08 4.10
N SER A 244 17.42 18.70 5.37
CA SER A 244 18.03 19.48 6.45
C SER A 244 19.57 19.40 6.46
N LYS A 245 20.16 18.39 5.81
CA LYS A 245 21.61 18.19 5.72
C LYS A 245 22.25 18.95 4.56
N VAL A 246 21.47 19.67 3.76
CA VAL A 246 21.93 20.45 2.62
C VAL A 246 21.86 21.92 3.01
N VAL A 247 22.97 22.64 2.90
CA VAL A 247 23.14 23.99 3.43
C VAL A 247 23.66 24.93 2.35
N ILE A 248 23.07 26.11 2.29
CA ILE A 248 23.51 27.24 1.47
C ILE A 248 23.91 28.39 2.39
N GLY A 249 25.14 28.85 2.26
CA GLY A 249 25.66 30.00 2.99
C GLY A 249 25.60 31.28 2.17
N ILE A 250 24.80 32.24 2.60
CA ILE A 250 24.68 33.55 1.93
C ILE A 250 25.78 34.48 2.46
N ARG A 251 26.79 34.79 1.66
CA ARG A 251 27.85 35.76 2.02
C ARG A 251 27.47 37.19 1.66
N GLN A 252 26.75 37.38 0.55
CA GLN A 252 26.22 38.65 0.08
C GLN A 252 24.99 38.36 -0.77
N ASP A 253 23.81 38.77 -0.29
CA ASP A 253 22.54 38.60 -0.98
C ASP A 253 22.49 39.44 -2.27
N ILE A 254 21.62 39.13 -3.24
CA ILE A 254 21.70 39.72 -4.59
C ILE A 254 21.60 41.26 -4.52
N THR A 255 22.70 41.96 -4.82
CA THR A 255 22.79 43.43 -4.78
C THR A 255 22.91 44.01 -6.18
N PHE A 256 22.09 45.02 -6.49
CA PHE A 256 22.09 45.73 -7.76
C PHE A 256 22.70 47.12 -7.63
N ASP A 257 23.67 47.44 -8.49
CA ASP A 257 24.31 48.75 -8.61
C ASP A 257 24.12 49.31 -10.02
N LEU A 258 23.73 50.58 -10.14
CA LEU A 258 23.54 51.27 -11.41
C LEU A 258 24.60 52.36 -11.59
N PHE A 259 25.41 52.29 -12.64
CA PHE A 259 26.55 53.19 -12.88
C PHE A 259 26.31 54.12 -14.06
N SER A 260 26.54 55.41 -13.87
CA SER A 260 26.49 56.45 -14.92
C SER A 260 27.86 56.88 -15.42
N GLU A 261 28.95 56.26 -14.96
CA GLU A 261 30.34 56.70 -15.17
C GLU A 261 31.28 55.51 -15.33
N GLY A 262 32.42 55.70 -16.00
CA GLY A 262 33.40 54.63 -16.22
C GLY A 262 33.23 53.92 -17.55
N VAL A 263 33.85 52.74 -17.70
CA VAL A 263 33.97 52.04 -18.97
C VAL A 263 33.67 50.55 -18.85
N ILE A 264 33.25 49.94 -19.95
CA ILE A 264 33.34 48.51 -20.21
C ILE A 264 34.61 48.30 -21.04
N SER A 265 35.45 47.33 -20.68
CA SER A 265 36.74 47.11 -21.33
C SER A 265 36.95 45.66 -21.74
N ASP A 266 37.77 45.46 -22.78
CA ASP A 266 38.21 44.16 -23.26
C ASP A 266 39.26 43.53 -22.33
N SER A 267 39.43 42.22 -22.44
CA SER A 267 40.50 41.39 -21.88
C SER A 267 41.92 41.99 -22.01
N ASP A 268 42.26 42.60 -23.14
CA ASP A 268 43.55 43.26 -23.41
C ASP A 268 43.54 44.78 -23.21
N GLY A 269 42.48 45.32 -22.60
CA GLY A 269 42.46 46.66 -22.03
C GLY A 269 41.86 47.76 -22.91
N LYS A 270 41.40 47.45 -24.12
CA LYS A 270 40.67 48.39 -25.00
C LYS A 270 39.35 48.80 -24.37
N VAL A 271 38.93 50.06 -24.51
CA VAL A 271 37.59 50.52 -24.10
C VAL A 271 36.58 50.13 -25.19
N VAL A 272 35.53 49.40 -24.84
CA VAL A 272 34.47 49.01 -25.78
C VAL A 272 33.22 49.89 -25.64
N LEU A 273 32.95 50.45 -24.46
CA LEU A 273 31.84 51.38 -24.22
C LEU A 273 32.20 52.33 -23.07
N ASN A 274 32.17 53.64 -23.33
CA ASN A 274 32.41 54.66 -22.33
C ASN A 274 31.07 55.25 -21.86
N LEU A 275 30.71 55.08 -20.60
CA LEU A 275 29.38 55.44 -20.12
C LEU A 275 29.14 56.95 -20.11
N MET A 276 30.13 57.75 -19.71
CA MET A 276 30.03 59.21 -19.75
C MET A 276 30.02 59.74 -21.19
N GLN A 277 31.00 59.35 -21.99
CA GLN A 277 31.23 59.90 -23.32
C GLN A 277 30.31 59.30 -24.41
N GLN A 278 29.52 58.26 -24.10
CA GLN A 278 28.50 57.69 -24.98
C GLN A 278 27.13 57.60 -24.30
N ASP A 279 26.81 58.53 -23.40
CA ASP A 279 25.45 58.76 -22.89
C ASP A 279 24.70 57.48 -22.46
N SER A 280 25.36 56.66 -21.66
CA SER A 280 24.96 55.29 -21.32
C SER A 280 25.00 55.04 -19.84
N LYS A 281 24.29 54.02 -19.38
CA LYS A 281 24.34 53.51 -18.01
C LYS A 281 24.58 52.01 -18.03
N ALA A 282 25.00 51.42 -16.93
CA ALA A 282 25.06 49.96 -16.82
C ALA A 282 24.61 49.49 -15.44
N LEU A 283 23.93 48.35 -15.41
CA LEU A 283 23.46 47.69 -14.19
C LEU A 283 24.37 46.50 -13.91
N ARG A 284 24.96 46.45 -12.71
CA ARG A 284 25.80 45.33 -12.23
C ARG A 284 25.03 44.60 -11.15
N VAL A 285 24.98 43.28 -11.22
CA VAL A 285 24.38 42.45 -10.18
C VAL A 285 25.43 41.47 -9.67
N VAL A 286 25.47 41.26 -8.37
CA VAL A 286 26.47 40.40 -7.69
C VAL A 286 25.81 39.53 -6.62
N PHE A 287 26.21 38.26 -6.54
CA PHE A 287 25.84 37.35 -5.45
C PHE A 287 27.09 36.61 -4.95
N ARG A 288 27.24 36.46 -3.63
CA ARG A 288 28.28 35.60 -3.05
C ARG A 288 27.64 34.51 -2.20
N VAL A 289 27.95 33.27 -2.50
CA VAL A 289 27.25 32.09 -2.00
C VAL A 289 28.20 30.92 -1.78
N GLY A 290 27.98 30.14 -0.72
CA GLY A 290 28.71 28.90 -0.44
C GLY A 290 27.77 27.71 -0.29
N PHE A 291 28.26 26.51 -0.54
CA PHE A 291 27.44 25.28 -0.54
C PHE A 291 28.10 24.19 0.31
N GLN A 292 27.33 23.53 1.17
CA GLN A 292 27.80 22.44 2.01
C GLN A 292 26.75 21.33 2.07
N VAL A 293 27.16 20.08 1.94
CA VAL A 293 26.34 18.91 2.30
C VAL A 293 26.95 18.25 3.54
N ALA A 294 26.21 18.27 4.65
CA ALA A 294 26.70 18.02 5.98
C ALA A 294 26.33 16.62 6.49
N ASN A 295 27.12 15.59 6.19
CA ASN A 295 26.98 14.27 6.80
C ASN A 295 27.71 14.19 8.15
N PRO A 296 27.03 14.28 9.32
CA PRO A 296 27.61 13.89 10.59
C PRO A 296 27.95 12.39 10.62
N MET A 297 28.72 11.98 11.61
CA MET A 297 29.02 10.59 11.95
C MET A 297 27.81 9.96 12.63
N THR A 298 27.16 9.01 11.96
CA THR A 298 26.00 8.28 12.50
C THR A 298 26.44 7.00 13.19
N ARG A 299 25.57 6.40 14.00
CA ARG A 299 25.87 5.13 14.69
C ARG A 299 25.92 3.94 13.72
N LEU A 300 25.08 3.94 12.69
CA LEU A 300 24.91 2.80 11.76
C LEU A 300 26.03 2.67 10.72
N ASN A 301 26.61 3.78 10.26
CA ASN A 301 27.72 3.74 9.32
C ASN A 301 28.80 4.77 9.73
N PRO A 302 29.90 4.38 10.39
CA PRO A 302 30.97 5.30 10.75
C PRO A 302 31.80 5.77 9.54
N ASN A 303 31.88 5.01 8.46
CA ASN A 303 32.77 5.22 7.32
C ASN A 303 32.33 6.40 6.44
N GLU A 304 33.12 7.47 6.37
CA GLU A 304 32.85 8.66 5.55
C GLU A 304 32.80 8.32 4.04
N ALA A 305 33.48 7.27 3.60
CA ALA A 305 33.55 6.92 2.18
C ALA A 305 32.23 6.38 1.61
N THR A 306 31.27 5.97 2.45
CA THR A 306 30.04 5.31 2.03
C THR A 306 28.78 5.86 2.67
N ARG A 307 28.88 6.61 3.77
CA ARG A 307 27.76 7.33 4.40
C ARG A 307 27.44 8.61 3.63
N TYR A 308 26.23 8.78 3.11
CA TYR A 308 25.81 10.04 2.46
C TYR A 308 24.32 10.34 2.70
N PRO A 309 23.88 11.62 2.88
CA PRO A 309 22.52 11.94 3.31
C PRO A 309 21.50 12.07 2.16
N ALA A 310 21.89 11.68 0.96
CA ALA A 310 21.10 11.69 -0.26
C ALA A 310 21.37 10.46 -1.12
N GLY A 311 20.40 10.06 -1.93
CA GLY A 311 20.53 8.96 -2.90
C GLY A 311 19.84 9.29 -4.20
N VAL A 312 20.30 8.69 -5.31
CA VAL A 312 19.84 9.01 -6.67
C VAL A 312 19.36 7.77 -7.44
N ILE A 313 18.28 7.89 -8.21
CA ILE A 313 17.87 6.87 -9.19
C ILE A 313 18.35 7.33 -10.56
N ILE A 314 19.06 6.46 -11.28
CA ILE A 314 19.74 6.79 -12.54
C ILE A 314 19.19 5.98 -13.73
N PRO A 315 19.32 6.49 -14.98
CA PRO A 315 18.89 5.81 -16.19
C PRO A 315 19.61 4.48 -16.46
N ALA A 316 18.90 3.52 -17.05
CA ALA A 316 19.47 2.27 -17.52
C ALA A 316 20.53 2.44 -18.62
N GLY A 317 21.49 1.52 -18.67
CA GLY A 317 22.57 1.53 -19.66
C GLY A 317 22.16 1.11 -21.07
N GLY A 318 23.00 1.42 -22.05
CA GLY A 318 22.80 1.03 -23.46
C GLY A 318 23.21 -0.42 -23.76
N GLY A 319 22.77 -0.93 -24.93
CA GLY A 319 23.07 -2.28 -25.42
C GLY A 319 24.57 -2.52 -25.62
N ALA B 1 74.50 30.78 104.13
CA ALA B 1 75.37 31.18 105.24
C ALA B 1 76.55 32.00 104.77
N GLY B 2 77.12 32.86 105.62
CA GLY B 2 78.15 33.80 105.22
C GLY B 2 77.60 34.95 104.38
N PHE B 3 78.48 35.61 103.64
CA PHE B 3 78.15 36.89 102.98
C PHE B 3 78.25 36.84 101.45
N ALA B 4 78.83 35.79 100.87
CA ALA B 4 79.13 35.69 99.44
C ALA B 4 77.92 35.36 98.53
N ASN B 5 76.74 35.06 99.07
CA ASN B 5 75.58 34.62 98.29
C ASN B 5 75.02 35.72 97.38
N ILE B 6 74.82 35.39 96.10
CA ILE B 6 74.17 36.25 95.10
C ILE B 6 73.46 35.35 94.07
N GLN B 7 72.31 35.77 93.58
CA GLN B 7 71.55 35.05 92.57
C GLN B 7 72.25 35.12 91.21
N GLY B 8 72.65 34.00 90.62
CA GLY B 8 73.15 33.94 89.24
C GLY B 8 72.03 33.62 88.24
N ARG B 9 72.34 33.68 86.93
CA ARG B 9 71.41 33.23 85.89
C ARG B 9 71.29 31.71 85.83
N ALA B 10 72.35 30.99 86.18
CA ALA B 10 72.34 29.54 86.29
C ALA B 10 71.38 29.01 87.38
N ASP B 11 70.90 29.88 88.27
CA ASP B 11 69.95 29.57 89.35
C ASP B 11 68.47 29.75 88.96
N LEU B 12 68.15 30.20 87.76
CA LEU B 12 66.79 30.50 87.28
C LEU B 12 66.39 29.55 86.14
N SER B 13 65.10 29.25 86.04
CA SER B 13 64.57 28.34 85.02
C SER B 13 64.55 28.96 83.61
N ASP B 14 64.46 28.12 82.58
CA ASP B 14 64.28 28.59 81.19
C ASP B 14 62.96 29.34 80.95
N VAL B 15 61.99 29.20 81.86
CA VAL B 15 60.74 29.95 81.85
C VAL B 15 60.86 31.29 82.61
N HIS B 16 61.80 31.40 83.55
CA HIS B 16 62.14 32.69 84.17
C HIS B 16 62.94 33.58 83.22
N LEU B 17 63.93 33.01 82.52
CA LEU B 17 64.83 33.73 81.61
C LEU B 17 64.65 33.27 80.15
N PRO B 18 63.49 33.53 79.52
CA PRO B 18 63.22 33.14 78.15
C PRO B 18 63.96 34.04 77.17
N ASP B 19 64.36 33.48 76.04
CA ASP B 19 64.85 34.26 74.89
C ASP B 19 63.69 34.95 74.17
N GLN B 20 63.86 36.22 73.83
CA GLN B 20 62.97 36.90 72.88
C GLN B 20 63.17 36.31 71.48
N VAL B 21 62.11 36.27 70.69
CA VAL B 21 62.15 35.89 69.27
C VAL B 21 61.63 37.03 68.42
N ILE B 22 62.18 37.18 67.21
CA ILE B 22 61.78 38.23 66.26
C ILE B 22 61.17 37.55 65.04
N LYS B 23 59.89 37.80 64.75
CA LYS B 23 59.13 37.03 63.76
C LYS B 23 59.44 37.39 62.30
N ASP B 24 60.09 38.53 62.06
CA ASP B 24 60.63 38.95 60.76
C ASP B 24 61.90 38.16 60.41
N VAL B 25 61.95 37.55 59.23
CA VAL B 25 63.13 36.82 58.73
C VAL B 25 64.21 37.78 58.22
N LEU B 26 65.49 37.52 58.52
CA LEU B 26 66.61 38.27 57.95
C LEU B 26 66.89 37.77 56.53
N GLN B 27 66.62 38.61 55.54
CA GLN B 27 66.53 38.24 54.13
C GLN B 27 66.96 39.41 53.25
N THR B 28 67.58 39.11 52.11
CA THR B 28 67.84 40.11 51.07
C THR B 28 66.54 40.44 50.36
N ALA B 29 66.09 41.69 50.39
CA ALA B 29 64.83 42.10 49.76
C ALA B 29 64.79 41.64 48.29
N PRO B 30 63.76 40.90 47.85
CA PRO B 30 63.80 40.18 46.58
C PRO B 30 63.77 41.14 45.39
N GLU B 31 64.81 41.07 44.56
CA GLU B 31 64.81 41.69 43.23
C GLU B 31 63.72 41.03 42.36
N ALA B 32 62.98 41.84 41.61
CA ALA B 32 62.03 41.34 40.63
C ALA B 32 62.75 40.73 39.42
N SER B 33 62.04 39.92 38.63
CA SER B 33 62.53 39.49 37.33
C SER B 33 62.78 40.69 36.42
N VAL B 34 63.84 40.62 35.62
CA VAL B 34 64.12 41.60 34.57
C VAL B 34 62.98 41.60 33.57
N LEU B 35 62.67 40.49 32.91
CA LEU B 35 61.71 40.51 31.82
C LEU B 35 60.31 40.84 32.30
N LEU B 36 59.86 40.35 33.46
CA LEU B 36 58.53 40.65 33.97
C LEU B 36 58.34 42.11 34.40
N ASN B 37 59.40 42.88 34.59
CA ASN B 37 59.34 44.33 34.80
C ASN B 37 59.60 45.13 33.51
N ARG B 38 60.62 44.75 32.72
CA ARG B 38 61.11 45.53 31.57
C ARG B 38 60.34 45.29 30.28
N ALA B 39 60.02 44.05 29.94
CA ALA B 39 59.35 43.73 28.69
C ALA B 39 57.90 44.24 28.69
N ARG B 40 57.31 44.44 27.51
CA ARG B 40 55.87 44.74 27.38
C ARG B 40 55.05 43.51 27.75
N LYS B 41 53.97 43.64 28.51
CA LYS B 41 53.13 42.51 28.94
C LYS B 41 51.76 42.52 28.30
N VAL B 42 51.30 41.34 27.87
CA VAL B 42 49.94 41.12 27.33
C VAL B 42 49.30 39.87 27.95
N ARG B 43 47.97 39.82 28.06
CA ARG B 43 47.24 38.61 28.44
C ARG B 43 47.00 37.72 27.22
N MET B 44 47.56 36.52 27.22
CA MET B 44 47.16 35.45 26.28
C MET B 44 45.88 34.77 26.77
N SER B 45 45.13 34.14 25.86
CA SER B 45 43.88 33.43 26.16
C SER B 45 43.78 32.06 25.46
N SER B 46 44.86 31.56 24.87
CA SER B 46 45.01 30.21 24.31
C SER B 46 46.50 29.82 24.32
N LYS B 47 46.87 28.58 23.97
CA LYS B 47 48.28 28.17 23.95
C LYS B 47 49.11 28.96 22.93
N LYS B 48 48.53 29.34 21.80
CA LYS B 48 49.16 30.25 20.82
C LYS B 48 48.34 31.51 20.63
N THR B 49 49.04 32.61 20.36
CA THR B 49 48.52 33.91 19.97
C THR B 49 49.23 34.35 18.68
N LYS B 50 48.53 35.05 17.79
CA LYS B 50 49.08 35.63 16.56
C LYS B 50 48.76 37.11 16.41
N GLN B 51 49.69 37.88 15.83
CA GLN B 51 49.58 39.32 15.64
C GLN B 51 50.02 39.74 14.22
N PRO B 52 49.43 40.78 13.60
CA PRO B 52 49.95 41.34 12.36
C PRO B 52 51.25 42.13 12.57
N VAL B 53 52.13 42.15 11.56
CA VAL B 53 53.33 42.98 11.54
C VAL B 53 53.61 43.50 10.13
N LEU B 54 54.11 44.73 9.97
CA LEU B 54 54.40 45.33 8.66
C LEU B 54 55.63 44.71 8.01
N ALA B 55 55.53 44.40 6.72
CA ALA B 55 56.56 43.77 5.91
C ALA B 55 57.00 44.61 4.70
N SER B 56 56.41 45.79 4.49
CA SER B 56 56.73 46.78 3.46
C SER B 56 56.04 48.10 3.80
N LEU B 57 56.41 49.21 3.15
CA LEU B 57 55.80 50.52 3.36
C LEU B 57 55.36 51.16 2.03
N PRO B 58 54.22 51.87 1.98
CA PRO B 58 53.75 52.49 0.74
C PRO B 58 54.59 53.71 0.35
N ASP B 59 55.00 53.79 -0.91
CA ASP B 59 55.57 55.01 -1.51
C ASP B 59 54.51 56.05 -1.89
N ALA B 60 54.92 57.30 -2.07
CA ALA B 60 54.16 58.41 -2.68
C ALA B 60 55.07 59.21 -3.62
N TYR B 61 54.49 60.03 -4.51
CA TYR B 61 55.20 60.60 -5.67
C TYR B 61 54.83 62.06 -5.99
N TRP B 62 55.74 62.79 -6.63
CA TRP B 62 55.50 64.12 -7.21
C TRP B 62 54.77 64.00 -8.55
N VAL B 63 53.60 64.61 -8.66
CA VAL B 63 52.80 64.65 -9.91
C VAL B 63 53.42 65.65 -10.89
N ASP B 64 53.65 65.24 -12.13
CA ASP B 64 54.25 66.04 -13.20
C ASP B 64 53.30 67.11 -13.80
N GLY B 65 53.10 68.21 -13.07
CA GLY B 65 52.22 69.33 -13.45
C GLY B 65 50.75 69.10 -13.17
N ASP B 66 49.92 70.11 -13.38
CA ASP B 66 48.45 69.94 -13.37
C ASP B 66 48.03 68.98 -14.50
N THR B 67 47.12 68.06 -14.21
CA THR B 67 46.78 66.91 -15.07
C THR B 67 47.95 65.97 -15.39
N GLY B 68 48.96 65.87 -14.54
CA GLY B 68 49.96 64.78 -14.58
C GLY B 68 49.38 63.47 -14.05
N LEU B 69 49.85 62.33 -14.55
CA LEU B 69 49.28 61.01 -14.23
C LEU B 69 49.75 60.47 -12.87
N LYS B 70 48.85 60.40 -11.89
CA LYS B 70 49.07 59.90 -10.51
C LYS B 70 49.38 58.39 -10.51
N GLN B 71 50.09 57.88 -9.52
CA GLN B 71 50.64 56.51 -9.46
C GLN B 71 50.07 55.66 -8.32
N THR B 72 50.08 54.35 -8.49
CA THR B 72 49.56 53.34 -7.54
C THR B 72 50.63 52.83 -6.58
N THR B 73 50.22 52.40 -5.39
CA THR B 73 51.09 51.87 -4.34
C THR B 73 50.36 50.76 -3.57
N LYS B 74 51.06 49.90 -2.83
CA LYS B 74 50.47 48.87 -1.96
C LYS B 74 51.26 48.67 -0.67
N ASN B 75 50.59 48.04 0.30
CA ASN B 75 51.11 47.75 1.64
C ASN B 75 51.09 46.24 1.91
N ILE B 76 51.96 45.72 2.77
CA ILE B 76 52.07 44.27 3.03
C ILE B 76 52.23 44.02 4.53
N TRP B 77 51.55 43.01 5.05
CA TRP B 77 51.69 42.51 6.41
C TRP B 77 52.04 41.03 6.42
N SER B 78 52.63 40.58 7.52
CA SER B 78 52.89 39.16 7.84
C SER B 78 52.45 38.85 9.28
N ASN B 79 52.58 37.60 9.71
CA ASN B 79 52.23 37.14 11.05
C ASN B 79 53.45 37.06 12.00
N VAL B 80 53.22 37.24 13.29
CA VAL B 80 54.15 36.81 14.36
C VAL B 80 53.44 35.96 15.40
N PHE B 81 54.08 34.88 15.87
CA PHE B 81 53.48 33.82 16.69
C PHE B 81 54.13 33.68 18.07
N MET B 82 53.32 33.67 19.12
CA MET B 82 53.76 33.51 20.51
C MET B 82 53.14 32.26 21.15
N THR B 83 53.96 31.32 21.65
CA THR B 83 53.49 30.11 22.33
C THR B 83 53.69 30.17 23.84
N ALA B 84 52.64 29.93 24.60
CA ALA B 84 52.68 29.78 26.05
C ALA B 84 53.26 28.43 26.49
N GLU B 85 54.11 28.47 27.50
CA GLU B 85 54.77 27.33 28.11
C GLU B 85 54.55 27.36 29.63
N GLU B 86 54.67 26.23 30.31
CA GLU B 86 54.32 26.09 31.73
C GLU B 86 55.56 25.85 32.60
N LEU B 87 55.68 26.53 33.74
CA LEU B 87 56.62 26.15 34.78
C LEU B 87 55.97 26.13 36.16
N ALA B 88 56.31 25.10 36.92
CA ALA B 88 55.58 24.71 38.12
C ALA B 88 56.46 23.89 39.05
N VAL B 89 56.14 23.88 40.34
CA VAL B 89 56.82 23.04 41.34
C VAL B 89 55.88 22.68 42.49
N ILE B 90 56.13 21.56 43.15
CA ILE B 90 55.40 21.09 44.32
C ILE B 90 56.29 21.15 45.58
N VAL B 91 55.75 21.66 46.69
CA VAL B 91 56.38 21.71 48.02
C VAL B 91 55.56 20.92 49.03
N PRO B 92 56.01 19.74 49.49
CA PRO B 92 55.34 18.96 50.52
C PRO B 92 55.80 19.29 51.95
N ILE B 93 54.86 19.35 52.90
CA ILE B 93 55.11 19.60 54.33
C ILE B 93 54.19 18.70 55.19
N PRO B 94 54.68 18.08 56.28
CA PRO B 94 53.84 17.32 57.20
C PRO B 94 52.82 18.17 57.97
N ASP B 95 51.64 17.62 58.24
CA ASP B 95 50.58 18.28 59.01
C ASP B 95 51.04 18.72 60.40
N ALA B 96 51.89 17.93 61.04
CA ALA B 96 52.48 18.24 62.33
C ALA B 96 53.23 19.58 62.31
N LEU B 97 54.10 19.81 61.33
CA LEU B 97 54.83 21.07 61.19
C LEU B 97 53.88 22.24 60.95
N ILE B 98 52.87 22.11 60.08
CA ILE B 98 51.90 23.18 59.85
C ILE B 98 51.17 23.54 61.15
N ALA B 99 50.86 22.56 61.99
CA ALA B 99 50.24 22.79 63.28
C ALA B 99 51.20 23.38 64.33
N ASP B 100 52.43 22.86 64.43
CA ASP B 100 53.41 23.23 65.45
C ASP B 100 54.03 24.61 65.22
N SER B 101 54.16 25.04 63.97
CA SER B 101 54.89 26.25 63.61
C SER B 101 54.25 27.51 64.18
N ASP B 102 55.05 28.38 64.79
CA ASP B 102 54.62 29.70 65.26
C ASP B 102 54.51 30.74 64.13
N LEU B 103 55.18 30.52 63.00
CA LEU B 103 55.16 31.36 61.80
C LEU B 103 54.37 30.62 60.69
N PRO B 104 53.48 31.28 59.93
CA PRO B 104 52.63 30.61 58.95
C PRO B 104 53.40 30.14 57.71
N LEU B 105 53.66 28.83 57.62
CA LEU B 105 54.60 28.25 56.65
C LEU B 105 54.22 28.43 55.18
N TRP B 106 52.92 28.36 54.85
CA TRP B 106 52.49 28.51 53.46
C TRP B 106 52.60 29.96 52.98
N ASP B 107 52.10 30.93 53.74
CA ASP B 107 52.22 32.33 53.34
C ASP B 107 53.66 32.86 53.42
N GLU B 108 54.56 32.19 54.14
CA GLU B 108 56.00 32.41 54.08
C GLU B 108 56.62 31.90 52.77
N VAL B 109 56.34 30.69 52.32
CA VAL B 109 57.03 30.13 51.13
C VAL B 109 56.62 30.79 49.83
N LYS B 110 55.37 31.26 49.70
CA LYS B 110 54.82 31.84 48.46
C LYS B 110 55.69 32.92 47.81
N PRO B 111 56.11 34.00 48.48
CA PRO B 111 56.97 35.01 47.86
C PRO B 111 58.33 34.48 47.40
N LEU B 112 58.88 33.43 48.02
CA LEU B 112 60.12 32.80 47.52
C LEU B 112 59.89 32.02 46.23
N LEU B 113 58.69 31.47 46.03
CA LEU B 113 58.35 30.76 44.80
C LEU B 113 58.15 31.71 43.62
N VAL B 114 57.51 32.86 43.81
CA VAL B 114 57.35 33.82 42.71
C VAL B 114 58.69 34.39 42.22
N GLU B 115 59.64 34.62 43.12
CA GLU B 115 61.00 35.01 42.76
C GLU B 115 61.77 33.89 42.05
N ALA B 116 61.61 32.63 42.47
CA ALA B 116 62.23 31.49 41.80
C ALA B 116 61.69 31.25 40.39
N ILE B 117 60.39 31.48 40.15
CA ILE B 117 59.78 31.44 38.81
C ILE B 117 60.32 32.57 37.93
N GLY B 118 60.37 33.80 38.46
CA GLY B 118 60.93 34.94 37.75
C GLY B 118 62.36 34.70 37.26
N LYS B 119 63.21 34.05 38.07
CA LYS B 119 64.57 33.68 37.68
C LYS B 119 64.62 32.78 36.45
N LYS B 120 63.70 31.81 36.31
CA LYS B 120 63.67 30.91 35.14
C LYS B 120 63.25 31.64 33.86
N VAL B 121 62.30 32.57 33.95
CA VAL B 121 61.88 33.41 32.82
C VAL B 121 63.05 34.25 32.30
N ASP B 122 63.78 34.93 33.18
CA ASP B 122 64.94 35.73 32.76
C ASP B 122 66.04 34.89 32.13
N ASP B 123 66.43 33.78 32.75
CA ASP B 123 67.47 32.90 32.24
C ASP B 123 67.13 32.28 30.88
N ALA B 124 65.85 31.99 30.63
CA ALA B 124 65.39 31.45 29.36
C ALA B 124 65.22 32.52 28.27
N GLY B 125 64.69 33.69 28.61
CA GLY B 125 64.45 34.76 27.64
C GLY B 125 65.69 35.58 27.30
N ILE B 126 66.64 35.75 28.23
CA ILE B 126 67.83 36.56 28.02
C ILE B 126 68.99 35.70 27.51
N PHE B 127 69.42 34.71 28.28
CA PHE B 127 70.55 33.84 27.93
C PHE B 127 70.18 32.59 27.14
N GLY B 128 68.95 32.08 27.30
CA GLY B 128 68.49 30.87 26.61
C GLY B 128 68.89 29.55 27.27
N ASN B 129 69.10 29.52 28.59
CA ASN B 129 69.35 28.28 29.34
C ASN B 129 68.03 27.60 29.71
N ASP B 130 67.95 26.28 29.54
CA ASP B 130 66.71 25.47 29.65
C ASP B 130 65.56 25.95 28.75
N LYS B 131 65.84 26.74 27.70
CA LYS B 131 64.80 27.41 26.91
C LYS B 131 63.86 26.38 26.27
N PRO B 132 62.53 26.55 26.36
CA PRO B 132 61.56 25.73 25.66
C PRO B 132 61.84 25.67 24.15
N ALA B 133 61.64 24.51 23.53
CA ALA B 133 61.86 24.32 22.09
C ALA B 133 60.87 25.08 21.20
N SER B 134 59.76 25.54 21.78
CA SER B 134 58.70 26.33 21.12
C SER B 134 59.03 27.82 20.97
N TRP B 135 59.93 28.36 21.80
CA TRP B 135 60.27 29.79 21.85
C TRP B 135 61.28 30.23 20.77
N PRO B 136 61.32 31.53 20.41
CA PRO B 136 62.37 32.11 19.56
C PRO B 136 63.78 31.94 20.14
N ALA B 137 64.81 32.39 19.44
CA ALA B 137 66.09 32.65 20.07
C ALA B 137 65.94 33.69 21.20
N ALA B 138 66.66 33.48 22.30
CA ALA B 138 66.78 34.40 23.42
C ALA B 138 67.50 35.70 23.00
N LEU B 139 67.40 36.78 23.78
CA LEU B 139 67.93 38.09 23.39
C LEU B 139 69.42 38.06 23.03
N ILE B 140 70.27 37.48 23.87
CA ILE B 140 71.72 37.45 23.64
C ILE B 140 72.10 36.56 22.44
N PRO B 141 71.64 35.29 22.33
CA PRO B 141 71.92 34.49 21.14
C PRO B 141 71.35 35.06 19.83
N GLY B 142 70.20 35.72 19.88
CA GLY B 142 69.62 36.42 18.72
C GLY B 142 70.43 37.62 18.26
N ALA B 143 70.90 38.48 19.18
CA ALA B 143 71.76 39.61 18.87
C ALA B 143 73.09 39.15 18.24
N ILE B 144 73.70 38.08 18.74
CA ILE B 144 74.91 37.50 18.15
C ILE B 144 74.64 36.98 16.73
N ALA B 145 73.51 36.32 16.48
CA ALA B 145 73.15 35.84 15.14
C ALA B 145 72.91 36.97 14.12
N ALA B 146 72.27 38.06 14.54
CA ALA B 146 72.03 39.25 13.70
C ALA B 146 73.31 40.08 13.44
N GLY B 147 74.39 39.84 14.17
CA GLY B 147 75.64 40.59 14.09
C GLY B 147 75.69 41.84 14.97
N ASN B 148 74.71 42.05 15.85
CA ASN B 148 74.68 43.13 16.84
C ASN B 148 75.56 42.81 18.05
N SER B 149 76.82 42.49 17.79
CA SER B 149 77.81 42.02 18.76
C SER B 149 79.09 42.87 18.68
N VAL B 150 79.56 43.33 19.83
CA VAL B 150 80.85 44.02 20.00
C VAL B 150 81.73 43.15 20.90
N THR B 151 82.93 42.80 20.46
CA THR B 151 83.90 42.10 21.32
C THR B 151 84.64 43.10 22.21
N LEU B 152 84.74 42.82 23.50
CA LEU B 152 85.38 43.69 24.50
C LEU B 152 86.85 44.01 24.15
N GLY B 153 87.22 45.28 24.23
CA GLY B 153 88.59 45.72 23.98
C GLY B 153 88.98 45.80 22.50
N THR B 154 87.99 45.84 21.60
CA THR B 154 88.23 46.17 20.19
C THR B 154 88.46 47.67 20.00
N GLY B 155 87.69 48.53 20.68
CA GLY B 155 88.00 49.94 20.89
C GLY B 155 89.02 50.19 22.03
N ASP B 156 89.31 51.45 22.30
CA ASP B 156 90.28 51.88 23.32
C ASP B 156 89.93 51.40 24.74
N ASP B 157 88.64 51.36 25.08
CA ASP B 157 88.10 50.95 26.37
C ASP B 157 86.62 50.61 26.25
N ILE B 158 86.05 49.93 27.26
CA ILE B 158 84.62 49.59 27.33
C ILE B 158 83.70 50.78 27.02
N GLY B 159 84.08 52.01 27.35
CA GLY B 159 83.25 53.19 27.13
C GLY B 159 83.00 53.52 25.67
N VAL B 160 83.83 53.05 24.74
CA VAL B 160 83.60 53.16 23.29
C VAL B 160 83.05 51.88 22.68
N ASP B 161 83.25 50.72 23.31
CA ASP B 161 82.56 49.49 22.93
C ASP B 161 81.05 49.63 23.17
N VAL B 162 80.63 50.28 24.25
CA VAL B 162 79.24 50.68 24.50
C VAL B 162 78.73 51.62 23.40
N ALA B 163 79.48 52.64 23.04
CA ALA B 163 79.10 53.57 21.98
C ALA B 163 78.98 52.88 20.61
N THR B 164 79.81 51.87 20.35
CA THR B 164 79.75 51.06 19.13
C THR B 164 78.45 50.25 19.07
N LEU B 165 78.03 49.64 20.17
CA LEU B 165 76.75 48.95 20.29
C LEU B 165 75.57 49.91 20.02
N GLY B 166 75.58 51.11 20.61
CA GLY B 166 74.52 52.10 20.38
C GLY B 166 74.39 52.50 18.91
N GLU B 167 75.50 52.73 18.22
CA GLU B 167 75.49 53.06 16.81
C GLU B 167 74.95 51.94 15.92
N GLN B 168 75.30 50.67 16.19
CA GLN B 168 74.74 49.53 15.45
C GLN B 168 73.21 49.45 15.52
N LEU B 169 72.60 49.69 16.68
CA LEU B 169 71.15 49.68 16.82
C LEU B 169 70.50 50.89 16.16
N ALA B 170 71.11 52.06 16.25
CA ALA B 170 70.61 53.25 15.56
C ALA B 170 70.67 53.10 14.04
N LEU B 171 71.65 52.37 13.50
CA LEU B 171 71.74 51.97 12.09
C LEU B 171 70.73 50.88 11.66
N ASP B 172 70.16 50.10 12.58
CA ASP B 172 69.03 49.19 12.30
C ASP B 172 67.67 49.91 12.36
N GLY B 173 67.59 51.01 13.09
CA GLY B 173 66.36 51.79 13.29
C GLY B 173 65.79 51.77 14.70
N PHE B 174 66.54 51.28 15.70
CA PHE B 174 66.09 51.17 17.08
C PHE B 174 66.87 52.10 18.02
N SER B 175 66.18 52.83 18.88
CA SER B 175 66.80 53.55 20.00
C SER B 175 66.96 52.65 21.22
N ILE B 176 68.14 52.64 21.85
CA ILE B 176 68.32 51.95 23.13
C ILE B 176 67.46 52.64 24.20
N ASN B 177 66.56 51.89 24.81
CA ASN B 177 65.65 52.36 25.86
C ASN B 177 66.26 52.21 27.25
N GLY B 178 67.14 51.22 27.42
CA GLY B 178 67.89 50.97 28.65
C GLY B 178 68.83 49.78 28.52
N PHE B 179 69.70 49.59 29.49
CA PHE B 179 70.73 48.55 29.52
C PHE B 179 70.51 47.54 30.66
N ILE B 180 70.96 46.30 30.48
CA ILE B 180 71.10 45.29 31.55
C ILE B 180 72.50 44.68 31.50
N SER B 181 73.08 44.30 32.64
CA SER B 181 74.50 43.93 32.71
C SER B 181 74.86 42.94 33.82
N ARG B 182 76.11 42.46 33.78
CA ARG B 182 76.72 41.71 34.89
C ARG B 182 76.68 42.49 36.23
N PRO B 183 76.66 41.81 37.39
CA PRO B 183 76.82 42.45 38.69
C PRO B 183 78.14 43.21 38.82
N GLY B 184 78.09 44.39 39.42
CA GLY B 184 79.28 45.21 39.68
C GLY B 184 79.87 45.93 38.46
N LEU B 185 79.13 46.06 37.35
CA LEU B 185 79.64 46.76 36.18
C LEU B 185 79.81 48.27 36.46
N HIS B 186 78.87 48.92 37.14
CA HIS B 186 78.94 50.36 37.35
C HIS B 186 80.15 50.77 38.19
N TRP B 187 80.42 50.02 39.27
CA TRP B 187 81.65 50.15 40.05
C TRP B 187 82.91 49.81 39.27
N SER B 188 82.83 49.06 38.17
CA SER B 188 83.97 48.81 37.31
C SER B 188 84.23 49.93 36.31
N LEU B 189 83.21 50.68 35.89
CA LEU B 189 83.37 51.83 34.99
C LEU B 189 84.06 53.01 35.68
N VAL B 190 83.65 53.35 36.90
CA VAL B 190 84.25 54.47 37.66
C VAL B 190 85.69 54.19 38.11
N GLY B 191 86.16 52.95 37.98
CA GLY B 191 87.54 52.52 38.21
C GLY B 191 88.41 52.51 36.95
N LEU B 192 87.89 52.86 35.78
CA LEU B 192 88.66 52.91 34.55
C LEU B 192 89.61 54.10 34.54
N ARG B 193 90.84 53.90 34.08
CA ARG B 193 91.87 54.93 33.91
C ARG B 193 92.58 54.73 32.57
N ASN B 194 92.92 55.80 31.87
CA ASN B 194 93.82 55.71 30.71
C ASN B 194 95.28 55.55 31.19
N ALA B 195 96.24 55.43 30.27
CA ALA B 195 97.65 55.25 30.63
C ALA B 195 98.29 56.45 31.35
N GLN B 196 97.71 57.65 31.26
CA GLN B 196 98.10 58.83 32.04
C GLN B 196 97.55 58.81 33.47
N GLY B 197 96.67 57.87 33.81
CA GLY B 197 95.97 57.82 35.10
C GLY B 197 94.75 58.74 35.19
N GLN B 198 94.25 59.25 34.07
CA GLN B 198 93.05 60.09 34.03
C GLN B 198 91.78 59.22 34.01
N PRO B 199 90.71 59.57 34.74
CA PRO B 199 89.41 58.91 34.63
C PRO B 199 88.84 58.96 33.21
N ILE B 200 88.22 57.87 32.73
CA ILE B 200 87.65 57.79 31.34
C ILE B 200 86.17 57.44 31.44
N TYR B 201 85.45 57.97 32.45
CA TYR B 201 83.98 57.78 32.60
C TYR B 201 83.42 59.10 33.16
N THR B 202 82.14 59.41 32.95
CA THR B 202 81.52 60.73 33.29
C THR B 202 81.36 61.08 34.78
N PRO B 203 80.71 60.29 35.68
CA PRO B 203 80.39 60.74 37.04
C PRO B 203 81.65 61.02 37.88
N THR B 215 69.80 56.32 41.38
CA THR B 215 69.92 55.04 40.66
C THR B 215 71.09 55.04 39.67
N PRO B 216 71.67 53.86 39.36
CA PRO B 216 72.82 53.77 38.46
C PRO B 216 72.40 54.05 37.01
N ALA B 217 73.28 54.70 36.26
CA ALA B 217 73.03 55.04 34.86
C ALA B 217 74.29 55.00 34.01
N LEU B 218 74.12 54.66 32.73
CA LEU B 218 75.18 54.54 31.73
C LEU B 218 74.92 55.52 30.59
N TYR B 219 75.76 56.54 30.43
CA TYR B 219 75.56 57.63 29.46
C TYR B 219 74.16 58.27 29.48
N GLY B 220 73.56 58.38 30.66
CA GLY B 220 72.21 58.93 30.85
C GLY B 220 71.06 57.94 30.66
N PHE B 221 71.32 56.71 30.23
CA PHE B 221 70.32 55.65 30.13
C PHE B 221 70.23 54.81 31.42
N PRO B 222 69.03 54.30 31.76
CA PRO B 222 68.86 53.41 32.90
C PRO B 222 69.67 52.12 32.73
N LEU B 223 70.47 51.79 33.73
CA LEU B 223 71.25 50.56 33.80
C LEU B 223 70.70 49.67 34.90
N ASN B 224 70.44 48.40 34.63
CA ASN B 224 70.07 47.43 35.67
C ASN B 224 71.11 46.33 35.76
N GLU B 225 71.89 46.30 36.84
CA GLU B 225 72.76 45.17 37.12
C GLU B 225 71.90 43.97 37.54
N VAL B 226 72.13 42.80 36.94
CA VAL B 226 71.29 41.61 37.13
C VAL B 226 71.79 40.77 38.30
N THR B 227 71.32 41.06 39.51
CA THR B 227 71.81 40.50 40.78
C THR B 227 71.24 39.14 41.18
N SER B 228 70.24 38.63 40.45
CA SER B 228 69.52 37.38 40.72
C SER B 228 70.29 36.08 40.51
N GLY B 229 71.54 36.12 40.04
CA GLY B 229 72.36 34.93 39.75
C GLY B 229 72.19 34.33 38.35
N VAL B 230 71.29 34.84 37.51
CA VAL B 230 71.10 34.33 36.14
C VAL B 230 72.26 34.62 35.20
N TRP B 231 72.97 35.75 35.40
CA TRP B 231 73.94 36.27 34.44
C TRP B 231 75.19 35.39 34.31
N ASP B 232 75.66 35.13 33.09
CA ASP B 232 76.95 34.48 32.86
C ASP B 232 77.98 35.45 32.27
N ALA B 233 78.90 35.92 33.12
CA ALA B 233 79.94 36.87 32.75
C ALA B 233 80.94 36.30 31.73
N ASP B 234 80.97 34.98 31.52
CA ASP B 234 81.80 34.35 30.49
C ASP B 234 81.11 34.36 29.11
N GLU B 235 79.82 34.69 29.05
CA GLU B 235 79.05 34.83 27.81
C GLU B 235 78.88 36.30 27.38
N ALA B 236 78.54 37.20 28.30
CA ALA B 236 78.27 38.59 27.98
C ALA B 236 78.60 39.55 29.14
N ILE B 237 78.89 40.81 28.84
CA ILE B 237 79.07 41.88 29.83
C ILE B 237 77.82 42.76 29.92
N LEU B 238 77.24 43.13 28.78
CA LEU B 238 76.17 44.11 28.65
C LEU B 238 75.22 43.72 27.51
N LEU B 239 73.95 43.99 27.69
CA LEU B 239 72.92 43.95 26.67
C LEU B 239 72.21 45.30 26.66
N GLY B 240 72.12 45.96 25.51
CA GLY B 240 71.25 47.11 25.29
C GLY B 240 70.09 46.77 24.36
N ALA B 241 68.93 47.37 24.52
CA ALA B 241 67.75 47.05 23.69
C ALA B 241 66.69 48.16 23.59
N ASP B 242 65.80 48.09 22.59
CA ASP B 242 64.50 48.75 22.66
C ASP B 242 63.47 47.86 23.36
N TRP B 243 63.30 48.00 24.67
CA TRP B 243 62.48 47.09 25.49
C TRP B 243 61.00 47.03 25.13
N SER B 244 60.44 47.99 24.38
CA SER B 244 59.08 47.88 23.83
C SER B 244 58.95 46.79 22.73
N LYS B 245 60.06 46.38 22.11
CA LYS B 245 60.11 45.31 21.10
C LYS B 245 60.24 43.91 21.70
N VAL B 246 60.34 43.80 23.02
CA VAL B 246 60.37 42.54 23.75
C VAL B 246 59.03 42.40 24.45
N VAL B 247 58.31 41.30 24.21
CA VAL B 247 56.96 41.08 24.75
C VAL B 247 56.86 39.75 25.52
N ILE B 248 56.21 39.79 26.67
CA ILE B 248 55.87 38.65 27.52
C ILE B 248 54.36 38.46 27.51
N GLY B 249 53.90 37.26 27.16
CA GLY B 249 52.51 36.86 27.22
C GLY B 249 52.20 36.11 28.51
N ILE B 250 51.31 36.62 29.34
CA ILE B 250 50.88 35.98 30.59
C ILE B 250 49.61 35.18 30.31
N ARG B 251 49.75 33.88 30.06
CA ARG B 251 48.61 32.98 29.79
C ARG B 251 47.86 32.65 31.09
N GLN B 252 48.57 32.42 32.18
CA GLN B 252 48.01 32.15 33.50
C GLN B 252 48.93 32.72 34.56
N ASP B 253 48.41 33.66 35.35
CA ASP B 253 49.14 34.29 36.46
C ASP B 253 49.48 33.27 37.57
N ILE B 254 50.50 33.52 38.38
CA ILE B 254 51.03 32.55 39.36
C ILE B 254 49.89 32.04 40.25
N THR B 255 49.59 30.75 40.11
CA THR B 255 48.46 30.07 40.75
C THR B 255 48.97 29.10 41.80
N PHE B 256 48.41 29.13 43.01
CA PHE B 256 48.71 28.19 44.09
C PHE B 256 47.53 27.25 44.38
N ASP B 257 47.74 25.94 44.36
CA ASP B 257 46.79 24.90 44.78
C ASP B 257 47.34 24.12 45.97
N LEU B 258 46.52 23.87 46.99
CA LEU B 258 46.85 23.10 48.18
C LEU B 258 46.17 21.72 48.14
N PHE B 259 46.91 20.64 48.38
CA PHE B 259 46.44 19.26 48.30
C PHE B 259 46.76 18.44 49.53
N SER B 260 45.90 17.49 49.88
CA SER B 260 45.97 16.68 51.09
C SER B 260 45.67 15.21 50.84
N GLU B 261 45.18 14.85 49.66
CA GLU B 261 45.01 13.49 49.19
C GLU B 261 45.99 13.21 48.04
N GLY B 262 46.28 11.96 47.75
CA GLY B 262 47.12 11.60 46.61
C GLY B 262 48.59 11.39 46.93
N VAL B 263 49.42 11.47 45.91
CA VAL B 263 50.73 10.82 45.85
C VAL B 263 51.75 11.73 45.18
N ILE B 264 52.98 11.70 45.65
CA ILE B 264 54.16 12.11 44.88
C ILE B 264 54.77 10.82 44.33
N SER B 265 55.09 10.77 43.05
CA SER B 265 55.57 9.56 42.38
C SER B 265 56.78 9.79 41.48
N ASP B 266 57.58 8.76 41.39
CA ASP B 266 58.79 8.63 40.57
C ASP B 266 58.45 8.59 39.07
N SER B 267 59.42 8.80 38.18
CA SER B 267 59.21 8.64 36.73
C SER B 267 58.94 7.18 36.34
N ASP B 268 59.47 6.23 37.11
CA ASP B 268 59.15 4.80 37.04
C ASP B 268 57.77 4.43 37.64
N GLY B 269 57.00 5.37 38.19
CA GLY B 269 55.67 5.12 38.75
C GLY B 269 55.65 4.49 40.16
N LYS B 270 56.80 4.48 40.86
CA LYS B 270 56.89 4.17 42.29
C LYS B 270 56.37 5.33 43.14
N VAL B 271 55.67 5.07 44.25
CA VAL B 271 55.25 6.10 45.22
C VAL B 271 56.41 6.50 46.12
N VAL B 272 56.66 7.80 46.28
CA VAL B 272 57.72 8.34 47.17
C VAL B 272 57.18 9.11 48.37
N LEU B 273 55.96 9.65 48.31
CA LEU B 273 55.25 10.22 49.44
C LEU B 273 53.75 10.07 49.21
N ASN B 274 53.03 9.44 50.12
CA ASN B 274 51.57 9.38 50.11
C ASN B 274 51.01 10.42 51.08
N LEU B 275 50.29 11.42 50.60
CA LEU B 275 49.86 12.55 51.41
C LEU B 275 48.85 12.13 52.47
N MET B 276 47.93 11.21 52.14
CA MET B 276 46.93 10.69 53.08
C MET B 276 47.57 9.83 54.17
N GLN B 277 48.36 8.83 53.75
CA GLN B 277 48.90 7.80 54.65
C GLN B 277 50.16 8.25 55.41
N GLN B 278 50.78 9.36 55.04
CA GLN B 278 51.91 9.97 55.75
C GLN B 278 51.57 11.35 56.31
N ASP B 279 50.30 11.62 56.59
CA ASP B 279 49.82 12.80 57.31
C ASP B 279 50.45 14.12 56.84
N SER B 280 50.35 14.41 55.53
CA SER B 280 51.05 15.52 54.89
C SER B 280 50.17 16.25 53.88
N LYS B 281 50.52 17.50 53.59
CA LYS B 281 49.93 18.31 52.53
C LYS B 281 51.01 18.74 51.57
N ALA B 282 50.65 19.09 50.35
CA ALA B 282 51.57 19.66 49.38
C ALA B 282 50.97 20.88 48.70
N LEU B 283 51.79 21.90 48.50
CA LEU B 283 51.45 23.11 47.76
C LEU B 283 52.02 23.00 46.35
N ARG B 284 51.18 23.16 45.34
CA ARG B 284 51.58 23.23 43.93
C ARG B 284 51.50 24.66 43.43
N VAL B 285 52.57 25.17 42.84
CA VAL B 285 52.59 26.49 42.18
C VAL B 285 52.69 26.29 40.68
N VAL B 286 51.90 27.01 39.90
CA VAL B 286 51.86 26.92 38.42
C VAL B 286 51.84 28.30 37.79
N PHE B 287 52.60 28.47 36.70
CA PHE B 287 52.64 29.69 35.89
C PHE B 287 52.66 29.32 34.40
N ARG B 288 51.87 29.97 33.55
CA ARG B 288 51.96 29.80 32.08
C ARG B 288 52.34 31.11 31.40
N VAL B 289 53.41 31.09 30.62
CA VAL B 289 54.05 32.29 30.07
C VAL B 289 54.60 32.05 28.67
N GLY B 290 54.50 33.03 27.78
CA GLY B 290 55.07 33.04 26.44
C GLY B 290 55.99 34.23 26.23
N PHE B 291 56.94 34.13 25.31
CA PHE B 291 57.93 35.17 25.02
C PHE B 291 58.08 35.37 23.51
N GLN B 292 58.21 36.64 23.07
CA GLN B 292 58.54 36.97 21.68
C GLN B 292 59.39 38.24 21.60
N VAL B 293 60.28 38.33 20.60
CA VAL B 293 60.95 39.57 20.18
C VAL B 293 60.41 39.95 18.81
N ALA B 294 59.92 41.17 18.65
CA ALA B 294 59.36 41.67 17.40
C ALA B 294 60.37 42.57 16.67
N ASN B 295 60.74 42.25 15.44
CA ASN B 295 61.56 43.12 14.58
C ASN B 295 60.80 43.55 13.32
N PRO B 296 59.81 44.48 13.41
CA PRO B 296 59.07 44.97 12.25
C PRO B 296 59.99 45.66 11.23
N MET B 297 59.53 45.88 9.99
CA MET B 297 60.38 46.51 8.97
C MET B 297 60.69 47.96 9.30
N THR B 298 61.93 48.38 9.06
CA THR B 298 62.41 49.77 9.16
C THR B 298 62.97 50.21 7.81
N ARG B 299 62.87 51.50 7.46
CA ARG B 299 63.48 52.03 6.24
C ARG B 299 65.01 51.95 6.25
N LEU B 300 65.64 52.04 7.42
CA LEU B 300 67.09 51.96 7.55
C LEU B 300 67.65 50.55 7.28
N ASN B 301 66.97 49.49 7.70
CA ASN B 301 67.45 48.13 7.46
C ASN B 301 66.31 47.19 7.03
N PRO B 302 66.03 47.04 5.72
CA PRO B 302 64.98 46.15 5.24
C PRO B 302 65.34 44.65 5.30
N ASN B 303 66.50 44.23 5.82
CA ASN B 303 66.92 42.83 5.85
C ASN B 303 66.66 42.17 7.23
N GLU B 304 65.76 41.20 7.30
CA GLU B 304 65.47 40.46 8.54
C GLU B 304 66.67 39.66 9.06
N ALA B 305 67.60 39.26 8.20
CA ALA B 305 68.76 38.48 8.62
C ALA B 305 69.70 39.27 9.53
N THR B 306 69.62 40.62 9.55
CA THR B 306 70.56 41.49 10.28
C THR B 306 69.90 42.59 11.11
N ARG B 307 68.63 42.93 10.90
CA ARG B 307 67.92 43.91 11.72
C ARG B 307 67.48 43.30 13.05
N TYR B 308 68.01 43.74 14.19
CA TYR B 308 67.57 43.19 15.48
C TYR B 308 67.44 44.25 16.61
N PRO B 309 66.45 44.19 17.50
CA PRO B 309 66.18 45.27 18.46
C PRO B 309 67.12 45.36 19.66
N ALA B 310 68.11 44.48 19.76
CA ALA B 310 69.07 44.42 20.85
C ALA B 310 70.50 44.18 20.39
N GLY B 311 71.47 44.52 21.22
CA GLY B 311 72.89 44.33 20.93
C GLY B 311 73.70 44.05 22.20
N VAL B 312 74.82 43.35 22.06
CA VAL B 312 75.63 42.84 23.18
C VAL B 312 77.09 43.22 23.14
N ILE B 313 77.71 43.32 24.32
CA ILE B 313 79.17 43.25 24.46
C ILE B 313 79.53 41.87 25.01
N ILE B 314 80.48 41.19 24.37
CA ILE B 314 80.92 39.83 24.70
C ILE B 314 82.42 39.81 25.04
N PRO B 315 82.91 38.90 25.91
CA PRO B 315 84.32 38.84 26.31
C PRO B 315 85.29 38.54 25.16
N ALA B 316 86.56 38.86 25.36
CA ALA B 316 87.64 38.65 24.39
C ALA B 316 87.82 37.18 23.97
N ALA C 1 -15.38 -65.18 60.85
CA ALA C 1 -14.04 -65.73 61.07
C ALA C 1 -13.01 -65.08 60.15
N GLY C 2 -11.75 -65.05 60.57
CA GLY C 2 -10.64 -64.36 59.87
C GLY C 2 -10.79 -62.84 59.82
N PHE C 3 -10.04 -62.19 58.95
CA PHE C 3 -9.99 -60.73 58.82
C PHE C 3 -10.33 -60.21 57.41
N ALA C 4 -10.39 -61.08 56.40
CA ALA C 4 -10.51 -60.73 54.99
C ALA C 4 -11.93 -60.40 54.49
N ASN C 5 -12.95 -60.42 55.34
CA ASN C 5 -14.33 -60.16 54.93
C ASN C 5 -14.59 -58.67 54.68
N ILE C 6 -15.22 -58.33 53.57
CA ILE C 6 -15.69 -56.97 53.24
C ILE C 6 -16.93 -57.06 52.34
N GLN C 7 -17.84 -56.09 52.42
CA GLN C 7 -19.07 -56.09 51.67
C GLN C 7 -18.82 -55.83 50.18
N GLY C 8 -18.93 -56.85 49.33
CA GLY C 8 -18.74 -56.73 47.89
C GLY C 8 -19.97 -56.23 47.14
N ARG C 9 -19.81 -55.83 45.88
CA ARG C 9 -20.92 -55.43 45.00
C ARG C 9 -21.81 -56.62 44.57
N ALA C 10 -21.24 -57.82 44.50
CA ALA C 10 -21.93 -59.08 44.22
C ALA C 10 -22.76 -59.64 45.40
N ASP C 11 -22.57 -59.12 46.62
CA ASP C 11 -23.25 -59.60 47.83
C ASP C 11 -24.67 -59.05 47.96
N LEU C 12 -24.95 -57.91 47.33
CA LEU C 12 -26.26 -57.26 47.25
C LEU C 12 -27.18 -57.94 46.23
N SER C 13 -28.49 -57.75 46.35
CA SER C 13 -29.42 -58.13 45.27
C SER C 13 -29.18 -57.29 44.02
N ASP C 14 -29.80 -57.67 42.90
CA ASP C 14 -29.86 -56.84 41.70
C ASP C 14 -31.03 -55.83 41.73
N VAL C 15 -31.94 -55.94 42.71
CA VAL C 15 -33.09 -55.06 42.92
C VAL C 15 -32.66 -53.79 43.63
N HIS C 16 -31.83 -53.94 44.66
CA HIS C 16 -30.92 -52.92 45.15
C HIS C 16 -29.76 -52.74 44.17
N LEU C 17 -29.02 -51.64 44.24
CA LEU C 17 -28.07 -51.26 43.19
C LEU C 17 -28.68 -51.29 41.76
N PRO C 18 -29.82 -50.64 41.49
CA PRO C 18 -30.42 -50.62 40.17
C PRO C 18 -29.72 -49.64 39.24
N ASP C 19 -29.73 -49.89 37.93
CA ASP C 19 -29.33 -48.91 36.92
C ASP C 19 -30.34 -47.76 36.90
N GLN C 20 -29.88 -46.53 36.73
CA GLN C 20 -30.78 -45.39 36.52
C GLN C 20 -31.33 -45.45 35.08
N VAL C 21 -32.65 -45.30 34.90
CA VAL C 21 -33.28 -45.34 33.57
C VAL C 21 -33.67 -43.95 33.10
N ILE C 22 -33.38 -43.64 31.84
CA ILE C 22 -33.83 -42.42 31.17
C ILE C 22 -35.01 -42.78 30.28
N LYS C 23 -36.17 -42.12 30.47
CA LYS C 23 -37.45 -42.55 29.89
C LYS C 23 -37.57 -42.31 28.39
N ASP C 24 -37.05 -41.19 27.91
CA ASP C 24 -37.13 -40.77 26.50
C ASP C 24 -36.28 -41.63 25.58
N VAL C 25 -36.85 -42.12 24.48
CA VAL C 25 -36.10 -42.85 23.46
C VAL C 25 -35.13 -41.89 22.76
N LEU C 26 -33.89 -42.32 22.57
CA LEU C 26 -32.91 -41.64 21.73
C LEU C 26 -33.25 -41.82 20.26
N GLN C 27 -33.69 -40.76 19.60
CA GLN C 27 -34.09 -40.77 18.19
C GLN C 27 -33.95 -39.39 17.52
N THR C 28 -33.77 -39.38 16.20
CA THR C 28 -34.00 -38.18 15.37
C THR C 28 -35.47 -38.11 14.91
N ALA C 29 -35.97 -36.91 14.61
CA ALA C 29 -37.34 -36.70 14.12
C ALA C 29 -37.55 -37.23 12.68
N PRO C 30 -38.78 -37.58 12.27
CA PRO C 30 -39.07 -38.09 10.93
C PRO C 30 -38.88 -37.02 9.83
N GLU C 31 -38.46 -37.44 8.65
CA GLU C 31 -38.21 -36.52 7.53
C GLU C 31 -39.42 -36.41 6.59
N ALA C 32 -39.80 -35.18 6.24
CA ALA C 32 -40.88 -34.91 5.30
C ALA C 32 -40.51 -35.29 3.85
N SER C 33 -41.50 -35.75 3.08
CA SER C 33 -41.33 -36.00 1.65
C SER C 33 -41.04 -34.71 0.89
N VAL C 34 -40.21 -34.81 -0.13
CA VAL C 34 -39.99 -33.76 -1.11
C VAL C 34 -41.24 -33.53 -1.94
N LEU C 35 -41.75 -34.54 -2.67
CA LEU C 35 -42.83 -34.32 -3.63
C LEU C 35 -44.15 -33.93 -2.97
N LEU C 36 -44.50 -34.47 -1.81
CA LEU C 36 -45.74 -34.07 -1.14
C LEU C 36 -45.70 -32.62 -0.63
N ASN C 37 -44.57 -31.90 -0.72
CA ASN C 37 -44.43 -30.50 -0.32
C ASN C 37 -44.06 -29.56 -1.47
N ARG C 38 -43.09 -29.92 -2.33
CA ARG C 38 -42.65 -29.10 -3.50
C ARG C 38 -43.72 -29.11 -4.61
N ALA C 39 -44.30 -30.27 -4.92
CA ALA C 39 -45.25 -30.40 -6.02
C ALA C 39 -46.63 -29.83 -5.66
N ARG C 40 -47.38 -29.39 -6.66
CA ARG C 40 -48.75 -28.89 -6.53
C ARG C 40 -49.71 -30.05 -6.34
N LYS C 41 -50.60 -30.01 -5.35
CA LYS C 41 -51.48 -31.13 -4.99
C LYS C 41 -52.91 -30.91 -5.48
N VAL C 42 -53.48 -31.92 -6.15
CA VAL C 42 -54.87 -31.95 -6.64
C VAL C 42 -55.60 -33.18 -6.12
N ARG C 43 -56.90 -33.05 -5.85
CA ARG C 43 -57.75 -34.19 -5.48
C ARG C 43 -58.22 -34.94 -6.72
N MET C 44 -57.93 -36.23 -6.79
CA MET C 44 -58.47 -37.13 -7.81
C MET C 44 -59.80 -37.75 -7.36
N SER C 45 -60.78 -37.87 -8.26
CA SER C 45 -62.09 -38.49 -7.99
C SER C 45 -62.37 -39.76 -8.80
N SER C 46 -61.36 -40.30 -9.46
CA SER C 46 -61.37 -41.55 -10.20
C SER C 46 -59.95 -42.09 -10.25
N LYS C 47 -59.76 -43.35 -10.66
CA LYS C 47 -58.42 -43.91 -10.89
C LYS C 47 -57.64 -43.15 -11.95
N LYS C 48 -58.32 -42.46 -12.87
CA LYS C 48 -57.69 -41.73 -13.96
C LYS C 48 -58.27 -40.34 -14.17
N THR C 49 -57.46 -39.46 -14.74
CA THR C 49 -57.82 -38.08 -15.09
C THR C 49 -57.34 -37.76 -16.50
N LYS C 50 -58.08 -36.92 -17.24
CA LYS C 50 -57.83 -36.51 -18.63
C LYS C 50 -57.86 -34.99 -18.77
N GLN C 51 -56.95 -34.43 -19.55
CA GLN C 51 -56.92 -33.01 -19.89
C GLN C 51 -56.56 -32.79 -21.36
N PRO C 52 -57.23 -31.86 -22.08
CA PRO C 52 -56.86 -31.44 -23.42
C PRO C 52 -55.67 -30.48 -23.42
N VAL C 53 -54.83 -30.56 -24.44
CA VAL C 53 -53.63 -29.73 -24.60
C VAL C 53 -53.56 -29.16 -26.02
N LEU C 54 -53.17 -27.90 -26.18
CA LEU C 54 -52.91 -27.33 -27.50
C LEU C 54 -51.62 -27.92 -28.07
N ALA C 55 -51.63 -28.43 -29.30
CA ALA C 55 -50.55 -29.24 -29.84
C ALA C 55 -49.96 -28.74 -31.17
N SER C 56 -50.42 -27.61 -31.69
CA SER C 56 -49.89 -26.90 -32.86
C SER C 56 -50.38 -25.46 -32.88
N LEU C 57 -49.86 -24.64 -33.80
CA LEU C 57 -50.26 -23.27 -34.05
C LEU C 57 -50.53 -23.03 -35.55
N PRO C 58 -51.45 -22.12 -35.93
CA PRO C 58 -51.71 -21.76 -37.32
C PRO C 58 -50.61 -20.88 -37.92
N ASP C 59 -50.50 -20.86 -39.25
CA ASP C 59 -49.62 -19.98 -40.02
C ASP C 59 -50.32 -18.69 -40.49
N ALA C 60 -49.57 -17.81 -41.13
CA ALA C 60 -50.06 -16.77 -42.02
C ALA C 60 -49.06 -16.61 -43.18
N TYR C 61 -49.47 -16.03 -44.31
CA TYR C 61 -48.63 -15.95 -45.50
C TYR C 61 -48.78 -14.60 -46.22
N TRP C 62 -47.73 -14.15 -46.90
CA TRP C 62 -47.74 -12.94 -47.71
C TRP C 62 -48.49 -13.13 -49.03
N VAL C 63 -49.38 -12.21 -49.38
CA VAL C 63 -50.14 -12.22 -50.63
C VAL C 63 -49.37 -11.49 -51.73
N ASP C 64 -49.25 -12.09 -52.92
CA ASP C 64 -48.50 -11.54 -54.05
C ASP C 64 -49.33 -10.57 -54.92
N GLY C 65 -49.50 -9.34 -54.47
CA GLY C 65 -50.26 -8.28 -55.16
C GLY C 65 -51.70 -8.10 -54.68
N ASP C 66 -52.47 -7.29 -55.41
CA ASP C 66 -53.86 -6.94 -55.08
C ASP C 66 -54.87 -8.08 -55.30
N THR C 67 -54.55 -9.02 -56.18
CA THR C 67 -55.33 -10.24 -56.46
C THR C 67 -54.44 -11.48 -56.39
N GLY C 68 -53.57 -11.57 -55.37
CA GLY C 68 -52.81 -12.79 -55.12
C GLY C 68 -53.67 -13.84 -54.43
N LEU C 69 -53.44 -15.12 -54.73
CA LEU C 69 -54.26 -16.23 -54.21
C LEU C 69 -53.90 -16.57 -52.75
N LYS C 70 -54.82 -16.35 -51.81
CA LYS C 70 -54.64 -16.60 -50.37
C LYS C 70 -54.57 -18.10 -50.03
N GLN C 71 -53.88 -18.45 -48.95
CA GLN C 71 -53.61 -19.83 -48.52
C GLN C 71 -54.39 -20.28 -47.28
N THR C 72 -54.33 -21.56 -46.95
CA THR C 72 -55.10 -22.20 -45.85
C THR C 72 -54.24 -22.77 -44.72
N THR C 73 -54.77 -22.81 -43.50
CA THR C 73 -54.10 -23.41 -42.33
C THR C 73 -55.07 -24.08 -41.33
N LYS C 74 -54.55 -24.96 -40.46
CA LYS C 74 -55.31 -25.64 -39.40
C LYS C 74 -54.56 -25.69 -38.08
N ASN C 75 -55.33 -25.78 -37.00
CA ASN C 75 -54.89 -25.96 -35.62
C ASN C 75 -55.13 -27.41 -35.12
N ILE C 76 -54.46 -27.86 -34.04
CA ILE C 76 -54.55 -29.23 -33.51
C ILE C 76 -54.50 -29.22 -31.97
N TRP C 77 -55.15 -30.21 -31.34
CA TRP C 77 -55.08 -30.52 -29.91
C TRP C 77 -54.78 -32.01 -29.68
N SER C 78 -54.37 -32.36 -28.46
CA SER C 78 -54.08 -33.73 -28.00
C SER C 78 -54.52 -33.95 -26.54
N ASN C 79 -54.44 -35.17 -26.02
CA ASN C 79 -54.74 -35.50 -24.62
C ASN C 79 -53.50 -35.73 -23.75
N VAL C 80 -53.63 -35.51 -22.45
CA VAL C 80 -52.66 -35.87 -21.40
C VAL C 80 -53.38 -36.47 -20.18
N PHE C 81 -52.74 -37.37 -19.44
CA PHE C 81 -53.38 -38.19 -18.41
C PHE C 81 -52.64 -38.22 -17.06
N MET C 82 -53.33 -38.63 -15.99
CA MET C 82 -52.76 -38.97 -14.69
C MET C 82 -53.42 -40.24 -14.14
N THR C 83 -52.64 -41.20 -13.61
CA THR C 83 -53.16 -42.49 -13.08
C THR C 83 -52.79 -42.66 -11.61
N ALA C 84 -53.78 -42.92 -10.74
CA ALA C 84 -53.55 -43.23 -9.33
C ALA C 84 -53.05 -44.66 -9.12
N GLU C 85 -52.11 -44.82 -8.18
CA GLU C 85 -51.51 -46.10 -7.78
C GLU C 85 -51.51 -46.22 -6.26
N GLU C 86 -51.34 -47.42 -5.74
CA GLU C 86 -51.54 -47.71 -4.32
C GLU C 86 -50.28 -48.22 -3.66
N LEU C 87 -49.97 -47.70 -2.47
CA LEU C 87 -49.02 -48.34 -1.57
C LEU C 87 -49.59 -48.50 -0.17
N ALA C 88 -49.18 -49.58 0.48
CA ALA C 88 -49.77 -50.10 1.69
C ALA C 88 -48.82 -51.04 2.43
N VAL C 89 -49.05 -51.27 3.72
CA VAL C 89 -48.31 -52.27 4.52
C VAL C 89 -49.13 -52.69 5.73
N ILE C 90 -48.79 -53.85 6.32
CA ILE C 90 -49.39 -54.39 7.54
C ILE C 90 -48.32 -54.58 8.64
N VAL C 91 -48.62 -54.27 9.89
CA VAL C 91 -47.75 -54.55 11.04
C VAL C 91 -48.54 -55.32 12.12
N PRO C 92 -48.32 -56.64 12.27
CA PRO C 92 -48.98 -57.47 13.27
C PRO C 92 -48.23 -57.54 14.60
N ILE C 93 -48.92 -57.51 15.73
CA ILE C 93 -48.33 -57.58 17.07
C ILE C 93 -49.12 -58.55 17.99
N PRO C 94 -48.46 -59.42 18.76
CA PRO C 94 -49.11 -60.23 19.79
C PRO C 94 -49.79 -59.38 20.86
N ASP C 95 -51.03 -59.73 21.18
CA ASP C 95 -51.89 -58.96 22.07
C ASP C 95 -51.35 -58.90 23.51
N ALA C 96 -50.62 -59.95 23.94
CA ALA C 96 -49.90 -59.99 25.20
C ALA C 96 -48.80 -58.91 25.27
N LEU C 97 -48.00 -58.78 24.20
CA LEU C 97 -46.92 -57.80 24.09
C LEU C 97 -47.47 -56.37 24.06
N ILE C 98 -48.64 -56.14 23.44
CA ILE C 98 -49.32 -54.84 23.52
C ILE C 98 -49.68 -54.48 24.96
N ALA C 99 -50.06 -55.45 25.79
CA ALA C 99 -50.46 -55.20 27.17
C ALA C 99 -49.28 -55.04 28.14
N ASP C 100 -48.24 -55.87 27.99
CA ASP C 100 -47.06 -55.87 28.86
C ASP C 100 -46.11 -54.67 28.63
N SER C 101 -46.07 -54.12 27.42
CA SER C 101 -45.23 -52.96 27.08
C SER C 101 -45.70 -51.67 27.75
N ASP C 102 -44.79 -50.92 28.37
CA ASP C 102 -45.05 -49.55 28.85
C ASP C 102 -45.08 -48.50 27.72
N LEU C 103 -44.41 -48.80 26.59
CA LEU C 103 -44.43 -48.02 25.36
C LEU C 103 -45.71 -48.33 24.54
N PRO C 104 -46.53 -47.35 24.14
CA PRO C 104 -47.82 -47.57 23.48
C PRO C 104 -47.68 -47.81 21.97
N LEU C 105 -47.31 -49.03 21.59
CA LEU C 105 -46.75 -49.35 20.28
C LEU C 105 -47.54 -48.92 19.04
N TRP C 106 -48.88 -48.87 19.05
CA TRP C 106 -49.64 -48.39 17.88
C TRP C 106 -49.37 -46.90 17.59
N ASP C 107 -49.43 -46.06 18.61
CA ASP C 107 -49.14 -44.63 18.47
C ASP C 107 -47.68 -44.35 18.15
N GLU C 108 -46.76 -45.24 18.53
CA GLU C 108 -45.36 -45.12 18.19
C GLU C 108 -45.04 -45.57 16.75
N VAL C 109 -45.74 -46.54 16.17
CA VAL C 109 -45.49 -46.97 14.79
C VAL C 109 -46.14 -46.06 13.76
N LYS C 110 -47.24 -45.38 14.08
CA LYS C 110 -47.96 -44.55 13.10
C LYS C 110 -47.11 -43.44 12.45
N PRO C 111 -46.37 -42.58 13.18
CA PRO C 111 -45.56 -41.54 12.55
C PRO C 111 -44.41 -42.06 11.67
N LEU C 112 -43.96 -43.29 11.86
CA LEU C 112 -42.95 -43.93 11.03
C LEU C 112 -43.54 -44.51 9.74
N LEU C 113 -44.82 -44.91 9.75
CA LEU C 113 -45.51 -45.37 8.56
C LEU C 113 -45.81 -44.23 7.60
N VAL C 114 -46.23 -43.06 8.09
CA VAL C 114 -46.42 -41.88 7.21
C VAL C 114 -45.10 -41.39 6.61
N GLU C 115 -43.98 -41.52 7.33
CA GLU C 115 -42.64 -41.25 6.80
C GLU C 115 -42.26 -42.24 5.70
N ALA C 116 -42.44 -43.53 5.92
CA ALA C 116 -42.12 -44.56 4.94
C ALA C 116 -42.92 -44.43 3.65
N ILE C 117 -44.17 -43.97 3.74
CA ILE C 117 -45.01 -43.68 2.58
C ILE C 117 -44.41 -42.54 1.76
N GLY C 118 -44.06 -41.42 2.40
CA GLY C 118 -43.40 -40.29 1.74
C GLY C 118 -42.10 -40.68 1.03
N LYS C 119 -41.26 -41.50 1.66
CA LYS C 119 -40.00 -41.99 1.07
C LYS C 119 -40.20 -42.72 -0.27
N LYS C 120 -41.22 -43.58 -0.38
CA LYS C 120 -41.48 -44.35 -1.61
C LYS C 120 -41.99 -43.48 -2.76
N VAL C 121 -42.81 -42.47 -2.45
CA VAL C 121 -43.31 -41.52 -3.45
C VAL C 121 -42.15 -40.73 -4.06
N ASP C 122 -41.29 -40.14 -3.24
CA ASP C 122 -40.09 -39.44 -3.68
C ASP C 122 -39.16 -40.31 -4.53
N ASP C 123 -38.82 -41.51 -4.06
CA ASP C 123 -37.93 -42.41 -4.78
C ASP C 123 -38.48 -42.85 -6.14
N ALA C 124 -39.80 -42.96 -6.29
CA ALA C 124 -40.44 -43.25 -7.56
C ALA C 124 -40.54 -42.02 -8.48
N GLY C 125 -41.03 -40.89 -7.99
CA GLY C 125 -41.30 -39.72 -8.82
C GLY C 125 -40.06 -38.89 -9.21
N ILE C 126 -39.06 -38.80 -8.32
CA ILE C 126 -37.80 -38.09 -8.60
C ILE C 126 -36.82 -39.00 -9.33
N PHE C 127 -36.51 -40.18 -8.78
CA PHE C 127 -35.44 -41.05 -9.30
C PHE C 127 -35.93 -42.20 -10.18
N GLY C 128 -37.18 -42.63 -10.09
CA GLY C 128 -37.72 -43.71 -10.92
C GLY C 128 -37.48 -45.13 -10.40
N ASN C 129 -37.20 -45.31 -9.11
CA ASN C 129 -36.93 -46.62 -8.52
C ASN C 129 -38.20 -47.29 -7.98
N ASP C 130 -38.40 -48.57 -8.32
CA ASP C 130 -39.64 -49.33 -8.07
C ASP C 130 -40.91 -48.66 -8.61
N LYS C 131 -40.81 -47.70 -9.53
CA LYS C 131 -41.91 -46.87 -10.01
C LYS C 131 -43.01 -47.75 -10.67
N PRO C 132 -44.30 -47.50 -10.42
CA PRO C 132 -45.39 -48.15 -11.16
C PRO C 132 -45.27 -47.99 -12.68
N ALA C 133 -45.68 -49.00 -13.45
CA ALA C 133 -45.60 -48.96 -14.91
C ALA C 133 -46.55 -47.94 -15.56
N SER C 134 -47.67 -47.63 -14.90
CA SER C 134 -48.68 -46.68 -15.37
C SER C 134 -48.27 -45.21 -15.21
N TRP C 135 -47.35 -44.90 -14.30
CA TRP C 135 -46.81 -43.56 -14.11
C TRP C 135 -45.84 -43.16 -15.23
N PRO C 136 -45.73 -41.87 -15.57
CA PRO C 136 -44.76 -41.36 -16.56
C PRO C 136 -43.30 -41.55 -16.12
N ALA C 137 -42.33 -41.29 -16.99
CA ALA C 137 -40.92 -41.28 -16.59
C ALA C 137 -40.67 -40.24 -15.48
N ALA C 138 -39.85 -40.62 -14.49
CA ALA C 138 -39.49 -39.79 -13.34
C ALA C 138 -38.67 -38.54 -13.72
N LEU C 139 -38.62 -37.52 -12.87
CA LEU C 139 -37.97 -36.24 -13.20
C LEU C 139 -36.53 -36.37 -13.68
N ILE C 140 -35.69 -37.15 -12.99
CA ILE C 140 -34.28 -37.28 -13.38
C ILE C 140 -34.14 -38.10 -14.68
N PRO C 141 -34.71 -39.30 -14.83
CA PRO C 141 -34.68 -40.03 -16.11
C PRO C 141 -35.36 -39.31 -17.28
N GLY C 142 -36.43 -38.56 -17.03
CA GLY C 142 -37.13 -37.75 -18.02
C GLY C 142 -36.28 -36.57 -18.51
N ALA C 143 -35.64 -35.84 -17.60
CA ALA C 143 -34.70 -34.78 -17.96
C ALA C 143 -33.51 -35.29 -18.76
N ILE C 144 -32.95 -36.45 -18.41
CA ILE C 144 -31.86 -37.05 -19.16
C ILE C 144 -32.33 -37.49 -20.55
N ALA C 145 -33.52 -38.08 -20.69
CA ALA C 145 -34.06 -38.50 -21.98
C ALA C 145 -34.36 -37.34 -22.94
N ALA C 146 -34.84 -36.22 -22.41
CA ALA C 146 -35.01 -34.98 -23.16
C ALA C 146 -33.69 -34.32 -23.58
N GLY C 147 -32.58 -34.59 -22.87
CA GLY C 147 -31.29 -33.94 -23.06
C GLY C 147 -31.02 -32.72 -22.18
N ASN C 148 -31.82 -32.47 -21.14
CA ASN C 148 -31.63 -31.38 -20.18
C ASN C 148 -30.65 -31.77 -19.04
N SER C 149 -29.48 -32.30 -19.40
CA SER C 149 -28.47 -32.79 -18.47
C SER C 149 -27.07 -32.25 -18.78
N VAL C 150 -26.33 -31.87 -17.73
CA VAL C 150 -24.94 -31.41 -17.79
C VAL C 150 -24.06 -32.34 -16.96
N THR C 151 -22.99 -32.91 -17.52
CA THR C 151 -22.00 -33.65 -16.72
C THR C 151 -21.13 -32.68 -15.91
N LEU C 152 -20.98 -32.90 -14.61
CA LEU C 152 -20.25 -32.01 -13.70
C LEU C 152 -18.78 -31.84 -14.14
N GLY C 153 -18.30 -30.60 -14.14
CA GLY C 153 -16.91 -30.27 -14.47
C GLY C 153 -16.62 -30.35 -15.96
N THR C 154 -17.64 -30.16 -16.81
CA THR C 154 -17.46 -29.83 -18.23
C THR C 154 -17.20 -28.33 -18.44
N GLY C 155 -17.85 -27.47 -17.65
CA GLY C 155 -17.37 -26.11 -17.42
C GLY C 155 -16.18 -26.05 -16.46
N ASP C 156 -15.62 -24.87 -16.26
CA ASP C 156 -14.50 -24.64 -15.31
C ASP C 156 -14.91 -24.74 -13.84
N ASP C 157 -16.19 -24.55 -13.52
CA ASP C 157 -16.74 -24.64 -12.17
C ASP C 157 -18.24 -24.98 -12.22
N ILE C 158 -18.81 -25.44 -11.11
CA ILE C 158 -20.23 -25.79 -11.03
C ILE C 158 -21.16 -24.62 -11.37
N GLY C 159 -20.75 -23.37 -11.16
CA GLY C 159 -21.55 -22.23 -11.57
C GLY C 159 -21.72 -22.13 -13.08
N VAL C 160 -20.76 -22.59 -13.87
CA VAL C 160 -20.90 -22.72 -15.33
C VAL C 160 -21.88 -23.84 -15.68
N ASP C 161 -21.80 -24.99 -15.03
CA ASP C 161 -22.71 -26.11 -15.29
C ASP C 161 -24.15 -25.76 -14.89
N VAL C 162 -24.35 -25.01 -13.81
CA VAL C 162 -25.67 -24.49 -13.42
C VAL C 162 -26.16 -23.40 -14.37
N ALA C 163 -25.31 -22.53 -14.88
CA ALA C 163 -25.71 -21.58 -15.91
C ALA C 163 -26.08 -22.30 -17.22
N THR C 164 -25.37 -23.37 -17.56
CA THR C 164 -25.70 -24.24 -18.70
C THR C 164 -27.06 -24.89 -18.51
N LEU C 165 -27.37 -25.38 -17.31
CA LEU C 165 -28.69 -25.89 -16.98
C LEU C 165 -29.77 -24.82 -17.15
N GLY C 166 -29.53 -23.59 -16.73
CA GLY C 166 -30.47 -22.48 -16.88
C GLY C 166 -30.74 -22.10 -18.34
N GLU C 167 -29.71 -22.05 -19.18
CA GLU C 167 -29.87 -21.82 -20.61
C GLU C 167 -30.66 -22.94 -21.29
N GLN C 168 -30.43 -24.20 -20.94
CA GLN C 168 -31.20 -25.33 -21.47
C GLN C 168 -32.70 -25.19 -21.16
N LEU C 169 -33.09 -24.81 -19.95
CA LEU C 169 -34.49 -24.58 -19.65
C LEU C 169 -35.06 -23.33 -20.36
N ALA C 170 -34.27 -22.27 -20.54
CA ALA C 170 -34.68 -21.09 -21.29
C ALA C 170 -34.94 -21.39 -22.76
N LEU C 171 -34.11 -22.22 -23.39
CA LEU C 171 -34.27 -22.67 -24.77
C LEU C 171 -35.44 -23.65 -25.01
N ASP C 172 -35.96 -24.29 -23.96
CA ASP C 172 -37.24 -25.01 -24.01
C ASP C 172 -38.43 -24.08 -23.74
N GLY C 173 -38.24 -22.95 -23.09
CA GLY C 173 -39.28 -21.97 -22.77
C GLY C 173 -39.67 -21.87 -21.30
N PHE C 174 -38.87 -22.39 -20.38
CA PHE C 174 -39.14 -22.42 -18.94
C PHE C 174 -38.10 -21.65 -18.12
N SER C 175 -38.52 -21.04 -17.03
CA SER C 175 -37.65 -20.54 -15.95
C SER C 175 -37.19 -21.66 -15.00
N ILE C 176 -36.04 -21.50 -14.35
CA ILE C 176 -35.79 -22.19 -13.08
C ILE C 176 -36.44 -21.39 -11.95
N ASN C 177 -37.24 -22.05 -11.13
CA ASN C 177 -37.86 -21.45 -9.95
C ASN C 177 -37.27 -21.98 -8.62
N GLY C 178 -36.43 -23.01 -8.64
CA GLY C 178 -35.77 -23.56 -7.47
C GLY C 178 -35.07 -24.88 -7.73
N PHE C 179 -34.28 -25.34 -6.77
CA PHE C 179 -33.55 -26.61 -6.84
C PHE C 179 -34.00 -27.61 -5.75
N ILE C 180 -33.65 -28.88 -5.95
CA ILE C 180 -33.42 -29.90 -4.91
C ILE C 180 -32.04 -30.52 -5.18
N SER C 181 -31.33 -30.95 -4.14
CA SER C 181 -29.90 -31.28 -4.27
C SER C 181 -29.41 -32.34 -3.30
N ARG C 182 -28.26 -32.95 -3.61
CA ARG C 182 -27.68 -34.00 -2.78
C ARG C 182 -27.35 -33.53 -1.35
N PRO C 183 -27.43 -34.41 -0.34
CA PRO C 183 -26.97 -34.09 1.01
C PRO C 183 -25.47 -33.78 1.01
N GLY C 184 -25.04 -32.81 1.81
CA GLY C 184 -23.64 -32.41 1.90
C GLY C 184 -23.13 -31.50 0.76
N LEU C 185 -23.97 -31.01 -0.15
CA LEU C 185 -23.54 -30.12 -1.22
C LEU C 185 -23.08 -28.76 -0.69
N HIS C 186 -23.71 -28.17 0.32
CA HIS C 186 -23.25 -26.90 0.89
C HIS C 186 -21.80 -26.97 1.38
N TRP C 187 -21.41 -27.99 2.14
CA TRP C 187 -20.02 -28.20 2.53
C TRP C 187 -19.10 -28.62 1.38
N SER C 188 -19.63 -29.12 0.27
CA SER C 188 -18.83 -29.31 -0.94
C SER C 188 -18.52 -27.97 -1.64
N LEU C 189 -19.49 -27.05 -1.70
CA LEU C 189 -19.33 -25.76 -2.38
C LEU C 189 -18.31 -24.85 -1.71
N VAL C 190 -18.29 -24.75 -0.38
CA VAL C 190 -17.24 -23.99 0.35
C VAL C 190 -15.82 -24.54 0.13
N GLY C 191 -15.70 -25.80 -0.27
CA GLY C 191 -14.44 -26.45 -0.60
C GLY C 191 -13.99 -26.29 -2.06
N LEU C 192 -14.72 -25.57 -2.91
CA LEU C 192 -14.33 -25.35 -4.31
C LEU C 192 -13.30 -24.22 -4.48
N ARG C 193 -12.48 -24.33 -5.54
CA ARG C 193 -11.32 -23.46 -5.82
C ARG C 193 -11.17 -23.14 -7.32
N ASN C 194 -10.68 -21.94 -7.63
CA ASN C 194 -10.19 -21.55 -8.97
C ASN C 194 -8.92 -22.32 -9.38
N ALA C 195 -8.46 -22.17 -10.63
CA ALA C 195 -7.09 -22.55 -11.02
C ALA C 195 -6.01 -21.68 -10.32
N GLN C 196 -6.34 -20.43 -10.03
CA GLN C 196 -5.58 -19.49 -9.19
C GLN C 196 -5.61 -19.86 -7.69
N GLY C 197 -6.31 -20.91 -7.30
CA GLY C 197 -6.28 -21.50 -5.96
C GLY C 197 -7.05 -20.76 -4.87
N GLN C 198 -7.78 -19.70 -5.19
CA GLN C 198 -8.70 -19.03 -4.27
C GLN C 198 -10.11 -19.65 -4.28
N PRO C 199 -10.93 -19.43 -3.24
CA PRO C 199 -12.33 -19.84 -3.16
C PRO C 199 -13.27 -19.08 -4.10
N ILE C 200 -14.49 -19.59 -4.32
CA ILE C 200 -15.43 -19.08 -5.34
C ILE C 200 -16.89 -18.89 -4.88
N TYR C 201 -17.30 -19.41 -3.73
CA TYR C 201 -18.71 -19.49 -3.37
C TYR C 201 -19.30 -18.15 -2.87
N THR C 202 -18.45 -17.22 -2.49
CA THR C 202 -18.77 -15.86 -2.00
C THR C 202 -17.97 -14.81 -2.78
N PRO C 203 -18.38 -13.53 -2.77
CA PRO C 203 -17.56 -12.45 -3.33
C PRO C 203 -16.17 -12.40 -2.66
N PRO C 204 -15.09 -12.04 -3.39
CA PRO C 204 -13.72 -12.23 -2.93
C PRO C 204 -13.38 -11.61 -1.57
N LEU C 205 -13.94 -10.46 -1.20
CA LEU C 205 -13.76 -9.83 0.12
C LEU C 205 -14.39 -10.60 1.31
N SER C 206 -15.09 -11.72 1.08
CA SER C 206 -15.64 -12.59 2.13
C SER C 206 -15.09 -14.02 2.07
N THR C 207 -14.09 -14.30 1.23
CA THR C 207 -13.61 -15.68 0.97
C THR C 207 -12.61 -16.27 1.98
N GLY C 208 -12.24 -15.59 3.06
CA GLY C 208 -11.24 -16.09 4.02
C GLY C 208 -11.75 -17.19 4.94
N LEU C 209 -10.92 -18.19 5.25
CA LEU C 209 -11.26 -19.33 6.11
C LEU C 209 -11.75 -18.94 7.52
N ASN C 210 -11.43 -17.74 8.00
CA ASN C 210 -11.88 -17.27 9.32
C ASN C 210 -13.41 -17.10 9.39
N GLY C 211 -14.03 -16.62 8.32
CA GLY C 211 -15.40 -16.10 8.32
C GLY C 211 -16.48 -17.17 8.10
N ALA C 212 -17.66 -16.96 8.66
CA ALA C 212 -18.80 -17.86 8.51
C ALA C 212 -19.28 -17.99 7.05
N PRO C 213 -19.63 -19.19 6.56
CA PRO C 213 -20.20 -19.38 5.24
C PRO C 213 -21.55 -18.66 5.04
N PRO C 214 -21.98 -18.42 3.79
CA PRO C 214 -23.28 -17.82 3.51
C PRO C 214 -24.43 -18.79 3.77
N THR C 215 -25.66 -18.26 3.78
CA THR C 215 -26.88 -19.08 3.72
C THR C 215 -26.81 -20.05 2.52
N PRO C 216 -27.28 -21.31 2.63
CA PRO C 216 -27.15 -22.29 1.54
C PRO C 216 -27.99 -21.93 0.31
N ALA C 217 -27.33 -21.40 -0.74
CA ALA C 217 -27.97 -20.90 -1.95
C ALA C 217 -27.04 -21.02 -3.16
N LEU C 218 -27.57 -20.93 -4.38
CA LEU C 218 -26.82 -21.01 -5.63
C LEU C 218 -27.55 -20.14 -6.66
N TYR C 219 -26.87 -19.12 -7.19
CA TYR C 219 -27.49 -18.00 -7.93
C TYR C 219 -28.76 -17.45 -7.29
N GLY C 220 -28.76 -17.26 -5.98
CA GLY C 220 -29.88 -16.66 -5.26
C GLY C 220 -31.07 -17.57 -4.98
N PHE C 221 -31.06 -18.83 -5.43
CA PHE C 221 -32.08 -19.83 -5.10
C PHE C 221 -31.63 -20.67 -3.91
N PRO C 222 -32.46 -20.93 -2.88
CA PRO C 222 -32.10 -21.82 -1.80
C PRO C 222 -31.70 -23.21 -2.28
N LEU C 223 -30.62 -23.70 -1.72
CA LEU C 223 -29.98 -24.96 -2.06
C LEU C 223 -30.62 -26.08 -1.24
N ASN C 224 -31.88 -26.44 -1.52
CA ASN C 224 -32.61 -27.40 -0.69
C ASN C 224 -31.97 -28.80 -0.78
N GLU C 225 -31.38 -29.30 0.30
CA GLU C 225 -30.80 -30.64 0.32
C GLU C 225 -31.82 -31.65 0.81
N VAL C 226 -31.86 -32.81 0.17
CA VAL C 226 -32.80 -33.87 0.54
C VAL C 226 -32.20 -34.74 1.64
N THR C 227 -32.73 -34.64 2.84
CA THR C 227 -32.17 -35.26 4.05
C THR C 227 -32.91 -36.51 4.55
N SER C 228 -33.96 -36.98 3.87
CA SER C 228 -34.34 -38.40 3.96
C SER C 228 -33.29 -39.27 3.26
N GLY C 229 -33.43 -40.60 3.33
CA GLY C 229 -32.47 -41.51 2.70
C GLY C 229 -32.53 -41.64 1.18
N VAL C 230 -33.42 -40.92 0.48
CA VAL C 230 -33.75 -41.25 -0.93
C VAL C 230 -32.68 -40.88 -1.95
N TRP C 231 -31.92 -39.81 -1.74
CA TRP C 231 -31.09 -39.24 -2.80
C TRP C 231 -29.94 -40.16 -3.22
N ASP C 232 -29.86 -40.51 -4.50
CA ASP C 232 -28.74 -41.27 -5.06
C ASP C 232 -27.71 -40.34 -5.73
N ALA C 233 -26.66 -40.03 -4.99
CA ALA C 233 -25.56 -39.18 -5.43
C ALA C 233 -24.66 -39.86 -6.47
N ASP C 234 -24.91 -41.10 -6.87
CA ASP C 234 -24.28 -41.72 -8.04
C ASP C 234 -25.03 -41.40 -9.34
N GLU C 235 -26.25 -40.87 -9.25
CA GLU C 235 -27.11 -40.53 -10.39
C GLU C 235 -27.24 -39.01 -10.61
N ALA C 236 -27.29 -38.20 -9.55
CA ALA C 236 -27.47 -36.75 -9.67
C ALA C 236 -26.82 -35.95 -8.52
N ILE C 237 -26.37 -34.72 -8.78
CA ILE C 237 -25.94 -33.73 -7.77
C ILE C 237 -27.04 -32.71 -7.51
N LEU C 238 -27.70 -32.23 -8.57
CA LEU C 238 -28.61 -31.10 -8.53
C LEU C 238 -29.73 -31.29 -9.56
N LEU C 239 -30.98 -31.01 -9.19
CA LEU C 239 -32.13 -30.96 -10.08
C LEU C 239 -32.74 -29.57 -9.97
N GLY C 240 -32.97 -28.88 -11.08
CA GLY C 240 -33.63 -27.58 -11.15
C GLY C 240 -34.84 -27.62 -12.06
N ALA C 241 -35.90 -26.89 -11.73
CA ALA C 241 -37.17 -26.98 -12.42
C ALA C 241 -38.06 -25.74 -12.24
N ASP C 242 -39.11 -25.65 -13.04
CA ASP C 242 -40.30 -24.90 -12.66
C ASP C 242 -41.22 -25.82 -11.86
N TRP C 243 -41.22 -25.70 -10.54
CA TRP C 243 -41.99 -26.58 -9.64
C TRP C 243 -43.50 -26.39 -9.75
N SER C 244 -44.00 -25.34 -10.41
CA SER C 244 -45.44 -25.24 -10.71
C SER C 244 -45.92 -26.25 -11.75
N LYS C 245 -45.01 -26.82 -12.55
CA LYS C 245 -45.27 -27.85 -13.57
C LYS C 245 -45.25 -29.28 -13.02
N VAL C 246 -45.15 -29.48 -11.71
CA VAL C 246 -45.09 -30.81 -11.08
C VAL C 246 -46.36 -31.02 -10.25
N VAL C 247 -47.09 -32.11 -10.50
CA VAL C 247 -48.42 -32.36 -9.92
C VAL C 247 -48.47 -33.70 -9.20
N ILE C 248 -49.02 -33.68 -7.98
CA ILE C 248 -49.36 -34.87 -7.20
C ILE C 248 -50.88 -34.96 -7.08
N GLY C 249 -51.45 -36.08 -7.51
CA GLY C 249 -52.85 -36.40 -7.38
C GLY C 249 -53.11 -37.24 -6.14
N ILE C 250 -53.80 -36.72 -5.14
CA ILE C 250 -54.17 -37.43 -3.93
C ILE C 250 -55.55 -38.07 -4.15
N ARG C 251 -55.60 -39.38 -4.39
CA ARG C 251 -56.85 -40.13 -4.58
C ARG C 251 -57.48 -40.58 -3.27
N GLN C 252 -56.67 -40.99 -2.30
CA GLN C 252 -57.10 -41.40 -0.96
C GLN C 252 -56.00 -41.09 0.06
N ASP C 253 -56.32 -40.32 1.10
CA ASP C 253 -55.44 -40.00 2.21
C ASP C 253 -54.87 -41.24 2.91
N ILE C 254 -53.76 -41.08 3.64
CA ILE C 254 -53.24 -42.14 4.48
C ILE C 254 -54.32 -42.52 5.49
N THR C 255 -54.75 -43.78 5.47
CA THR C 255 -55.79 -44.32 6.34
C THR C 255 -55.33 -45.59 7.01
N PHE C 256 -55.65 -45.70 8.31
CA PHE C 256 -55.26 -46.79 9.19
C PHE C 256 -56.47 -47.62 9.60
N ASP C 257 -56.40 -48.93 9.43
CA ASP C 257 -57.44 -49.89 9.84
C ASP C 257 -56.82 -50.94 10.77
N LEU C 258 -57.46 -51.21 11.90
CA LEU C 258 -57.00 -52.19 12.89
C LEU C 258 -57.86 -53.46 12.83
N PHE C 259 -57.24 -54.64 12.81
CA PHE C 259 -57.90 -55.94 12.70
C PHE C 259 -57.57 -56.85 13.87
N SER C 260 -58.59 -57.52 14.43
CA SER C 260 -58.46 -58.56 15.46
C SER C 260 -58.70 -59.99 14.96
N GLU C 261 -59.08 -60.15 13.69
CA GLU C 261 -59.61 -61.39 13.09
C GLU C 261 -59.05 -61.60 11.69
N GLY C 262 -59.09 -62.83 11.19
CA GLY C 262 -58.52 -63.16 9.89
C GLY C 262 -57.07 -63.59 9.99
N VAL C 263 -56.36 -63.52 8.86
CA VAL C 263 -55.05 -64.17 8.69
C VAL C 263 -54.09 -63.29 7.91
N ILE C 264 -52.81 -63.61 8.01
CA ILE C 264 -51.77 -63.25 7.06
C ILE C 264 -51.49 -64.53 6.28
N SER C 265 -51.41 -64.46 4.96
CA SER C 265 -51.14 -65.62 4.10
C SER C 265 -50.11 -65.33 3.02
N ASP C 266 -49.46 -66.38 2.55
CA ASP C 266 -48.42 -66.29 1.52
C ASP C 266 -48.97 -66.35 0.08
N SER C 267 -48.06 -66.31 -0.89
CA SER C 267 -48.33 -66.41 -2.34
C SER C 267 -49.01 -67.71 -2.78
N ASP C 268 -48.94 -68.76 -1.99
CA ASP C 268 -49.49 -70.08 -2.31
C ASP C 268 -50.78 -70.35 -1.51
N GLY C 269 -51.30 -69.33 -0.83
CA GLY C 269 -52.53 -69.40 -0.05
C GLY C 269 -52.40 -70.12 1.29
N LYS C 270 -51.18 -70.38 1.76
CA LYS C 270 -50.89 -70.94 3.08
C LYS C 270 -51.10 -69.88 4.15
N VAL C 271 -51.66 -70.22 5.31
CA VAL C 271 -51.69 -69.30 6.47
C VAL C 271 -50.31 -69.23 7.13
N VAL C 272 -49.82 -68.03 7.44
CA VAL C 272 -48.56 -67.81 8.18
C VAL C 272 -48.76 -67.20 9.56
N LEU C 273 -49.83 -66.42 9.77
CA LEU C 273 -50.28 -65.95 11.08
C LEU C 273 -51.81 -65.96 11.13
N ASN C 274 -52.41 -66.44 12.21
CA ASN C 274 -53.85 -66.35 12.44
C ASN C 274 -54.12 -65.41 13.59
N LEU C 275 -54.84 -64.31 13.40
CA LEU C 275 -54.94 -63.28 14.43
C LEU C 275 -55.78 -63.74 15.61
N MET C 276 -56.86 -64.48 15.36
CA MET C 276 -57.76 -64.99 16.39
C MET C 276 -57.17 -66.21 17.10
N GLN C 277 -56.66 -67.17 16.34
CA GLN C 277 -56.10 -68.41 16.88
C GLN C 277 -54.65 -68.31 17.40
N GLN C 278 -54.01 -67.14 17.30
CA GLN C 278 -52.70 -66.83 17.87
C GLN C 278 -52.67 -65.48 18.58
N ASP C 279 -53.79 -65.08 19.20
CA ASP C 279 -53.89 -63.98 20.15
C ASP C 279 -53.14 -62.68 19.73
N SER C 280 -53.44 -62.17 18.55
CA SER C 280 -52.72 -61.05 17.90
C SER C 280 -53.69 -60.04 17.31
N LYS C 281 -53.19 -58.85 16.99
CA LYS C 281 -53.88 -57.86 16.16
C LYS C 281 -52.95 -57.41 15.05
N ALA C 282 -53.48 -56.76 14.03
CA ALA C 282 -52.69 -56.19 12.94
C ALA C 282 -53.21 -54.82 12.56
N LEU C 283 -52.29 -53.91 12.25
CA LEU C 283 -52.58 -52.58 11.75
C LEU C 283 -52.25 -52.55 10.26
N ARG C 284 -53.20 -52.14 9.44
CA ARG C 284 -53.03 -51.92 7.99
C ARG C 284 -53.03 -50.42 7.72
N VAL C 285 -52.07 -49.96 6.92
CA VAL C 285 -52.03 -48.59 6.38
C VAL C 285 -52.09 -48.64 4.86
N VAL C 286 -52.83 -47.71 4.25
CA VAL C 286 -52.98 -47.61 2.78
C VAL C 286 -53.11 -46.15 2.33
N PHE C 287 -52.63 -45.85 1.13
CA PHE C 287 -52.63 -44.52 0.50
C PHE C 287 -52.67 -44.67 -1.03
N ARG C 288 -53.42 -43.83 -1.73
CA ARG C 288 -53.53 -43.87 -3.20
C ARG C 288 -53.16 -42.53 -3.82
N VAL C 289 -52.22 -42.55 -4.75
CA VAL C 289 -51.50 -41.37 -5.21
C VAL C 289 -51.15 -41.46 -6.70
N GLY C 290 -51.27 -40.36 -7.43
CA GLY C 290 -50.91 -40.23 -8.84
C GLY C 290 -49.88 -39.14 -9.05
N PHE C 291 -49.09 -39.24 -10.10
CA PHE C 291 -48.00 -38.31 -10.39
C PHE C 291 -48.00 -37.90 -11.85
N GLN C 292 -47.82 -36.60 -12.10
CA GLN C 292 -47.74 -36.01 -13.44
C GLN C 292 -46.79 -34.82 -13.47
N VAL C 293 -45.95 -34.74 -14.50
CA VAL C 293 -45.22 -33.53 -14.86
C VAL C 293 -45.80 -32.95 -16.15
N ALA C 294 -46.31 -31.73 -16.08
CA ALA C 294 -47.19 -31.15 -17.08
C ALA C 294 -46.43 -30.17 -17.95
N ASN C 295 -45.83 -30.62 -19.06
CA ASN C 295 -45.16 -29.74 -20.00
C ASN C 295 -46.10 -29.26 -21.10
N PRO C 296 -46.65 -28.03 -21.03
CA PRO C 296 -47.35 -27.46 -22.17
C PRO C 296 -46.44 -27.33 -23.38
N MET C 297 -47.03 -27.09 -24.53
CA MET C 297 -46.28 -26.63 -25.70
C MET C 297 -45.81 -25.19 -25.48
N THR C 298 -44.58 -24.89 -25.87
CA THR C 298 -43.97 -23.55 -25.79
C THR C 298 -43.66 -23.04 -27.19
N ARG C 299 -43.58 -21.72 -27.35
CA ARG C 299 -43.19 -21.13 -28.66
C ARG C 299 -41.75 -21.46 -29.05
N LEU C 300 -40.84 -21.55 -28.09
CA LEU C 300 -39.42 -21.84 -28.33
C LEU C 300 -39.16 -23.27 -28.85
N ASN C 301 -39.86 -24.27 -28.33
CA ASN C 301 -39.61 -25.67 -28.68
C ASN C 301 -40.92 -26.47 -28.77
N PRO C 302 -41.54 -26.60 -29.95
CA PRO C 302 -42.76 -27.38 -30.10
C PRO C 302 -42.53 -28.89 -29.95
N ASN C 303 -41.32 -29.39 -30.16
CA ASN C 303 -41.02 -30.82 -30.12
C ASN C 303 -41.17 -31.41 -28.70
N GLU C 304 -42.00 -32.43 -28.55
CA GLU C 304 -42.23 -33.14 -27.28
C GLU C 304 -41.02 -33.98 -26.85
N ALA C 305 -40.20 -34.45 -27.78
CA ALA C 305 -39.08 -35.35 -27.52
C ALA C 305 -37.88 -34.71 -26.81
N THR C 306 -37.80 -33.38 -26.79
CA THR C 306 -36.67 -32.63 -26.23
C THR C 306 -37.08 -31.47 -25.33
N ARG C 307 -38.34 -31.03 -25.30
CA ARG C 307 -38.85 -30.04 -24.36
C ARG C 307 -39.12 -30.69 -23.00
N TYR C 308 -38.50 -30.21 -21.92
CA TYR C 308 -38.79 -30.67 -20.56
C TYR C 308 -38.71 -29.55 -19.51
N PRO C 309 -39.62 -29.43 -18.53
CA PRO C 309 -39.67 -28.34 -17.55
C PRO C 309 -38.68 -28.48 -16.38
N ALA C 310 -37.68 -29.35 -16.51
CA ALA C 310 -36.68 -29.66 -15.50
C ALA C 310 -35.35 -30.07 -16.14
N GLY C 311 -34.26 -30.01 -15.38
CA GLY C 311 -32.93 -30.43 -15.85
C GLY C 311 -31.97 -30.73 -14.69
N VAL C 312 -30.90 -31.46 -14.98
CA VAL C 312 -30.02 -32.08 -13.97
C VAL C 312 -28.53 -31.86 -14.20
N ILE C 313 -27.75 -31.83 -13.12
CA ILE C 313 -26.28 -31.99 -13.16
C ILE C 313 -25.93 -33.38 -12.63
N ILE C 314 -25.12 -34.13 -13.35
CA ILE C 314 -24.81 -35.54 -13.09
C ILE C 314 -23.31 -35.78 -12.81
N PRO C 315 -22.93 -36.79 -11.99
CA PRO C 315 -21.53 -37.07 -11.68
C PRO C 315 -20.71 -37.47 -12.92
N ALA C 316 -19.40 -37.21 -12.90
CA ALA C 316 -18.51 -37.47 -14.03
C ALA C 316 -18.43 -38.96 -14.43
N ALA D 1 57.62 51.02 -9.08
CA ALA D 1 56.77 51.02 -10.28
C ALA D 1 55.54 51.94 -10.10
N GLY D 2 54.95 52.36 -11.22
CA GLY D 2 53.82 53.30 -11.24
C GLY D 2 52.43 52.67 -11.26
N PHE D 3 52.23 51.57 -11.99
CA PHE D 3 50.91 51.02 -12.30
C PHE D 3 50.82 49.52 -12.00
N ALA D 4 49.61 48.98 -11.94
CA ALA D 4 49.32 47.58 -11.62
C ALA D 4 49.74 47.12 -10.21
N ASN D 5 49.81 48.03 -9.22
CA ASN D 5 49.83 47.63 -7.82
C ASN D 5 48.41 47.44 -7.31
N ILE D 6 48.11 46.25 -6.78
CA ILE D 6 46.78 45.85 -6.34
C ILE D 6 46.90 44.99 -5.07
N GLN D 7 45.93 45.09 -4.17
CA GLN D 7 45.96 44.38 -2.91
C GLN D 7 45.40 42.96 -3.05
N GLY D 8 46.23 41.94 -2.93
CA GLY D 8 45.83 40.53 -2.93
C GLY D 8 45.57 39.98 -1.53
N ARG D 9 44.94 38.80 -1.44
CA ARG D 9 44.70 38.09 -0.17
C ARG D 9 46.00 37.64 0.49
N ALA D 10 46.99 37.30 -0.33
CA ALA D 10 48.35 36.94 0.08
C ALA D 10 49.17 38.09 0.74
N ASP D 11 48.71 39.34 0.66
CA ASP D 11 49.40 40.50 1.26
C ASP D 11 49.02 40.76 2.71
N LEU D 12 47.87 40.23 3.14
CA LEU D 12 47.26 40.44 4.44
C LEU D 12 47.66 39.34 5.43
N SER D 13 47.55 39.62 6.73
CA SER D 13 47.77 38.66 7.82
C SER D 13 46.59 37.71 8.03
N ASP D 14 46.79 36.64 8.82
CA ASP D 14 45.71 35.78 9.27
C ASP D 14 44.70 36.52 10.18
N VAL D 15 45.14 37.58 10.85
CA VAL D 15 44.30 38.40 11.72
C VAL D 15 43.37 39.30 10.91
N HIS D 16 43.74 39.66 9.67
CA HIS D 16 42.88 40.38 8.74
C HIS D 16 41.83 39.48 8.10
N LEU D 17 42.22 38.25 7.73
CA LEU D 17 41.38 37.29 7.01
C LEU D 17 41.09 36.04 7.86
N PRO D 18 40.40 36.15 9.00
CA PRO D 18 40.07 35.02 9.84
C PRO D 18 38.93 34.19 9.26
N ASP D 19 38.89 32.90 9.55
CA ASP D 19 37.71 32.06 9.30
C ASP D 19 36.62 32.36 10.33
N GLN D 20 35.36 32.35 9.90
CA GLN D 20 34.22 32.42 10.80
C GLN D 20 34.05 31.08 11.50
N VAL D 21 33.70 31.06 12.78
CA VAL D 21 33.43 29.82 13.53
C VAL D 21 31.97 29.68 13.88
N ILE D 22 31.49 28.44 13.80
CA ILE D 22 30.20 28.01 14.32
C ILE D 22 30.46 27.20 15.59
N LYS D 23 29.90 27.60 16.73
CA LYS D 23 30.16 26.92 18.01
C LYS D 23 29.44 25.59 18.16
N ASP D 24 28.29 25.44 17.50
CA ASP D 24 27.45 24.24 17.54
C ASP D 24 28.13 23.05 16.87
N VAL D 25 28.37 21.96 17.59
CA VAL D 25 28.98 20.75 17.03
C VAL D 25 28.00 20.05 16.09
N LEU D 26 28.50 19.64 14.93
CA LEU D 26 27.77 18.79 13.99
C LEU D 26 27.83 17.33 14.46
N GLN D 27 26.68 16.79 14.84
CA GLN D 27 26.50 15.46 15.42
C GLN D 27 25.03 15.05 15.28
N THR D 28 24.72 13.76 15.34
CA THR D 28 23.33 13.29 15.58
C THR D 28 23.08 13.16 17.08
N ALA D 29 21.81 13.26 17.51
CA ALA D 29 21.42 13.08 18.90
C ALA D 29 21.83 11.69 19.43
N PRO D 30 22.10 11.53 20.74
CA PRO D 30 22.45 10.25 21.32
C PRO D 30 21.28 9.27 21.28
N GLU D 31 21.51 8.03 20.84
CA GLU D 31 20.49 6.99 20.80
C GLU D 31 20.18 6.45 22.20
N ALA D 32 18.90 6.26 22.56
CA ALA D 32 18.50 5.62 23.80
C ALA D 32 18.64 4.09 23.74
N SER D 33 18.89 3.43 24.87
CA SER D 33 18.98 1.96 24.96
C SER D 33 17.64 1.26 24.68
N VAL D 34 17.74 0.06 24.12
CA VAL D 34 16.61 -0.86 23.93
C VAL D 34 16.14 -1.42 25.26
N LEU D 35 16.97 -2.17 25.99
CA LEU D 35 16.51 -2.88 27.17
C LEU D 35 16.13 -1.95 28.32
N LEU D 36 16.84 -0.84 28.52
CA LEU D 36 16.50 0.13 29.56
C LEU D 36 15.16 0.86 29.31
N ASN D 37 14.51 0.63 28.17
CA ASN D 37 13.16 1.11 27.86
C ASN D 37 12.11 0.02 27.59
N ARG D 38 12.47 -1.11 26.95
CA ARG D 38 11.54 -2.23 26.67
C ARG D 38 11.29 -3.15 27.85
N ALA D 39 12.31 -3.47 28.63
CA ALA D 39 12.19 -4.41 29.74
C ALA D 39 11.39 -3.80 30.89
N ARG D 40 10.77 -4.63 31.73
CA ARG D 40 10.12 -4.18 32.98
C ARG D 40 11.18 -3.75 34.00
N LYS D 41 10.93 -2.67 34.73
CA LYS D 41 11.94 -2.00 35.57
C LYS D 41 11.66 -2.20 37.06
N VAL D 42 12.61 -2.74 37.80
CA VAL D 42 12.50 -2.94 39.26
C VAL D 42 13.68 -2.33 40.00
N ARG D 43 13.45 -1.75 41.17
CA ARG D 43 14.48 -1.09 41.98
C ARG D 43 15.09 -2.09 42.95
N MET D 44 16.33 -2.51 42.72
CA MET D 44 17.05 -3.42 43.61
C MET D 44 17.56 -2.67 44.85
N SER D 45 17.67 -3.35 45.99
CA SER D 45 18.27 -2.78 47.23
C SER D 45 19.34 -3.68 47.86
N SER D 46 19.79 -4.70 47.15
CA SER D 46 20.89 -5.57 47.53
C SER D 46 21.58 -6.09 46.27
N LYS D 47 22.76 -6.68 46.35
CA LYS D 47 23.47 -7.25 45.18
C LYS D 47 22.67 -8.36 44.50
N LYS D 48 21.84 -9.09 45.24
CA LYS D 48 21.01 -10.19 44.73
C LYS D 48 19.57 -10.07 45.17
N THR D 49 18.67 -10.57 44.33
CA THR D 49 17.27 -10.82 44.69
C THR D 49 16.86 -12.24 44.32
N LYS D 50 15.94 -12.84 45.08
CA LYS D 50 15.41 -14.19 44.87
C LYS D 50 13.88 -14.24 44.89
N GLN D 51 13.31 -15.18 44.13
CA GLN D 51 11.88 -15.44 44.08
C GLN D 51 11.60 -16.95 44.05
N PRO D 52 10.58 -17.45 44.78
CA PRO D 52 10.13 -18.83 44.65
C PRO D 52 9.42 -19.07 43.31
N VAL D 53 9.63 -20.22 42.70
CA VAL D 53 8.99 -20.65 41.44
C VAL D 53 8.33 -22.00 41.64
N LEU D 54 7.15 -22.22 41.06
CA LEU D 54 6.54 -23.54 40.98
C LEU D 54 7.28 -24.42 39.97
N ALA D 55 7.68 -25.64 40.33
CA ALA D 55 8.64 -26.45 39.57
C ALA D 55 8.19 -27.88 39.26
N SER D 56 7.02 -28.32 39.74
CA SER D 56 6.34 -29.57 39.35
C SER D 56 4.85 -29.48 39.68
N LEU D 57 4.03 -30.34 39.08
CA LEU D 57 2.59 -30.45 39.33
C LEU D 57 2.23 -31.85 39.90
N PRO D 58 1.22 -31.96 40.76
CA PRO D 58 0.79 -33.24 41.32
C PRO D 58 -0.05 -34.04 40.31
N ASP D 59 0.34 -35.28 40.01
CA ASP D 59 -0.50 -36.23 39.28
C ASP D 59 -1.68 -36.78 40.10
N ALA D 60 -2.73 -37.25 39.42
CA ALA D 60 -3.90 -37.96 39.94
C ALA D 60 -4.16 -39.24 39.13
N TYR D 61 -4.91 -40.22 39.65
CA TYR D 61 -4.91 -41.60 39.13
C TYR D 61 -6.29 -42.24 39.13
N TRP D 62 -6.59 -43.11 38.15
CA TRP D 62 -7.80 -43.94 38.15
C TRP D 62 -7.70 -45.07 39.17
N VAL D 63 -8.71 -45.20 40.05
CA VAL D 63 -8.80 -46.20 41.11
C VAL D 63 -9.36 -47.51 40.55
N ASP D 64 -8.72 -48.63 40.86
CA ASP D 64 -9.06 -49.96 40.33
C ASP D 64 -10.32 -50.60 40.94
N GLY D 65 -11.48 -49.97 40.76
CA GLY D 65 -12.77 -50.41 41.30
C GLY D 65 -12.94 -50.12 42.79
N ASP D 66 -14.10 -50.49 43.36
CA ASP D 66 -14.34 -50.31 44.80
C ASP D 66 -13.28 -51.03 45.63
N THR D 67 -12.74 -50.35 46.65
CA THR D 67 -11.63 -50.84 47.49
C THR D 67 -10.30 -51.09 46.75
N GLY D 68 -10.10 -50.45 45.59
CA GLY D 68 -8.78 -50.24 45.00
C GLY D 68 -7.95 -49.27 45.85
N LEU D 69 -6.65 -49.51 45.92
CA LEU D 69 -5.72 -48.82 46.80
C LEU D 69 -5.21 -47.51 46.17
N LYS D 70 -5.61 -46.36 46.74
CA LYS D 70 -5.28 -45.01 46.27
C LYS D 70 -3.77 -44.72 46.37
N GLN D 71 -3.24 -43.89 45.48
CA GLN D 71 -1.81 -43.55 45.38
C GLN D 71 -1.52 -42.17 45.99
N THR D 72 -0.24 -41.83 46.19
CA THR D 72 0.21 -40.54 46.77
C THR D 72 0.90 -39.65 45.75
N THR D 73 0.91 -38.33 45.98
CA THR D 73 1.47 -37.31 45.09
C THR D 73 2.02 -36.10 45.86
N LYS D 74 2.85 -35.26 45.24
CA LYS D 74 3.42 -34.03 45.81
C LYS D 74 3.71 -33.00 44.71
N ASN D 75 3.81 -31.72 45.05
CA ASN D 75 4.41 -30.69 44.20
C ASN D 75 5.76 -30.20 44.76
N ILE D 76 6.50 -29.41 43.98
CA ILE D 76 7.84 -28.92 44.29
C ILE D 76 7.97 -27.43 43.93
N TRP D 77 8.66 -26.65 44.75
CA TRP D 77 9.11 -25.29 44.41
C TRP D 77 10.62 -25.22 44.22
N SER D 78 11.10 -24.18 43.55
CA SER D 78 12.51 -23.86 43.37
C SER D 78 12.74 -22.35 43.48
N ASN D 79 13.95 -21.85 43.23
CA ASN D 79 14.33 -20.43 43.30
C ASN D 79 14.90 -19.93 41.98
N VAL D 80 14.58 -18.68 41.64
CA VAL D 80 15.23 -17.92 40.54
C VAL D 80 15.81 -16.60 41.06
N PHE D 81 16.97 -16.21 40.53
CA PHE D 81 17.82 -15.14 41.04
C PHE D 81 18.07 -14.04 39.99
N MET D 82 18.36 -12.83 40.45
CA MET D 82 18.92 -11.74 39.65
C MET D 82 20.07 -11.07 40.42
N THR D 83 21.19 -10.83 39.77
CA THR D 83 22.42 -10.27 40.36
C THR D 83 22.80 -8.94 39.72
N ALA D 84 22.99 -7.90 40.52
CA ALA D 84 23.50 -6.62 40.05
C ALA D 84 24.98 -6.69 39.71
N GLU D 85 25.35 -6.17 38.56
CA GLU D 85 26.71 -6.06 38.03
C GLU D 85 27.04 -4.60 37.72
N GLU D 86 28.32 -4.24 37.68
CA GLU D 86 28.77 -2.85 37.58
C GLU D 86 29.50 -2.59 36.28
N LEU D 87 29.12 -1.54 35.55
CA LEU D 87 29.91 -1.00 34.46
C LEU D 87 30.23 0.47 34.66
N ALA D 88 31.45 0.84 34.30
CA ALA D 88 32.07 2.09 34.68
C ALA D 88 33.24 2.44 33.76
N VAL D 89 33.62 3.71 33.71
CA VAL D 89 34.82 4.18 33.00
C VAL D 89 35.31 5.51 33.56
N ILE D 90 36.59 5.82 33.38
CA ILE D 90 37.22 7.09 33.78
C ILE D 90 37.65 7.86 32.52
N VAL D 91 37.33 9.15 32.42
CA VAL D 91 37.79 10.06 31.36
C VAL D 91 38.75 11.10 31.94
N PRO D 92 40.08 10.96 31.75
CA PRO D 92 41.06 11.93 32.21
C PRO D 92 41.38 13.03 31.18
N ILE D 93 41.47 14.29 31.60
CA ILE D 93 41.79 15.44 30.74
C ILE D 93 42.77 16.41 31.45
N PRO D 94 43.84 16.92 30.81
CA PRO D 94 44.72 17.94 31.39
C PRO D 94 44.04 19.26 31.70
N ASP D 95 44.52 19.95 32.74
CA ASP D 95 44.04 21.28 33.12
C ASP D 95 44.26 22.34 32.03
N ALA D 96 45.32 22.21 31.22
CA ALA D 96 45.58 23.07 30.08
C ALA D 96 44.44 23.02 29.04
N LEU D 97 44.00 21.83 28.59
CA LEU D 97 42.91 21.69 27.63
C LEU D 97 41.59 22.22 28.18
N ILE D 98 41.29 21.99 29.46
CA ILE D 98 40.05 22.53 30.04
C ILE D 98 40.08 24.06 30.08
N ALA D 99 41.21 24.68 30.40
CA ALA D 99 41.37 26.13 30.41
C ALA D 99 41.38 26.75 29.00
N ASP D 100 42.10 26.17 28.05
CA ASP D 100 42.29 26.75 26.71
C ASP D 100 41.12 26.47 25.75
N SER D 101 40.32 25.41 25.99
CA SER D 101 39.24 24.97 25.06
C SER D 101 38.09 25.99 24.99
N ASP D 102 37.62 26.32 23.78
CA ASP D 102 36.45 27.23 23.59
C ASP D 102 35.16 26.56 24.09
N LEU D 103 34.97 25.26 23.84
CA LEU D 103 33.70 24.56 24.17
C LEU D 103 33.72 24.02 25.62
N PRO D 104 32.55 23.87 26.32
CA PRO D 104 32.48 23.33 27.68
C PRO D 104 32.68 21.80 27.72
N LEU D 105 33.91 21.37 27.88
CA LEU D 105 34.33 20.02 27.53
C LEU D 105 33.77 18.90 28.42
N TRP D 106 33.52 19.12 29.72
CA TRP D 106 32.86 18.11 30.56
C TRP D 106 31.38 17.93 30.19
N ASP D 107 30.65 19.03 29.94
CA ASP D 107 29.27 18.93 29.48
C ASP D 107 29.14 18.33 28.08
N GLU D 108 30.13 18.44 27.19
CA GLU D 108 30.10 17.73 25.91
C GLU D 108 30.22 16.22 26.09
N VAL D 109 31.05 15.71 27.01
CA VAL D 109 31.32 14.27 27.13
C VAL D 109 30.26 13.51 27.93
N LYS D 110 29.61 14.13 28.91
CA LYS D 110 28.61 13.47 29.77
C LYS D 110 27.49 12.72 29.01
N PRO D 111 26.75 13.32 28.07
CA PRO D 111 25.74 12.61 27.28
C PRO D 111 26.27 11.43 26.47
N LEU D 112 27.50 11.51 25.99
CA LEU D 112 28.14 10.42 25.24
C LEU D 112 28.49 9.24 26.16
N LEU D 113 28.78 9.47 27.44
CA LEU D 113 28.99 8.41 28.44
C LEU D 113 27.70 7.73 28.87
N VAL D 114 26.59 8.46 28.95
CA VAL D 114 25.26 7.86 29.15
C VAL D 114 24.89 6.95 27.99
N GLU D 115 25.09 7.38 26.75
CA GLU D 115 24.86 6.54 25.57
C GLU D 115 25.76 5.30 25.56
N ALA D 116 27.05 5.42 25.88
CA ALA D 116 27.99 4.30 25.87
C ALA D 116 27.65 3.23 26.91
N ILE D 117 27.09 3.62 28.06
CA ILE D 117 26.59 2.69 29.08
C ILE D 117 25.39 1.92 28.54
N GLY D 118 24.36 2.60 28.02
CA GLY D 118 23.17 1.95 27.47
C GLY D 118 23.48 0.97 26.35
N LYS D 119 24.48 1.27 25.50
CA LYS D 119 24.95 0.38 24.44
C LYS D 119 25.48 -0.94 25.01
N LYS D 120 26.29 -0.93 26.06
CA LYS D 120 26.83 -2.14 26.70
C LYS D 120 25.76 -3.01 27.34
N VAL D 121 24.71 -2.42 27.90
CA VAL D 121 23.60 -3.17 28.51
C VAL D 121 22.84 -3.97 27.46
N ASP D 122 22.47 -3.35 26.35
CA ASP D 122 21.81 -4.00 25.22
C ASP D 122 22.66 -5.10 24.60
N ASP D 123 23.94 -4.84 24.37
CA ASP D 123 24.87 -5.80 23.79
C ASP D 123 25.04 -7.05 24.66
N ALA D 124 24.98 -6.91 25.99
CA ALA D 124 25.00 -8.03 26.91
C ALA D 124 23.65 -8.76 26.96
N GLY D 125 22.54 -8.06 27.11
CA GLY D 125 21.22 -8.67 27.27
C GLY D 125 20.60 -9.25 26.00
N ILE D 126 20.80 -8.65 24.84
CA ILE D 126 20.23 -9.14 23.58
C ILE D 126 21.20 -10.09 22.87
N PHE D 127 22.42 -9.67 22.59
CA PHE D 127 23.39 -10.43 21.78
C PHE D 127 24.36 -11.28 22.60
N GLY D 128 24.51 -11.04 23.91
CA GLY D 128 25.38 -11.82 24.79
C GLY D 128 26.88 -11.56 24.60
N ASN D 129 27.28 -10.48 23.95
CA ASN D 129 28.69 -10.14 23.76
C ASN D 129 29.29 -9.58 25.04
N ASP D 130 30.47 -10.08 25.45
CA ASP D 130 31.20 -9.61 26.65
C ASP D 130 30.33 -9.55 27.92
N LYS D 131 29.44 -10.54 28.08
CA LYS D 131 28.40 -10.59 29.13
C LYS D 131 29.01 -10.93 30.51
N PRO D 132 28.52 -10.36 31.62
CA PRO D 132 28.87 -10.82 32.96
C PRO D 132 28.53 -12.31 33.20
N ALA D 133 29.29 -13.01 34.03
CA ALA D 133 29.09 -14.44 34.29
C ALA D 133 27.90 -14.76 35.22
N SER D 134 27.50 -13.85 36.10
CA SER D 134 26.34 -14.04 36.96
C SER D 134 25.00 -13.89 36.23
N TRP D 135 24.99 -13.25 35.05
CA TRP D 135 23.79 -12.99 34.25
C TRP D 135 23.37 -14.23 33.45
N PRO D 136 22.06 -14.45 33.21
CA PRO D 136 21.54 -15.58 32.44
C PRO D 136 21.90 -15.48 30.95
N ALA D 137 21.57 -16.48 30.15
CA ALA D 137 21.71 -16.40 28.69
C ALA D 137 20.94 -15.21 28.09
N ALA D 138 21.61 -14.48 27.20
CA ALA D 138 21.05 -13.34 26.47
C ALA D 138 19.92 -13.79 25.52
N LEU D 139 19.02 -12.89 25.14
CA LEU D 139 17.80 -13.25 24.41
C LEU D 139 18.05 -13.98 23.08
N ILE D 140 19.01 -13.56 22.26
CA ILE D 140 19.29 -14.20 20.96
C ILE D 140 19.97 -15.56 21.14
N PRO D 141 21.10 -15.71 21.86
CA PRO D 141 21.67 -17.03 22.15
C PRO D 141 20.75 -17.97 22.92
N GLY D 142 19.88 -17.45 23.77
CA GLY D 142 18.92 -18.23 24.55
C GLY D 142 17.83 -18.86 23.68
N ALA D 143 17.21 -18.11 22.78
CA ALA D 143 16.27 -18.65 21.81
C ALA D 143 16.92 -19.66 20.85
N ILE D 144 18.13 -19.40 20.34
CA ILE D 144 18.83 -20.32 19.44
C ILE D 144 19.15 -21.65 20.14
N ALA D 145 19.58 -21.62 21.40
CA ALA D 145 19.85 -22.83 22.18
C ALA D 145 18.57 -23.65 22.45
N ALA D 146 17.45 -22.99 22.76
CA ALA D 146 16.13 -23.61 22.97
C ALA D 146 15.48 -24.16 21.70
N GLY D 147 15.98 -23.80 20.52
CA GLY D 147 15.37 -24.11 19.23
C GLY D 147 14.26 -23.15 18.78
N ASN D 148 14.08 -22.00 19.42
CA ASN D 148 13.12 -20.97 19.03
C ASN D 148 13.68 -20.08 17.90
N SER D 149 14.13 -20.71 16.82
CA SER D 149 14.87 -20.11 15.70
C SER D 149 14.19 -20.42 14.36
N VAL D 150 14.23 -19.48 13.42
CA VAL D 150 13.68 -19.63 12.06
C VAL D 150 14.72 -19.08 11.07
N THR D 151 14.97 -19.71 9.93
CA THR D 151 15.87 -19.15 8.91
C THR D 151 15.08 -18.33 7.91
N LEU D 152 15.47 -17.08 7.65
CA LEU D 152 14.74 -16.21 6.74
C LEU D 152 14.65 -16.81 5.34
N GLY D 153 13.46 -16.78 4.75
CA GLY D 153 13.19 -17.35 3.43
C GLY D 153 13.02 -18.86 3.46
N THR D 154 12.66 -19.46 4.61
CA THR D 154 12.26 -20.88 4.68
C THR D 154 10.94 -21.12 3.95
N GLY D 155 10.07 -20.12 3.84
CA GLY D 155 8.87 -20.12 3.01
C GLY D 155 8.72 -18.92 2.09
N ASP D 156 7.52 -18.65 1.60
CA ASP D 156 7.28 -17.75 0.46
C ASP D 156 7.43 -16.25 0.75
N ASP D 157 7.24 -15.78 1.97
CA ASP D 157 7.45 -14.38 2.36
C ASP D 157 7.87 -14.28 3.82
N ILE D 158 8.49 -13.17 4.23
CA ILE D 158 8.89 -12.94 5.64
C ILE D 158 7.71 -13.05 6.61
N GLY D 159 6.48 -12.80 6.16
CA GLY D 159 5.29 -13.01 6.95
C GLY D 159 5.07 -14.46 7.37
N VAL D 160 5.51 -15.45 6.60
CA VAL D 160 5.35 -16.86 7.02
C VAL D 160 6.41 -17.28 8.03
N ASP D 161 7.61 -16.73 7.96
CA ASP D 161 8.65 -16.94 8.97
C ASP D 161 8.30 -16.25 10.28
N VAL D 162 7.72 -15.06 10.24
CA VAL D 162 7.20 -14.38 11.43
C VAL D 162 6.05 -15.15 12.06
N ALA D 163 5.17 -15.76 11.27
CA ALA D 163 4.12 -16.61 11.81
C ALA D 163 4.64 -17.93 12.38
N THR D 164 5.71 -18.48 11.82
CA THR D 164 6.45 -19.62 12.37
C THR D 164 7.04 -19.30 13.73
N LEU D 165 7.61 -18.11 13.90
CA LEU D 165 8.10 -17.61 15.18
C LEU D 165 6.95 -17.52 16.21
N GLY D 166 5.80 -16.98 15.81
CA GLY D 166 4.60 -16.93 16.66
C GLY D 166 4.08 -18.29 17.07
N GLU D 167 4.05 -19.26 16.17
CA GLU D 167 3.66 -20.63 16.48
C GLU D 167 4.66 -21.29 17.44
N GLN D 168 5.97 -21.12 17.27
CA GLN D 168 6.95 -21.69 18.18
C GLN D 168 6.79 -21.20 19.62
N LEU D 169 6.46 -19.94 19.85
CA LEU D 169 6.20 -19.43 21.18
C LEU D 169 4.88 -19.98 21.73
N ALA D 170 3.84 -20.09 20.90
CA ALA D 170 2.57 -20.70 21.32
C ALA D 170 2.74 -22.17 21.76
N LEU D 171 3.59 -22.94 21.08
CA LEU D 171 3.96 -24.31 21.46
C LEU D 171 4.77 -24.41 22.76
N ASP D 172 5.36 -23.32 23.25
CA ASP D 172 5.99 -23.23 24.57
C ASP D 172 5.04 -22.69 25.63
N GLY D 173 3.88 -22.16 25.25
CA GLY D 173 2.90 -21.58 26.16
C GLY D 173 3.00 -20.07 26.34
N PHE D 174 3.71 -19.35 25.47
CA PHE D 174 3.85 -17.89 25.51
C PHE D 174 3.26 -17.22 24.28
N SER D 175 2.67 -16.03 24.41
CA SER D 175 2.17 -15.23 23.29
C SER D 175 3.06 -14.00 23.02
N ILE D 176 3.47 -13.76 21.78
CA ILE D 176 4.21 -12.55 21.38
C ILE D 176 3.40 -11.29 21.72
N ASN D 177 4.07 -10.23 22.16
CA ASN D 177 3.50 -8.88 22.24
C ASN D 177 4.39 -7.78 21.66
N GLY D 178 5.49 -8.11 20.98
CA GLY D 178 6.28 -7.12 20.24
C GLY D 178 7.60 -7.66 19.70
N PHE D 179 8.24 -6.84 18.88
CA PHE D 179 9.50 -7.15 18.22
C PHE D 179 10.56 -6.09 18.50
N ILE D 180 11.82 -6.48 18.29
CA ILE D 180 12.93 -5.59 17.95
C ILE D 180 13.60 -6.14 16.68
N SER D 181 14.14 -5.27 15.82
CA SER D 181 14.43 -5.64 14.43
C SER D 181 15.58 -4.87 13.80
N ARG D 182 16.17 -5.41 12.72
CA ARG D 182 17.33 -4.82 12.05
C ARG D 182 17.08 -3.39 11.56
N PRO D 183 18.11 -2.53 11.43
CA PRO D 183 17.97 -1.26 10.73
C PRO D 183 17.59 -1.46 9.25
N GLY D 184 16.70 -0.62 8.73
CA GLY D 184 16.28 -0.61 7.33
C GLY D 184 15.21 -1.62 6.93
N LEU D 185 14.67 -2.41 7.86
CA LEU D 185 13.66 -3.45 7.57
C LEU D 185 12.38 -2.86 6.96
N HIS D 186 11.84 -1.77 7.47
CA HIS D 186 10.60 -1.17 6.95
C HIS D 186 10.67 -0.86 5.46
N TRP D 187 11.72 -0.19 4.98
CA TRP D 187 11.86 0.07 3.55
C TRP D 187 12.11 -1.19 2.73
N SER D 188 12.63 -2.27 3.29
CA SER D 188 12.65 -3.55 2.57
C SER D 188 11.26 -4.20 2.49
N LEU D 189 10.36 -3.96 3.44
CA LEU D 189 8.97 -4.43 3.39
C LEU D 189 8.11 -3.63 2.40
N VAL D 190 8.24 -2.31 2.29
CA VAL D 190 7.46 -1.57 1.27
C VAL D 190 7.93 -1.89 -0.16
N GLY D 191 9.18 -2.30 -0.33
CA GLY D 191 9.74 -2.76 -1.61
C GLY D 191 9.45 -4.23 -1.96
N LEU D 192 8.51 -4.86 -1.25
CA LEU D 192 8.28 -6.31 -1.31
C LEU D 192 7.11 -6.65 -2.24
N ARG D 193 7.32 -7.57 -3.18
CA ARG D 193 6.32 -7.99 -4.17
C ARG D 193 6.20 -9.51 -4.27
N ASN D 194 4.99 -10.01 -4.46
CA ASN D 194 4.75 -11.45 -4.72
C ASN D 194 5.06 -11.83 -6.17
N ALA D 195 4.92 -13.12 -6.52
CA ALA D 195 5.19 -13.61 -7.88
C ALA D 195 4.25 -13.05 -8.97
N GLN D 196 3.11 -12.48 -8.59
CA GLN D 196 2.18 -11.77 -9.49
C GLN D 196 2.48 -10.26 -9.54
N GLY D 197 3.57 -9.80 -8.94
CA GLY D 197 4.05 -8.42 -8.97
C GLY D 197 3.24 -7.44 -8.12
N GLN D 198 2.44 -7.91 -7.17
CA GLN D 198 1.61 -7.07 -6.30
C GLN D 198 2.29 -6.74 -4.95
N PRO D 199 1.94 -5.64 -4.28
CA PRO D 199 2.35 -5.33 -2.91
C PRO D 199 1.92 -6.37 -1.86
N ILE D 200 2.88 -6.87 -1.07
CA ILE D 200 2.66 -7.81 0.05
C ILE D 200 2.33 -7.09 1.37
N TYR D 201 2.99 -5.97 1.65
CA TYR D 201 3.05 -5.40 3.00
C TYR D 201 1.77 -4.70 3.44
N THR D 202 0.95 -4.20 2.52
CA THR D 202 -0.34 -3.55 2.79
C THR D 202 -1.42 -4.11 1.89
N PRO D 203 -2.72 -3.97 2.21
CA PRO D 203 -3.79 -4.54 1.39
C PRO D 203 -3.71 -4.10 -0.08
N PRO D 204 -3.64 -5.03 -1.06
CA PRO D 204 -3.59 -4.65 -2.47
C PRO D 204 -4.74 -3.73 -2.90
N LEU D 205 -5.95 -3.89 -2.36
CA LEU D 205 -7.10 -3.07 -2.75
C LEU D 205 -6.98 -1.57 -2.41
N SER D 206 -6.08 -1.19 -1.49
CA SER D 206 -5.86 0.22 -1.09
C SER D 206 -4.42 0.71 -1.26
N THR D 207 -3.58 -0.03 -2.00
CA THR D 207 -2.16 0.30 -2.17
C THR D 207 -1.82 0.69 -3.61
N GLY D 208 -1.11 1.79 -3.79
CA GLY D 208 -0.46 2.18 -5.04
C GLY D 208 0.65 3.20 -4.79
N LEU D 209 1.52 3.46 -5.76
CA LEU D 209 2.75 4.22 -5.52
C LEU D 209 2.60 5.65 -5.01
N ASN D 210 1.48 6.34 -5.26
CA ASN D 210 1.30 7.71 -4.77
C ASN D 210 1.14 7.78 -3.24
N GLY D 211 0.64 6.73 -2.60
CA GLY D 211 0.14 6.77 -1.22
C GLY D 211 1.23 6.52 -0.18
N ALA D 212 1.13 7.20 0.97
CA ALA D 212 2.10 7.12 2.06
C ALA D 212 2.16 5.70 2.68
N PRO D 213 3.34 5.14 3.01
CA PRO D 213 3.43 3.89 3.76
C PRO D 213 2.79 3.98 5.17
N PRO D 214 2.39 2.84 5.77
CA PRO D 214 1.83 2.80 7.11
C PRO D 214 2.91 2.95 8.19
N THR D 215 2.50 3.17 9.43
CA THR D 215 3.38 3.08 10.61
C THR D 215 4.13 1.74 10.60
N PRO D 216 5.46 1.68 10.80
CA PRO D 216 6.22 0.44 10.73
C PRO D 216 5.67 -0.63 11.69
N ALA D 217 5.15 -1.75 11.18
CA ALA D 217 4.52 -2.80 11.98
C ALA D 217 4.55 -4.17 11.28
N LEU D 218 4.44 -5.26 12.02
CA LEU D 218 4.08 -6.59 11.51
C LEU D 218 2.95 -7.16 12.37
N TYR D 219 1.93 -7.75 11.75
CA TYR D 219 0.79 -8.36 12.43
C TYR D 219 0.21 -7.50 13.56
N GLY D 220 0.20 -6.17 13.37
CA GLY D 220 -0.32 -5.18 14.31
C GLY D 220 0.64 -4.73 15.40
N PHE D 221 1.84 -5.30 15.51
CA PHE D 221 2.85 -4.91 16.50
C PHE D 221 3.85 -3.93 15.89
N PRO D 222 4.20 -2.82 16.55
CA PRO D 222 5.25 -1.90 16.12
C PRO D 222 6.57 -2.59 15.78
N LEU D 223 7.18 -2.16 14.67
CA LEU D 223 8.42 -2.70 14.12
C LEU D 223 9.59 -1.85 14.64
N ASN D 224 10.01 -2.05 15.89
CA ASN D 224 11.07 -1.23 16.49
C ASN D 224 12.44 -1.57 15.90
N GLU D 225 12.92 -0.76 14.97
CA GLU D 225 14.25 -0.92 14.40
C GLU D 225 15.30 -0.42 15.39
N VAL D 226 16.38 -1.18 15.58
CA VAL D 226 17.45 -0.80 16.50
C VAL D 226 18.47 0.08 15.80
N THR D 227 18.37 1.39 16.00
CA THR D 227 19.17 2.43 15.35
C THR D 227 20.53 2.71 15.98
N SER D 228 20.80 2.22 17.19
CA SER D 228 22.16 2.13 17.75
C SER D 228 23.04 1.17 16.94
N GLY D 229 24.35 1.21 17.12
CA GLY D 229 25.27 0.27 16.45
C GLY D 229 25.33 -1.15 17.01
N VAL D 230 24.45 -1.53 17.95
CA VAL D 230 24.48 -2.85 18.62
C VAL D 230 24.08 -4.00 17.70
N TRP D 231 23.13 -3.78 16.79
CA TRP D 231 22.51 -4.86 16.04
C TRP D 231 23.47 -5.48 15.04
N ASP D 232 23.86 -6.73 15.26
CA ASP D 232 24.61 -7.53 14.30
C ASP D 232 23.65 -8.22 13.33
N ALA D 233 23.41 -7.59 12.17
CA ALA D 233 22.50 -8.10 11.15
C ALA D 233 23.00 -9.38 10.45
N ASP D 234 24.24 -9.80 10.69
CA ASP D 234 24.75 -11.11 10.28
C ASP D 234 24.36 -12.23 11.27
N GLU D 235 23.81 -11.89 12.44
CA GLU D 235 23.24 -12.84 13.41
C GLU D 235 21.72 -12.95 13.34
N ALA D 236 20.99 -11.85 13.21
CA ALA D 236 19.53 -11.86 13.25
C ALA D 236 18.89 -10.76 12.41
N ILE D 237 17.70 -11.01 11.88
CA ILE D 237 16.85 -10.01 11.23
C ILE D 237 15.85 -9.42 12.21
N LEU D 238 15.25 -10.24 13.05
CA LEU D 238 14.17 -9.85 13.95
C LEU D 238 14.14 -10.78 15.17
N LEU D 239 13.80 -10.25 16.34
CA LEU D 239 13.54 -10.97 17.58
C LEU D 239 12.13 -10.65 18.05
N GLY D 240 11.30 -11.65 18.25
CA GLY D 240 9.97 -11.52 18.86
C GLY D 240 9.92 -12.16 20.23
N ALA D 241 9.13 -11.61 21.14
CA ALA D 241 9.07 -12.11 22.51
C ALA D 241 7.78 -11.73 23.24
N ASP D 242 7.58 -12.37 24.40
CA ASP D 242 6.72 -11.81 25.44
C ASP D 242 7.57 -10.87 26.32
N TRP D 243 7.47 -9.57 26.11
CA TRP D 243 8.30 -8.58 26.79
C TRP D 243 7.97 -8.42 28.26
N SER D 244 6.81 -8.89 28.73
CA SER D 244 6.47 -8.91 30.15
C SER D 244 7.40 -9.82 30.97
N LYS D 245 8.02 -10.80 30.31
CA LYS D 245 8.97 -11.76 30.89
C LYS D 245 10.42 -11.25 30.95
N VAL D 246 10.71 -10.03 30.49
CA VAL D 246 12.07 -9.48 30.46
C VAL D 246 12.19 -8.37 31.47
N VAL D 247 13.13 -8.46 32.41
CA VAL D 247 13.26 -7.55 33.56
C VAL D 247 14.66 -6.99 33.64
N ILE D 248 14.75 -5.68 33.90
CA ILE D 248 15.98 -4.97 34.24
C ILE D 248 15.83 -4.49 35.68
N GLY D 249 16.80 -4.83 36.52
CA GLY D 249 16.89 -4.34 37.89
C GLY D 249 17.89 -3.20 38.02
N ILE D 250 17.46 -2.01 38.42
CA ILE D 250 18.38 -0.88 38.60
C ILE D 250 18.78 -0.83 40.07
N ARG D 251 20.08 -0.95 40.35
CA ARG D 251 20.62 -0.86 41.73
C ARG D 251 21.16 0.54 42.06
N GLN D 252 21.88 1.15 41.14
CA GLN D 252 22.47 2.49 41.25
C GLN D 252 22.39 3.15 39.88
N ASP D 253 21.67 4.26 39.82
CA ASP D 253 21.51 5.09 38.63
C ASP D 253 22.86 5.65 38.16
N ILE D 254 22.96 6.04 36.88
CA ILE D 254 24.20 6.57 36.31
C ILE D 254 24.70 7.73 37.18
N THR D 255 25.86 7.53 37.79
CA THR D 255 26.47 8.41 38.80
C THR D 255 27.76 9.00 38.25
N PHE D 256 27.92 10.32 38.31
CA PHE D 256 29.11 11.05 37.86
C PHE D 256 29.87 11.67 39.02
N ASP D 257 31.18 11.44 39.10
CA ASP D 257 32.09 12.03 40.10
C ASP D 257 33.33 12.61 39.42
N LEU D 258 33.76 13.81 39.80
CA LEU D 258 34.94 14.48 39.27
C LEU D 258 36.10 14.52 40.28
N PHE D 259 37.31 14.18 39.85
CA PHE D 259 38.49 14.05 40.70
C PHE D 259 39.66 14.93 40.23
N SER D 260 40.32 15.59 41.17
CA SER D 260 41.48 16.47 40.95
C SER D 260 42.73 16.08 41.75
N GLU D 261 42.59 15.24 42.78
CA GLU D 261 43.67 14.59 43.52
C GLU D 261 43.62 13.09 43.22
N GLY D 262 44.75 12.42 43.16
CA GLY D 262 44.78 10.98 43.01
C GLY D 262 45.52 10.49 41.81
N VAL D 263 45.28 9.24 41.44
CA VAL D 263 46.13 8.47 40.54
C VAL D 263 45.28 7.54 39.68
N ILE D 264 45.69 7.32 38.44
CA ILE D 264 45.30 6.17 37.63
C ILE D 264 46.46 5.20 37.69
N SER D 265 46.21 3.95 38.08
CA SER D 265 47.24 2.95 38.36
C SER D 265 47.03 1.68 37.56
N ASP D 266 48.13 0.97 37.35
CA ASP D 266 48.24 -0.30 36.66
C ASP D 266 47.68 -1.46 37.49
N SER D 267 47.47 -2.62 36.87
CA SER D 267 47.11 -3.88 37.54
C SER D 267 48.17 -4.38 38.52
N ASP D 268 49.38 -3.82 38.45
CA ASP D 268 50.57 -4.23 39.21
C ASP D 268 51.03 -3.14 40.18
N GLY D 269 50.13 -2.24 40.58
CA GLY D 269 50.36 -1.21 41.59
C GLY D 269 51.14 0.03 41.12
N LYS D 270 51.83 -0.04 39.98
CA LYS D 270 52.53 1.08 39.34
C LYS D 270 51.60 2.25 39.01
N VAL D 271 52.03 3.49 39.27
CA VAL D 271 51.32 4.72 38.88
C VAL D 271 51.46 4.97 37.37
N VAL D 272 50.35 5.22 36.67
CA VAL D 272 50.30 5.43 35.20
C VAL D 272 49.98 6.88 34.84
N LEU D 273 49.08 7.53 35.58
CA LEU D 273 48.87 8.97 35.54
C LEU D 273 48.67 9.46 36.98
N ASN D 274 49.34 10.54 37.37
CA ASN D 274 49.14 11.18 38.67
C ASN D 274 48.42 12.50 38.44
N LEU D 275 47.19 12.65 38.92
CA LEU D 275 46.35 13.81 38.60
C LEU D 275 46.92 15.11 39.18
N MET D 276 47.45 15.08 40.40
CA MET D 276 48.12 16.23 41.02
C MET D 276 49.45 16.58 40.32
N GLN D 277 50.36 15.61 40.24
CA GLN D 277 51.72 15.84 39.76
C GLN D 277 51.81 16.03 38.24
N GLN D 278 50.77 15.68 37.49
CA GLN D 278 50.66 15.88 36.03
C GLN D 278 49.49 16.80 35.66
N ASP D 279 49.10 17.72 36.54
CA ASP D 279 48.24 18.86 36.20
C ASP D 279 46.96 18.47 35.43
N SER D 280 46.20 17.49 35.95
CA SER D 280 45.07 16.86 35.26
C SER D 280 43.91 16.56 36.18
N LYS D 281 42.71 16.43 35.61
CA LYS D 281 41.49 15.95 36.29
C LYS D 281 40.95 14.71 35.62
N ALA D 282 40.03 14.00 36.27
CA ALA D 282 39.32 12.89 35.67
C ALA D 282 37.85 12.84 36.08
N LEU D 283 36.98 12.44 35.16
CA LEU D 283 35.55 12.20 35.38
C LEU D 283 35.31 10.69 35.43
N ARG D 284 34.72 10.19 36.50
CA ARG D 284 34.32 8.79 36.63
C ARG D 284 32.80 8.67 36.49
N VAL D 285 32.35 7.75 35.66
CA VAL D 285 30.95 7.34 35.58
C VAL D 285 30.78 5.92 36.10
N VAL D 286 29.77 5.64 36.92
CA VAL D 286 29.45 4.30 37.44
C VAL D 286 27.95 4.03 37.33
N PHE D 287 27.58 2.82 36.90
CA PHE D 287 26.20 2.32 36.86
C PHE D 287 26.13 0.86 37.32
N ARG D 288 25.11 0.49 38.12
CA ARG D 288 24.92 -0.89 38.61
C ARG D 288 23.55 -1.44 38.26
N VAL D 289 23.50 -2.62 37.65
CA VAL D 289 22.32 -3.15 36.94
C VAL D 289 22.26 -4.68 36.96
N GLY D 290 21.08 -5.27 37.08
CA GLY D 290 20.82 -6.69 36.90
C GLY D 290 19.88 -7.00 35.74
N PHE D 291 20.02 -8.17 35.12
CA PHE D 291 19.18 -8.64 34.02
C PHE D 291 18.55 -10.00 34.35
N GLN D 292 17.24 -10.14 34.15
CA GLN D 292 16.54 -11.42 34.24
C GLN D 292 15.57 -11.61 33.09
N VAL D 293 15.59 -12.78 32.45
CA VAL D 293 14.49 -13.25 31.59
C VAL D 293 13.79 -14.43 32.25
N ALA D 294 12.53 -14.24 32.62
CA ALA D 294 11.78 -15.12 33.50
C ALA D 294 10.92 -16.11 32.71
N ASN D 295 11.27 -17.40 32.68
CA ASN D 295 10.49 -18.44 32.02
C ASN D 295 9.86 -19.39 33.04
N PRO D 296 8.70 -19.02 33.63
CA PRO D 296 7.93 -19.92 34.50
C PRO D 296 7.65 -21.26 33.84
N MET D 297 7.28 -22.25 34.64
CA MET D 297 6.76 -23.50 34.13
C MET D 297 5.44 -23.27 33.40
N THR D 298 5.29 -23.85 32.21
CA THR D 298 4.03 -23.85 31.45
C THR D 298 3.53 -25.28 31.33
N ARG D 299 2.21 -25.47 31.26
CA ARG D 299 1.62 -26.81 31.08
C ARG D 299 2.03 -27.45 29.75
N LEU D 300 2.19 -26.65 28.70
CA LEU D 300 2.53 -27.08 27.35
C LEU D 300 3.99 -27.55 27.16
N ASN D 301 4.98 -26.93 27.81
CA ASN D 301 6.38 -27.35 27.68
C ASN D 301 7.12 -27.40 29.03
N PRO D 302 6.99 -28.47 29.82
CA PRO D 302 7.71 -28.61 31.09
C PRO D 302 9.24 -28.79 30.94
N ASN D 303 9.79 -28.98 29.73
CA ASN D 303 11.22 -29.20 29.52
C ASN D 303 12.00 -27.88 29.49
N GLU D 304 12.76 -27.60 30.54
CA GLU D 304 13.56 -26.37 30.72
C GLU D 304 14.52 -26.09 29.55
N ALA D 305 15.05 -27.13 28.91
CA ALA D 305 16.05 -27.01 27.86
C ALA D 305 15.49 -26.49 26.54
N THR D 306 14.18 -26.59 26.28
CA THR D 306 13.56 -26.16 25.02
C THR D 306 12.46 -25.12 25.19
N ARG D 307 11.92 -24.90 26.39
CA ARG D 307 10.99 -23.80 26.63
C ARG D 307 11.73 -22.47 26.64
N TYR D 308 11.26 -21.45 25.91
CA TYR D 308 11.81 -20.09 26.01
C TYR D 308 10.79 -18.99 25.63
N PRO D 309 10.82 -17.78 26.23
CA PRO D 309 9.80 -16.74 26.00
C PRO D 309 10.12 -15.75 24.86
N ALA D 310 11.06 -16.09 23.99
CA ALA D 310 11.54 -15.30 22.86
C ALA D 310 11.92 -16.19 21.69
N GLY D 311 11.90 -15.66 20.48
CA GLY D 311 12.28 -16.36 19.26
C GLY D 311 12.91 -15.43 18.24
N VAL D 312 13.71 -15.96 17.32
CA VAL D 312 14.54 -15.17 16.43
C VAL D 312 14.47 -15.63 14.98
N ILE D 313 14.52 -14.72 14.01
CA ILE D 313 14.75 -15.05 12.60
C ILE D 313 16.22 -14.76 12.28
N ILE D 314 16.96 -15.77 11.85
CA ILE D 314 18.37 -15.66 11.47
C ILE D 314 18.53 -15.55 9.96
N PRO D 315 19.62 -14.96 9.42
CA PRO D 315 19.87 -14.89 7.99
C PRO D 315 20.04 -16.26 7.34
N ALA D 316 19.85 -16.30 6.02
CA ALA D 316 20.03 -17.47 5.17
C ALA D 316 21.48 -17.95 5.09
N GLY D 317 21.66 -19.22 4.71
CA GLY D 317 22.97 -19.83 4.49
C GLY D 317 23.79 -20.05 5.76
N GLY D 318 25.11 -20.09 5.62
CA GLY D 318 26.03 -20.17 6.76
C GLY D 318 26.19 -18.84 7.48
N ALA E 1 -65.36 -9.55 -75.17
CA ALA E 1 -64.70 -9.25 -73.89
C ALA E 1 -64.00 -10.48 -73.33
N GLY E 2 -64.76 -11.46 -72.86
CA GLY E 2 -64.24 -12.68 -72.22
C GLY E 2 -64.27 -12.60 -70.70
N PHE E 3 -63.41 -13.38 -70.06
CA PHE E 3 -63.43 -13.61 -68.61
C PHE E 3 -62.24 -13.01 -67.86
N ALA E 4 -61.18 -12.62 -68.57
CA ALA E 4 -59.93 -12.16 -68.00
C ALA E 4 -59.93 -10.73 -67.43
N ASN E 5 -60.94 -9.91 -67.74
CA ASN E 5 -61.00 -8.50 -67.34
C ASN E 5 -61.12 -8.32 -65.83
N ILE E 6 -60.26 -7.49 -65.27
CA ILE E 6 -60.22 -7.09 -63.85
C ILE E 6 -59.74 -5.64 -63.78
N GLN E 7 -60.24 -4.84 -62.84
CA GLN E 7 -59.76 -3.48 -62.65
C GLN E 7 -58.35 -3.47 -62.05
N GLY E 8 -57.40 -2.77 -62.65
CA GLY E 8 -56.01 -2.67 -62.19
C GLY E 8 -55.66 -1.34 -61.54
N ARG E 9 -54.44 -1.20 -60.98
CA ARG E 9 -53.91 0.07 -60.46
C ARG E 9 -53.75 1.09 -61.57
N ALA E 10 -53.22 0.67 -62.71
CA ALA E 10 -52.93 1.51 -63.88
C ALA E 10 -54.17 2.01 -64.64
N ASP E 11 -55.38 1.63 -64.24
CA ASP E 11 -56.62 2.09 -64.85
C ASP E 11 -57.12 3.43 -64.30
N LEU E 12 -56.60 3.87 -63.15
CA LEU E 12 -56.94 5.13 -62.49
C LEU E 12 -55.78 6.12 -62.65
N SER E 13 -56.08 7.41 -62.83
CA SER E 13 -55.08 8.47 -62.78
C SER E 13 -54.50 8.65 -61.37
N ASP E 14 -53.31 9.24 -61.29
CA ASP E 14 -52.63 9.53 -60.03
C ASP E 14 -53.43 10.44 -59.10
N VAL E 15 -54.36 11.24 -59.59
CA VAL E 15 -55.23 12.09 -58.76
C VAL E 15 -56.10 11.27 -57.84
N HIS E 16 -56.52 10.08 -58.29
CA HIS E 16 -57.41 9.20 -57.55
C HIS E 16 -56.68 8.17 -56.70
N LEU E 17 -55.45 7.80 -57.06
CA LEU E 17 -54.53 6.99 -56.25
C LEU E 17 -53.30 7.81 -55.81
N PRO E 18 -53.47 8.85 -54.98
CA PRO E 18 -52.36 9.69 -54.56
C PRO E 18 -51.44 9.00 -53.54
N ASP E 19 -50.14 9.26 -53.58
CA ASP E 19 -49.22 8.93 -52.49
C ASP E 19 -49.54 9.78 -51.26
N GLN E 20 -49.46 9.23 -50.05
CA GLN E 20 -49.58 10.04 -48.83
C GLN E 20 -48.28 10.82 -48.62
N VAL E 21 -48.34 12.14 -48.39
CA VAL E 21 -47.14 12.96 -48.23
C VAL E 21 -46.93 13.33 -46.76
N ILE E 22 -45.71 13.12 -46.28
CA ILE E 22 -45.26 13.53 -44.94
C ILE E 22 -44.55 14.87 -45.07
N LYS E 23 -45.04 15.92 -44.40
CA LYS E 23 -44.67 17.30 -44.74
C LYS E 23 -43.24 17.70 -44.34
N ASP E 24 -42.74 17.21 -43.21
CA ASP E 24 -41.43 17.57 -42.64
C ASP E 24 -40.27 16.88 -43.36
N VAL E 25 -39.15 17.58 -43.55
CA VAL E 25 -37.96 17.04 -44.22
C VAL E 25 -37.23 16.04 -43.32
N LEU E 26 -36.89 14.87 -43.83
CA LEU E 26 -35.96 13.95 -43.18
C LEU E 26 -34.52 14.50 -43.28
N GLN E 27 -33.99 14.99 -42.18
CA GLN E 27 -32.63 15.53 -42.07
C GLN E 27 -32.11 15.44 -40.63
N THR E 28 -30.79 15.33 -40.45
CA THR E 28 -30.11 15.53 -39.16
C THR E 28 -29.73 17.00 -38.94
N ALA E 29 -29.77 17.48 -37.70
CA ALA E 29 -29.52 18.89 -37.34
C ALA E 29 -28.13 19.39 -37.79
N PRO E 30 -27.96 20.70 -38.06
CA PRO E 30 -26.66 21.22 -38.44
C PRO E 30 -25.66 21.16 -37.26
N GLU E 31 -24.46 20.64 -37.51
CA GLU E 31 -23.46 20.41 -36.46
C GLU E 31 -22.66 21.68 -36.15
N ALA E 32 -22.44 22.00 -34.88
CA ALA E 32 -21.64 23.14 -34.46
C ALA E 32 -20.14 22.94 -34.72
N SER E 33 -19.40 24.03 -34.96
CA SER E 33 -17.95 24.02 -35.21
C SER E 33 -17.11 23.83 -33.94
N VAL E 34 -15.89 23.34 -34.09
CA VAL E 34 -14.93 23.09 -33.02
C VAL E 34 -14.27 24.39 -32.54
N LEU E 35 -13.51 25.09 -33.40
CA LEU E 35 -12.68 26.22 -32.97
C LEU E 35 -13.49 27.39 -32.44
N LEU E 36 -14.62 27.72 -33.05
CA LEU E 36 -15.46 28.83 -32.59
C LEU E 36 -16.10 28.57 -31.21
N ASN E 37 -16.00 27.36 -30.65
CA ASN E 37 -16.47 27.02 -29.30
C ASN E 37 -15.33 26.71 -28.32
N ARG E 38 -14.22 26.09 -28.73
CA ARG E 38 -13.08 25.80 -27.84
C ARG E 38 -12.14 26.98 -27.66
N ALA E 39 -11.79 27.68 -28.74
CA ALA E 39 -10.75 28.70 -28.72
C ALA E 39 -11.19 29.94 -27.94
N ARG E 40 -10.22 30.69 -27.40
CA ARG E 40 -10.48 32.00 -26.78
C ARG E 40 -10.88 33.01 -27.86
N LYS E 41 -11.89 33.83 -27.63
CA LYS E 41 -12.42 34.76 -28.64
C LYS E 41 -12.14 36.22 -28.31
N VAL E 42 -11.55 36.94 -29.28
CA VAL E 42 -11.22 38.38 -29.18
C VAL E 42 -11.92 39.15 -30.29
N ARG E 43 -12.40 40.36 -30.01
CA ARG E 43 -12.86 41.29 -31.05
C ARG E 43 -11.66 41.96 -31.72
N MET E 44 -11.51 41.81 -33.02
CA MET E 44 -10.57 42.61 -33.79
C MET E 44 -11.23 43.93 -34.23
N SER E 45 -10.48 45.03 -34.25
CA SER E 45 -10.90 46.35 -34.75
C SER E 45 -10.01 46.85 -35.89
N SER E 46 -9.21 45.96 -36.48
CA SER E 46 -8.32 46.20 -37.61
C SER E 46 -8.07 44.89 -38.36
N LYS E 47 -7.55 44.93 -39.58
CA LYS E 47 -7.18 43.70 -40.32
C LYS E 47 -6.06 42.92 -39.62
N LYS E 48 -5.18 43.58 -38.87
CA LYS E 48 -4.05 42.97 -38.17
C LYS E 48 -3.97 43.40 -36.72
N THR E 49 -3.53 42.47 -35.87
CA THR E 49 -3.18 42.69 -34.46
C THR E 49 -1.72 42.35 -34.24
N LYS E 50 -1.04 43.07 -33.35
CA LYS E 50 0.37 42.93 -32.96
C LYS E 50 0.50 42.78 -31.45
N GLN E 51 1.40 41.93 -30.97
CA GLN E 51 1.75 41.83 -29.56
C GLN E 51 3.26 41.58 -29.39
N PRO E 52 3.95 42.19 -28.41
CA PRO E 52 5.34 41.89 -28.12
C PRO E 52 5.51 40.55 -27.40
N VAL E 53 6.62 39.86 -27.65
CA VAL E 53 6.97 38.59 -26.97
C VAL E 53 8.40 38.63 -26.43
N LEU E 54 8.62 38.10 -25.24
CA LEU E 54 9.97 37.87 -24.73
C LEU E 54 10.64 36.76 -25.53
N ALA E 55 11.84 36.98 -26.07
CA ALA E 55 12.44 36.06 -27.06
C ALA E 55 13.85 35.54 -26.73
N SER E 56 14.43 35.95 -25.61
CA SER E 56 15.71 35.49 -25.10
C SER E 56 15.81 35.75 -23.59
N LEU E 57 16.84 35.22 -22.92
CA LEU E 57 17.08 35.44 -21.48
C LEU E 57 18.53 35.88 -21.22
N PRO E 58 18.78 36.75 -20.23
CA PRO E 58 20.12 37.07 -19.77
C PRO E 58 20.75 35.87 -19.06
N ASP E 59 21.97 35.50 -19.40
CA ASP E 59 22.82 34.61 -18.58
C ASP E 59 23.58 35.38 -17.49
N ALA E 60 24.07 34.69 -16.48
CA ALA E 60 25.02 35.16 -15.45
C ALA E 60 26.19 34.15 -15.32
N TYR E 61 27.35 34.59 -14.84
CA TYR E 61 28.60 33.83 -14.93
C TYR E 61 29.38 33.81 -13.60
N TRP E 62 30.15 32.75 -13.34
CA TRP E 62 31.07 32.68 -12.21
C TRP E 62 32.28 33.59 -12.46
N VAL E 63 32.68 34.39 -11.48
CA VAL E 63 33.85 35.25 -11.57
C VAL E 63 35.10 34.47 -11.15
N ASP E 64 36.20 34.57 -11.89
CA ASP E 64 37.42 33.80 -11.61
C ASP E 64 38.29 34.43 -10.50
N GLY E 65 37.83 34.33 -9.25
CA GLY E 65 38.49 34.89 -8.07
C GLY E 65 38.31 36.41 -7.92
N ASP E 66 38.93 36.98 -6.89
CA ASP E 66 38.91 38.43 -6.65
C ASP E 66 39.58 39.16 -7.81
N THR E 67 38.98 40.26 -8.25
CA THR E 67 39.40 41.06 -9.41
C THR E 67 39.41 40.30 -10.74
N GLY E 68 38.66 39.20 -10.85
CA GLY E 68 38.31 38.62 -12.14
C GLY E 68 37.40 39.57 -12.94
N LEU E 69 37.64 39.74 -14.23
CA LEU E 69 36.90 40.70 -15.05
C LEU E 69 35.47 40.22 -15.33
N LYS E 70 34.49 40.86 -14.71
CA LYS E 70 33.05 40.62 -14.93
C LYS E 70 32.69 40.85 -16.40
N GLN E 71 31.60 40.27 -16.87
CA GLN E 71 31.22 40.30 -18.28
C GLN E 71 29.73 40.58 -18.50
N THR E 72 29.35 40.84 -19.73
CA THR E 72 28.08 41.47 -20.10
C THR E 72 27.02 40.51 -20.61
N THR E 73 25.77 40.93 -20.57
CA THR E 73 24.62 40.13 -21.01
C THR E 73 23.51 40.99 -21.60
N LYS E 74 22.65 40.40 -22.40
CA LYS E 74 21.61 41.08 -23.20
C LYS E 74 20.27 40.34 -23.11
N ASN E 75 19.18 41.09 -23.25
CA ASN E 75 17.81 40.59 -23.35
C ASN E 75 17.16 41.06 -24.66
N ILE E 76 16.25 40.29 -25.26
CA ILE E 76 15.68 40.52 -26.59
C ILE E 76 14.18 40.24 -26.59
N TRP E 77 13.43 41.01 -27.37
CA TRP E 77 12.00 40.84 -27.63
C TRP E 77 11.74 40.73 -29.14
N SER E 78 10.60 40.14 -29.51
CA SER E 78 10.08 40.08 -30.88
C SER E 78 8.59 40.42 -30.90
N ASN E 79 7.90 40.19 -32.01
CA ASN E 79 6.44 40.39 -32.17
C ASN E 79 5.74 39.12 -32.71
N VAL E 80 4.47 38.96 -32.35
CA VAL E 80 3.53 38.01 -32.97
C VAL E 80 2.30 38.73 -33.54
N PHE E 81 1.76 38.17 -34.62
CA PHE E 81 0.70 38.76 -35.43
C PHE E 81 -0.52 37.84 -35.55
N MET E 82 -1.71 38.41 -35.55
CA MET E 82 -2.94 37.77 -36.01
C MET E 82 -3.50 38.57 -37.20
N THR E 83 -3.83 37.94 -38.33
CA THR E 83 -4.43 38.58 -39.50
C THR E 83 -5.86 38.08 -39.73
N ALA E 84 -6.83 38.98 -39.86
CA ALA E 84 -8.20 38.64 -40.26
C ALA E 84 -8.27 38.25 -41.74
N GLU E 85 -9.06 37.24 -42.08
CA GLU E 85 -9.33 36.78 -43.42
C GLU E 85 -10.83 36.63 -43.67
N GLU E 86 -11.27 36.75 -44.92
CA GLU E 86 -12.68 36.74 -45.30
C GLU E 86 -13.09 35.45 -46.01
N LEU E 87 -14.22 34.85 -45.61
CA LEU E 87 -14.88 33.81 -46.41
C LEU E 87 -16.34 34.12 -46.64
N ALA E 88 -16.78 33.83 -47.86
CA ALA E 88 -18.04 34.30 -48.42
C ALA E 88 -18.56 33.41 -49.54
N VAL E 89 -19.87 33.44 -49.78
CA VAL E 89 -20.53 32.76 -50.89
C VAL E 89 -21.83 33.48 -51.25
N ILE E 90 -22.29 33.30 -52.49
CA ILE E 90 -23.56 33.82 -53.01
C ILE E 90 -24.50 32.67 -53.41
N VAL E 91 -25.77 32.71 -53.01
CA VAL E 91 -26.81 31.73 -53.40
C VAL E 91 -27.89 32.42 -54.23
N PRO E 92 -27.91 32.26 -55.57
CA PRO E 92 -28.88 32.89 -56.46
C PRO E 92 -30.11 32.02 -56.76
N ILE E 93 -31.32 32.57 -56.69
CA ILE E 93 -32.58 31.82 -56.92
C ILE E 93 -33.56 32.62 -57.81
N PRO E 94 -34.23 32.01 -58.81
CA PRO E 94 -35.24 32.69 -59.63
C PRO E 94 -36.49 33.10 -58.86
N ASP E 95 -37.07 34.24 -59.17
CA ASP E 95 -38.32 34.74 -58.58
C ASP E 95 -39.49 33.77 -58.75
N ALA E 96 -39.61 33.16 -59.93
CA ALA E 96 -40.61 32.14 -60.22
C ALA E 96 -40.53 30.95 -59.28
N LEU E 97 -39.33 30.49 -58.97
CA LEU E 97 -39.08 29.33 -58.12
C LEU E 97 -39.39 29.63 -56.65
N ILE E 98 -39.02 30.81 -56.14
CA ILE E 98 -39.44 31.28 -54.81
C ILE E 98 -40.97 31.34 -54.69
N ALA E 99 -41.68 31.68 -55.77
CA ALA E 99 -43.14 31.74 -55.78
C ALA E 99 -43.79 30.36 -55.92
N ASP E 100 -43.22 29.44 -56.70
CA ASP E 100 -43.72 28.08 -56.88
C ASP E 100 -43.54 27.18 -55.66
N SER E 101 -42.41 27.31 -54.94
CA SER E 101 -42.04 26.40 -53.83
C SER E 101 -42.81 26.67 -52.54
N ASP E 102 -43.49 25.66 -51.98
CA ASP E 102 -44.15 25.79 -50.65
C ASP E 102 -43.02 25.97 -49.63
N LEU E 103 -41.89 25.28 -49.82
CA LEU E 103 -40.72 25.35 -48.91
C LEU E 103 -40.19 26.81 -48.93
N PRO E 104 -39.98 27.51 -47.79
CA PRO E 104 -39.46 28.88 -47.78
C PRO E 104 -37.92 28.94 -47.87
N LEU E 105 -37.41 28.93 -49.09
CA LEU E 105 -36.02 28.58 -49.38
C LEU E 105 -34.95 29.51 -48.75
N TRP E 106 -35.23 30.77 -48.47
CA TRP E 106 -34.24 31.61 -47.78
C TRP E 106 -34.07 31.20 -46.32
N ASP E 107 -35.17 30.97 -45.59
CA ASP E 107 -35.11 30.52 -44.20
C ASP E 107 -34.48 29.13 -44.07
N GLU E 108 -34.63 28.26 -45.06
CA GLU E 108 -33.97 26.95 -45.06
C GLU E 108 -32.46 27.02 -45.27
N VAL E 109 -32.00 27.86 -46.20
CA VAL E 109 -30.58 27.89 -46.58
C VAL E 109 -29.71 28.63 -45.56
N LYS E 110 -30.24 29.57 -44.77
CA LYS E 110 -29.43 30.31 -43.78
C LYS E 110 -28.71 29.41 -42.75
N PRO E 111 -29.37 28.51 -41.98
CA PRO E 111 -28.66 27.61 -41.06
C PRO E 111 -27.61 26.73 -41.73
N LEU E 112 -27.92 26.24 -42.92
CA LEU E 112 -27.05 25.39 -43.73
C LEU E 112 -25.79 26.14 -44.18
N LEU E 113 -25.90 27.44 -44.45
CA LEU E 113 -24.76 28.31 -44.71
C LEU E 113 -23.94 28.59 -43.46
N VAL E 114 -24.56 28.89 -42.31
CA VAL E 114 -23.83 29.10 -41.05
C VAL E 114 -22.99 27.88 -40.67
N GLU E 115 -23.49 26.65 -40.82
CA GLU E 115 -22.64 25.48 -40.55
C GLU E 115 -21.54 25.29 -41.61
N ALA E 116 -21.76 25.63 -42.86
CA ALA E 116 -20.76 25.55 -43.92
C ALA E 116 -19.61 26.53 -43.72
N ILE E 117 -19.89 27.73 -43.18
CA ILE E 117 -18.88 28.68 -42.74
C ILE E 117 -18.03 28.06 -41.62
N GLY E 118 -18.68 27.55 -40.56
CA GLY E 118 -17.99 26.90 -39.43
C GLY E 118 -17.07 25.74 -39.84
N LYS E 119 -17.55 24.80 -40.65
CA LYS E 119 -16.74 23.68 -41.17
C LYS E 119 -15.49 24.18 -41.86
N LYS E 120 -15.59 25.22 -42.68
CA LYS E 120 -14.48 25.75 -43.47
C LYS E 120 -13.39 26.38 -42.59
N VAL E 121 -13.76 26.96 -41.44
CA VAL E 121 -12.82 27.46 -40.43
C VAL E 121 -12.07 26.30 -39.76
N ASP E 122 -12.77 25.32 -39.20
CA ASP E 122 -12.16 24.17 -38.51
C ASP E 122 -11.20 23.39 -39.42
N ASP E 123 -11.60 23.13 -40.66
CA ASP E 123 -10.80 22.40 -41.64
C ASP E 123 -9.47 23.11 -41.93
N ALA E 124 -9.45 24.44 -41.87
CA ALA E 124 -8.26 25.26 -42.04
C ALA E 124 -7.41 25.31 -40.77
N GLY E 125 -8.00 25.68 -39.64
CA GLY E 125 -7.27 25.92 -38.40
C GLY E 125 -6.74 24.66 -37.72
N ILE E 126 -7.47 23.54 -37.76
CA ILE E 126 -7.04 22.26 -37.19
C ILE E 126 -6.23 21.45 -38.20
N PHE E 127 -6.82 21.05 -39.33
CA PHE E 127 -6.19 20.12 -40.27
C PHE E 127 -5.32 20.78 -41.35
N GLY E 128 -5.40 22.10 -41.53
CA GLY E 128 -4.58 22.82 -42.51
C GLY E 128 -5.01 22.67 -43.95
N ASN E 129 -6.28 22.37 -44.24
CA ASN E 129 -6.79 22.22 -45.60
C ASN E 129 -7.37 23.53 -46.14
N ASP E 130 -7.00 23.89 -47.37
CA ASP E 130 -7.44 25.12 -48.04
C ASP E 130 -7.23 26.39 -47.19
N LYS E 131 -6.13 26.42 -46.41
CA LYS E 131 -5.82 27.46 -45.43
C LYS E 131 -5.37 28.78 -46.09
N PRO E 132 -5.82 29.97 -45.63
CA PRO E 132 -5.28 31.25 -46.07
C PRO E 132 -3.77 31.39 -45.83
N ALA E 133 -3.00 31.94 -46.78
CA ALA E 133 -1.54 32.03 -46.67
C ALA E 133 -1.03 32.96 -45.53
N SER E 134 -1.87 33.85 -45.01
CA SER E 134 -1.54 34.72 -43.87
C SER E 134 -1.68 34.05 -42.50
N TRP E 135 -2.39 32.92 -42.40
CA TRP E 135 -2.62 32.20 -41.14
C TRP E 135 -1.41 31.34 -40.73
N PRO E 136 -1.15 31.17 -39.42
CA PRO E 136 -0.06 30.34 -38.90
C PRO E 136 -0.24 28.86 -39.24
N ALA E 137 0.80 28.04 -39.02
CA ALA E 137 0.69 26.59 -39.18
C ALA E 137 -0.50 26.03 -38.37
N ALA E 138 -1.30 25.19 -39.00
CA ALA E 138 -2.51 24.62 -38.42
C ALA E 138 -2.19 23.67 -37.26
N LEU E 139 -3.14 23.49 -36.35
CA LEU E 139 -2.89 22.88 -35.04
C LEU E 139 -2.39 21.43 -35.09
N ILE E 140 -2.78 20.62 -36.07
CA ILE E 140 -2.28 19.24 -36.24
C ILE E 140 -0.96 19.19 -37.03
N PRO E 141 -0.81 19.81 -38.21
CA PRO E 141 0.46 19.87 -38.93
C PRO E 141 1.60 20.57 -38.15
N GLY E 142 1.29 21.57 -37.34
CA GLY E 142 2.24 22.23 -36.45
C GLY E 142 2.80 21.31 -35.37
N ALA E 143 1.94 20.57 -34.68
CA ALA E 143 2.34 19.59 -33.68
C ALA E 143 3.20 18.46 -34.27
N ILE E 144 2.86 17.97 -35.46
CA ILE E 144 3.66 16.95 -36.17
C ILE E 144 5.03 17.50 -36.57
N ALA E 145 5.10 18.75 -37.03
CA ALA E 145 6.36 19.40 -37.41
C ALA E 145 7.28 19.69 -36.22
N ALA E 146 6.74 20.11 -35.06
CA ALA E 146 7.51 20.23 -33.83
C ALA E 146 8.07 18.90 -33.31
N GLY E 147 7.47 17.76 -33.66
CA GLY E 147 7.81 16.45 -33.13
C GLY E 147 6.95 16.03 -31.93
N ASN E 148 5.87 16.74 -31.63
CA ASN E 148 4.91 16.39 -30.58
C ASN E 148 3.91 15.36 -31.09
N SER E 149 4.42 14.20 -31.47
CA SER E 149 3.69 13.15 -32.14
C SER E 149 3.99 11.78 -31.53
N VAL E 150 2.95 10.99 -31.27
CA VAL E 150 3.05 9.60 -30.79
C VAL E 150 2.42 8.67 -31.83
N THR E 151 3.14 7.69 -32.33
CA THR E 151 2.49 6.64 -33.15
C THR E 151 1.73 5.66 -32.26
N LEU E 152 0.47 5.42 -32.57
CA LEU E 152 -0.39 4.46 -31.87
C LEU E 152 0.21 3.05 -31.87
N GLY E 153 0.18 2.38 -30.73
CA GLY E 153 0.67 1.00 -30.59
C GLY E 153 2.18 0.86 -30.51
N THR E 154 2.92 1.95 -30.26
CA THR E 154 4.34 1.88 -29.88
C THR E 154 4.52 1.40 -28.44
N GLY E 155 3.56 1.67 -27.55
CA GLY E 155 3.46 1.13 -26.18
C GLY E 155 2.42 0.04 -25.99
N ASP E 156 2.14 -0.35 -24.75
CA ASP E 156 1.22 -1.45 -24.43
C ASP E 156 -0.26 -1.20 -24.78
N ASP E 157 -0.78 0.01 -24.60
CA ASP E 157 -2.17 0.37 -24.84
C ASP E 157 -2.33 1.86 -25.17
N ILE E 158 -3.46 2.26 -25.75
CA ILE E 158 -3.78 3.67 -26.05
C ILE E 158 -3.53 4.57 -24.83
N GLY E 159 -3.75 4.11 -23.60
CA GLY E 159 -3.55 4.93 -22.40
C GLY E 159 -2.09 5.29 -22.12
N VAL E 160 -1.10 4.51 -22.55
CA VAL E 160 0.32 4.89 -22.42
C VAL E 160 0.77 5.80 -23.54
N ASP E 161 0.16 5.70 -24.71
CA ASP E 161 0.40 6.64 -25.79
C ASP E 161 -0.19 8.01 -25.44
N VAL E 162 -1.39 8.06 -24.89
CA VAL E 162 -1.97 9.29 -24.35
C VAL E 162 -1.12 9.86 -23.22
N ALA E 163 -0.57 9.04 -22.31
CA ALA E 163 0.34 9.53 -21.28
C ALA E 163 1.65 10.05 -21.87
N THR E 164 2.17 9.45 -22.92
CA THR E 164 3.36 9.93 -23.64
C THR E 164 3.14 11.28 -24.32
N LEU E 165 1.95 11.53 -24.86
CA LEU E 165 1.55 12.85 -25.33
C LEU E 165 1.55 13.86 -24.18
N GLY E 166 0.97 13.53 -23.02
CA GLY E 166 1.01 14.38 -21.82
C GLY E 166 2.44 14.70 -21.34
N GLU E 167 3.34 13.72 -21.39
CA GLU E 167 4.74 13.93 -21.06
C GLU E 167 5.44 14.86 -22.07
N GLN E 168 5.23 14.70 -23.37
CA GLN E 168 5.84 15.56 -24.39
C GLN E 168 5.50 17.03 -24.21
N LEU E 169 4.25 17.38 -23.89
CA LEU E 169 3.86 18.75 -23.59
C LEU E 169 4.57 19.28 -22.35
N ALA E 170 4.70 18.48 -21.30
CA ALA E 170 5.41 18.84 -20.09
C ALA E 170 6.94 19.03 -20.31
N LEU E 171 7.54 18.33 -21.26
CA LEU E 171 8.93 18.54 -21.68
C LEU E 171 9.11 19.79 -22.56
N ASP E 172 8.04 20.40 -23.04
CA ASP E 172 8.03 21.74 -23.63
C ASP E 172 7.66 22.83 -22.63
N GLY E 173 7.13 22.48 -21.46
CA GLY E 173 6.71 23.40 -20.42
C GLY E 173 5.24 23.81 -20.45
N PHE E 174 4.42 23.18 -21.29
CA PHE E 174 2.98 23.37 -21.35
C PHE E 174 2.23 22.29 -20.57
N SER E 175 1.05 22.60 -20.02
CA SER E 175 0.19 21.66 -19.31
C SER E 175 -1.01 21.29 -20.16
N ILE E 176 -1.23 19.99 -20.38
CA ILE E 176 -2.40 19.50 -21.10
C ILE E 176 -3.70 19.89 -20.38
N ASN E 177 -4.65 20.43 -21.13
CA ASN E 177 -5.82 21.15 -20.61
C ASN E 177 -7.14 20.53 -21.10
N GLY E 178 -7.08 19.69 -22.13
CA GLY E 178 -8.23 19.03 -22.73
C GLY E 178 -7.89 18.50 -24.11
N PHE E 179 -8.84 17.82 -24.73
CA PHE E 179 -8.66 17.09 -25.98
C PHE E 179 -9.74 17.45 -27.00
N ILE E 180 -9.50 17.08 -28.26
CA ILE E 180 -10.53 16.81 -29.26
C ILE E 180 -10.16 15.50 -29.98
N SER E 181 -11.14 14.73 -30.43
CA SER E 181 -10.89 13.34 -30.86
C SER E 181 -11.72 12.88 -32.05
N ARG E 182 -11.26 11.81 -32.71
CA ARG E 182 -11.93 11.22 -33.87
C ARG E 182 -13.36 10.75 -33.55
N PRO E 183 -14.24 10.54 -34.54
CA PRO E 183 -15.54 9.94 -34.33
C PRO E 183 -15.46 8.53 -33.73
N GLY E 184 -16.32 8.21 -32.77
CA GLY E 184 -16.46 6.86 -32.21
C GLY E 184 -15.35 6.37 -31.28
N LEU E 185 -14.44 7.24 -30.81
CA LEU E 185 -13.38 6.86 -29.89
C LEU E 185 -13.91 6.33 -28.55
N HIS E 186 -15.03 6.84 -28.03
CA HIS E 186 -15.58 6.36 -26.75
C HIS E 186 -15.91 4.87 -26.75
N TRP E 187 -16.67 4.36 -27.72
CA TRP E 187 -16.93 2.93 -27.82
C TRP E 187 -15.67 2.14 -28.19
N SER E 188 -14.64 2.77 -28.76
CA SER E 188 -13.35 2.12 -28.94
C SER E 188 -12.63 1.93 -27.62
N LEU E 189 -12.80 2.85 -26.66
CA LEU E 189 -12.24 2.76 -25.32
C LEU E 189 -13.00 1.73 -24.48
N VAL E 190 -14.33 1.64 -24.48
CA VAL E 190 -15.01 0.59 -23.69
C VAL E 190 -14.72 -0.83 -24.20
N GLY E 191 -14.28 -0.99 -25.45
CA GLY E 191 -13.79 -2.25 -26.01
C GLY E 191 -12.31 -2.53 -25.77
N LEU E 192 -11.60 -1.69 -25.04
CA LEU E 192 -10.16 -1.79 -24.82
C LEU E 192 -9.83 -2.93 -23.84
N ARG E 193 -9.10 -3.94 -24.29
CA ARG E 193 -8.58 -5.05 -23.47
C ARG E 193 -7.06 -5.09 -23.51
N ASN E 194 -6.41 -5.33 -22.38
CA ASN E 194 -4.96 -5.59 -22.34
C ASN E 194 -4.60 -6.99 -22.86
N ALA E 195 -3.31 -7.33 -22.95
CA ALA E 195 -2.84 -8.63 -23.46
C ALA E 195 -3.25 -9.84 -22.60
N GLN E 196 -3.62 -9.62 -21.33
CA GLN E 196 -4.21 -10.60 -20.41
C GLN E 196 -5.75 -10.67 -20.52
N GLY E 197 -6.37 -9.84 -21.36
CA GLY E 197 -7.80 -9.85 -21.67
C GLY E 197 -8.67 -9.10 -20.66
N GLN E 198 -8.10 -8.32 -19.76
CA GLN E 198 -8.85 -7.49 -18.79
C GLN E 198 -9.18 -6.13 -19.41
N PRO E 199 -10.27 -5.45 -19.01
CA PRO E 199 -10.51 -4.07 -19.38
C PRO E 199 -9.44 -3.10 -18.83
N ILE E 200 -9.32 -1.91 -19.41
CA ILE E 200 -8.42 -0.84 -18.94
C ILE E 200 -9.12 0.51 -18.77
N TYR E 201 -10.11 0.82 -19.61
CA TYR E 201 -10.83 2.09 -19.56
C TYR E 201 -11.60 2.28 -18.25
N THR E 202 -11.98 1.19 -17.61
CA THR E 202 -12.47 1.15 -16.23
C THR E 202 -11.72 0.06 -15.45
N PRO E 203 -11.57 0.15 -14.12
CA PRO E 203 -10.80 -0.82 -13.36
C PRO E 203 -11.43 -2.24 -13.41
N PRO E 204 -10.66 -3.33 -13.59
CA PRO E 204 -11.23 -4.67 -13.73
C PRO E 204 -12.05 -5.18 -12.57
N LEU E 205 -11.72 -4.82 -11.32
CA LEU E 205 -12.42 -5.34 -10.16
C LEU E 205 -13.86 -4.83 -10.00
N SER E 206 -14.13 -3.57 -10.33
CA SER E 206 -15.42 -2.92 -10.09
C SER E 206 -16.27 -2.69 -11.34
N THR E 207 -15.90 -3.25 -12.50
CA THR E 207 -16.72 -3.17 -13.73
C THR E 207 -16.86 -4.50 -14.47
N GLY E 208 -18.07 -4.83 -14.88
CA GLY E 208 -18.41 -5.98 -15.71
C GLY E 208 -19.46 -5.62 -16.74
N LEU E 209 -19.74 -6.53 -17.67
CA LEU E 209 -20.50 -6.24 -18.90
C LEU E 209 -21.93 -5.71 -18.69
N ASN E 210 -22.54 -5.94 -17.53
CA ASN E 210 -23.90 -5.55 -17.23
C ASN E 210 -24.12 -4.03 -17.10
N GLY E 211 -23.18 -3.30 -16.50
CA GLY E 211 -23.39 -1.92 -16.04
C GLY E 211 -23.18 -0.87 -17.11
N ALA E 212 -23.79 0.30 -16.95
CA ALA E 212 -23.60 1.43 -17.85
C ALA E 212 -22.12 1.87 -17.91
N PRO E 213 -21.54 2.17 -19.09
CA PRO E 213 -20.19 2.74 -19.17
C PRO E 213 -20.11 4.13 -18.55
N PRO E 214 -18.91 4.67 -18.28
CA PRO E 214 -18.75 6.01 -17.73
C PRO E 214 -19.08 7.10 -18.77
N THR E 215 -19.27 8.33 -18.30
CA THR E 215 -19.38 9.53 -19.16
C THR E 215 -18.11 9.68 -20.00
N PRO E 216 -18.15 10.04 -21.30
CA PRO E 216 -16.95 10.03 -22.13
C PRO E 216 -15.88 11.03 -21.67
N ALA E 217 -14.76 10.50 -21.21
CA ALA E 217 -13.63 11.23 -20.64
C ALA E 217 -12.34 10.40 -20.74
N LEU E 218 -11.20 11.03 -20.54
CA LEU E 218 -9.88 10.43 -20.64
C LEU E 218 -8.90 11.19 -19.72
N TYR E 219 -8.26 10.51 -18.79
CA TYR E 219 -7.51 11.07 -17.67
C TYR E 219 -8.21 12.26 -16.99
N GLY E 220 -9.53 12.18 -16.83
CA GLY E 220 -10.33 13.21 -16.16
C GLY E 220 -10.79 14.38 -17.04
N PHE E 221 -10.38 14.46 -18.30
CA PHE E 221 -10.78 15.51 -19.25
C PHE E 221 -11.87 14.98 -20.20
N PRO E 222 -12.94 15.75 -20.52
CA PRO E 222 -13.98 15.33 -21.46
C PRO E 222 -13.42 15.01 -22.86
N LEU E 223 -14.02 14.05 -23.54
CA LEU E 223 -13.40 13.43 -24.72
C LEU E 223 -13.59 14.22 -26.02
N ASN E 224 -14.67 15.00 -26.11
CA ASN E 224 -15.03 15.91 -27.22
C ASN E 224 -14.75 15.32 -28.61
N GLU E 225 -15.46 14.26 -28.99
CA GLU E 225 -15.38 13.67 -30.32
C GLU E 225 -15.96 14.62 -31.37
N VAL E 226 -15.27 14.79 -32.49
CA VAL E 226 -15.61 15.77 -33.52
C VAL E 226 -16.60 15.18 -34.54
N THR E 227 -17.90 15.39 -34.33
CA THR E 227 -18.99 14.76 -35.11
C THR E 227 -19.45 15.51 -36.37
N SER E 228 -18.89 16.68 -36.68
CA SER E 228 -19.27 17.50 -37.85
C SER E 228 -18.74 17.00 -39.20
N GLY E 229 -18.05 15.85 -39.26
CA GLY E 229 -17.49 15.31 -40.51
C GLY E 229 -16.23 16.02 -41.02
N VAL E 230 -15.71 17.01 -40.29
CA VAL E 230 -14.44 17.69 -40.62
C VAL E 230 -13.19 16.88 -40.27
N TRP E 231 -13.27 15.99 -39.29
CA TRP E 231 -12.12 15.19 -38.83
C TRP E 231 -11.61 14.20 -39.86
N ASP E 232 -10.29 14.11 -40.05
CA ASP E 232 -9.67 13.09 -40.89
C ASP E 232 -9.04 11.98 -40.02
N ALA E 233 -9.73 10.85 -39.91
CA ALA E 233 -9.31 9.73 -39.06
C ALA E 233 -8.12 8.94 -39.64
N ASP E 234 -7.75 9.21 -40.88
CA ASP E 234 -6.51 8.73 -41.52
C ASP E 234 -5.28 9.57 -41.15
N GLU E 235 -5.49 10.72 -40.49
CA GLU E 235 -4.46 11.69 -40.14
C GLU E 235 -4.16 11.70 -38.63
N ALA E 236 -5.18 11.63 -37.77
CA ALA E 236 -5.02 11.69 -36.34
C ALA E 236 -6.14 10.96 -35.58
N ILE E 237 -5.83 10.43 -34.40
CA ILE E 237 -6.80 9.84 -33.47
C ILE E 237 -7.29 10.87 -32.46
N LEU E 238 -6.37 11.68 -31.96
CA LEU E 238 -6.55 12.55 -30.81
C LEU E 238 -5.60 13.74 -30.94
N LEU E 239 -6.05 14.92 -30.53
CA LEU E 239 -5.26 16.13 -30.37
C LEU E 239 -5.46 16.61 -28.93
N GLY E 240 -4.39 16.72 -28.16
CA GLY E 240 -4.35 17.32 -26.83
C GLY E 240 -3.55 18.61 -26.83
N ALA E 241 -4.01 19.63 -26.11
CA ALA E 241 -3.40 20.96 -26.17
C ALA E 241 -3.61 21.74 -24.88
N ASP E 242 -2.91 22.87 -24.75
CA ASP E 242 -3.37 23.96 -23.89
C ASP E 242 -4.30 24.91 -24.66
N TRP E 243 -5.61 24.65 -24.59
CA TRP E 243 -6.63 25.44 -25.27
C TRP E 243 -6.70 26.91 -24.86
N SER E 244 -6.09 27.32 -23.74
CA SER E 244 -5.97 28.73 -23.38
C SER E 244 -5.07 29.51 -24.35
N LYS E 245 -4.24 28.80 -25.14
CA LYS E 245 -3.28 29.34 -26.11
C LYS E 245 -3.71 29.23 -27.57
N VAL E 246 -4.97 28.89 -27.83
CA VAL E 246 -5.58 28.89 -29.16
C VAL E 246 -6.60 30.01 -29.22
N VAL E 247 -6.46 30.94 -30.18
CA VAL E 247 -7.23 32.19 -30.24
C VAL E 247 -7.90 32.37 -31.59
N ILE E 248 -9.19 32.71 -31.58
CA ILE E 248 -9.98 33.11 -32.74
C ILE E 248 -10.30 34.60 -32.59
N GLY E 249 -9.96 35.40 -33.59
CA GLY E 249 -10.30 36.81 -33.66
C GLY E 249 -11.51 37.03 -34.56
N ILE E 250 -12.63 37.49 -34.01
CA ILE E 250 -13.81 37.82 -34.82
C ILE E 250 -13.68 39.26 -35.30
N ARG E 251 -13.46 39.47 -36.60
CA ARG E 251 -13.37 40.82 -37.18
C ARG E 251 -14.74 41.32 -37.66
N GLN E 252 -15.51 40.47 -38.33
CA GLN E 252 -16.89 40.74 -38.75
C GLN E 252 -17.72 39.49 -38.51
N ASP E 253 -18.79 39.59 -37.74
CA ASP E 253 -19.71 38.47 -37.49
C ASP E 253 -20.53 38.11 -38.74
N ILE E 254 -21.10 36.90 -38.80
CA ILE E 254 -21.76 36.37 -40.00
C ILE E 254 -22.91 37.29 -40.43
N THR E 255 -22.75 37.94 -41.58
CA THR E 255 -23.64 38.98 -42.11
C THR E 255 -24.36 38.45 -43.35
N PHE E 256 -25.69 38.66 -43.45
CA PHE E 256 -26.48 38.34 -44.65
C PHE E 256 -26.96 39.60 -45.39
N ASP E 257 -26.83 39.61 -46.72
CA ASP E 257 -27.43 40.61 -47.62
C ASP E 257 -28.25 39.92 -48.71
N LEU E 258 -29.39 40.47 -49.10
CA LEU E 258 -30.26 39.97 -50.16
C LEU E 258 -30.38 41.00 -51.29
N PHE E 259 -30.03 40.62 -52.51
CA PHE E 259 -29.95 41.49 -53.69
C PHE E 259 -31.03 41.18 -54.72
N SER E 260 -31.76 42.19 -55.16
CA SER E 260 -32.73 42.14 -56.26
C SER E 260 -32.22 42.71 -57.59
N GLU E 261 -31.09 43.40 -57.57
CA GLU E 261 -30.49 44.11 -58.71
C GLU E 261 -28.99 43.80 -58.75
N GLY E 262 -28.39 43.79 -59.93
CA GLY E 262 -26.97 43.50 -60.08
C GLY E 262 -26.67 42.30 -60.95
N VAL E 263 -25.46 41.77 -60.84
CA VAL E 263 -24.89 40.83 -61.80
C VAL E 263 -23.99 39.84 -61.09
N ILE E 264 -23.98 38.58 -61.54
CA ILE E 264 -22.92 37.62 -61.24
C ILE E 264 -21.97 37.67 -62.42
N SER E 265 -20.68 37.85 -62.17
CA SER E 265 -19.66 38.10 -63.20
C SER E 265 -18.69 36.94 -63.31
N ASP E 266 -18.26 36.64 -64.53
CA ASP E 266 -17.08 35.82 -64.80
C ASP E 266 -15.80 36.53 -64.33
N SER E 267 -14.68 35.83 -64.22
CA SER E 267 -13.37 36.42 -63.93
C SER E 267 -12.92 37.46 -64.97
N ASP E 268 -13.49 37.39 -66.17
CA ASP E 268 -13.12 38.21 -67.32
C ASP E 268 -14.15 39.33 -67.61
N GLY E 269 -14.99 39.63 -66.62
CA GLY E 269 -15.97 40.72 -66.66
C GLY E 269 -17.22 40.46 -67.48
N LYS E 270 -17.34 39.29 -68.11
CA LYS E 270 -18.53 38.83 -68.82
C LYS E 270 -19.66 38.54 -67.83
N VAL E 271 -20.89 38.95 -68.12
CA VAL E 271 -22.05 38.67 -67.27
C VAL E 271 -22.43 37.19 -67.37
N VAL E 272 -22.60 36.52 -66.23
CA VAL E 272 -23.06 35.13 -66.13
C VAL E 272 -24.54 35.06 -65.80
N LEU E 273 -25.02 35.88 -64.87
CA LEU E 273 -26.42 36.02 -64.51
C LEU E 273 -26.73 37.49 -64.25
N ASN E 274 -27.88 37.99 -64.68
CA ASN E 274 -28.32 39.36 -64.45
C ASN E 274 -29.60 39.33 -63.60
N LEU E 275 -29.59 39.90 -62.41
CA LEU E 275 -30.72 39.75 -61.49
C LEU E 275 -31.96 40.50 -61.97
N MET E 276 -31.82 41.60 -62.70
CA MET E 276 -32.96 42.35 -63.24
C MET E 276 -33.53 41.70 -64.50
N GLN E 277 -32.69 41.38 -65.48
CA GLN E 277 -33.14 40.82 -66.75
C GLN E 277 -33.50 39.34 -66.71
N GLN E 278 -33.01 38.58 -65.74
CA GLN E 278 -33.29 37.15 -65.61
C GLN E 278 -34.11 36.84 -64.37
N ASP E 279 -34.94 37.77 -63.91
CA ASP E 279 -35.96 37.60 -62.87
C ASP E 279 -35.49 36.74 -61.68
N SER E 280 -34.45 37.18 -60.99
CA SER E 280 -33.78 36.44 -59.93
C SER E 280 -33.44 37.35 -58.76
N LYS E 281 -33.15 36.75 -57.61
CA LYS E 281 -32.51 37.41 -56.47
C LYS E 281 -31.30 36.60 -56.05
N ALA E 282 -30.41 37.17 -55.24
CA ALA E 282 -29.26 36.45 -54.67
C ALA E 282 -29.05 36.81 -53.21
N LEU E 283 -28.71 35.83 -52.39
CA LEU E 283 -28.31 36.01 -50.99
C LEU E 283 -26.79 35.94 -50.92
N ARG E 284 -26.13 36.91 -50.28
CA ARG E 284 -24.69 36.94 -50.02
C ARG E 284 -24.45 36.77 -48.53
N VAL E 285 -23.47 35.95 -48.16
CA VAL E 285 -23.02 35.78 -46.78
C VAL E 285 -21.53 36.06 -46.68
N VAL E 286 -21.13 36.78 -45.64
CA VAL E 286 -19.75 37.23 -45.40
C VAL E 286 -19.40 37.05 -43.93
N PHE E 287 -18.19 36.58 -43.64
CA PHE E 287 -17.62 36.49 -42.29
C PHE E 287 -16.13 36.85 -42.34
N ARG E 288 -15.60 37.59 -41.37
CA ARG E 288 -14.15 37.86 -41.27
C ARG E 288 -13.59 37.35 -39.95
N VAL E 289 -12.58 36.49 -40.03
CA VAL E 289 -12.03 35.74 -38.89
C VAL E 289 -10.50 35.65 -38.98
N GLY E 290 -9.80 35.80 -37.86
CA GLY E 290 -8.38 35.54 -37.71
C GLY E 290 -8.11 34.35 -36.79
N PHE E 291 -7.00 33.66 -36.97
CA PHE E 291 -6.56 32.54 -36.14
C PHE E 291 -5.14 32.74 -35.65
N GLN E 292 -4.87 32.44 -34.38
CA GLN E 292 -3.53 32.44 -33.81
C GLN E 292 -3.37 31.29 -32.80
N VAL E 293 -2.22 30.61 -32.83
CA VAL E 293 -1.76 29.71 -31.76
C VAL E 293 -0.52 30.30 -31.09
N ALA E 294 -0.64 30.62 -29.81
CA ALA E 294 0.20 31.58 -29.10
C ALA E 294 1.19 30.89 -28.16
N ASN E 295 2.34 30.44 -28.67
CA ASN E 295 3.35 29.72 -27.90
C ASN E 295 4.45 30.64 -27.34
N PRO E 296 4.35 31.13 -26.10
CA PRO E 296 5.45 31.85 -25.47
C PRO E 296 6.72 31.00 -25.37
N MET E 297 7.85 31.64 -25.19
CA MET E 297 9.09 30.98 -24.79
C MET E 297 8.95 30.39 -23.39
N THR E 298 9.48 29.19 -23.18
CA THR E 298 9.49 28.48 -21.89
C THR E 298 10.93 28.24 -21.44
N ARG E 299 11.16 28.08 -20.13
CA ARG E 299 12.50 27.77 -19.60
C ARG E 299 12.96 26.37 -20.03
N LEU E 300 12.03 25.42 -20.13
CA LEU E 300 12.28 24.01 -20.47
C LEU E 300 12.69 23.76 -21.92
N ASN E 301 12.11 24.47 -22.89
CA ASN E 301 12.48 24.36 -24.29
C ASN E 301 12.65 25.77 -24.88
N PRO E 302 13.86 26.32 -24.98
CA PRO E 302 14.06 27.67 -25.53
C PRO E 302 13.98 27.70 -27.06
N ASN E 303 13.99 26.55 -27.73
CA ASN E 303 13.98 26.44 -29.18
C ASN E 303 12.56 26.62 -29.76
N GLU E 304 12.41 27.37 -30.84
CA GLU E 304 11.14 27.54 -31.57
C GLU E 304 10.81 26.36 -32.48
N ALA E 305 11.82 25.68 -33.02
CA ALA E 305 11.63 24.63 -34.01
C ALA E 305 11.00 23.35 -33.44
N THR E 306 11.02 23.14 -32.12
CA THR E 306 10.50 21.90 -31.49
C THR E 306 9.62 22.13 -30.26
N ARG E 307 9.21 23.36 -29.96
CA ARG E 307 8.31 23.70 -28.85
C ARG E 307 6.91 23.98 -29.35
N TYR E 308 5.90 23.24 -28.91
CA TYR E 308 4.52 23.48 -29.35
C TYR E 308 3.48 23.19 -28.25
N PRO E 309 2.42 23.99 -28.07
CA PRO E 309 1.44 23.84 -26.99
C PRO E 309 0.39 22.76 -27.27
N ALA E 310 0.64 21.86 -28.23
CA ALA E 310 -0.25 20.82 -28.68
C ALA E 310 0.53 19.58 -29.14
N GLY E 311 -0.11 18.40 -29.12
CA GLY E 311 0.45 17.13 -29.57
C GLY E 311 -0.63 16.19 -30.10
N VAL E 312 -0.24 15.22 -30.93
CA VAL E 312 -1.15 14.28 -31.59
C VAL E 312 -0.76 12.82 -31.46
N ILE E 313 -1.77 11.95 -31.50
CA ILE E 313 -1.60 10.51 -31.72
C ILE E 313 -1.96 10.21 -33.18
N ILE E 314 -1.06 9.55 -33.89
CA ILE E 314 -1.22 9.24 -35.32
C ILE E 314 -1.40 7.73 -35.54
N PRO E 315 -2.09 7.28 -36.60
CA PRO E 315 -2.26 5.86 -36.91
C PRO E 315 -0.95 5.10 -37.11
N ALA E 316 -1.03 3.78 -37.13
CA ALA E 316 0.13 2.89 -37.25
C ALA E 316 0.88 3.06 -38.58
N ALA F 1 47.28 -3.99 61.91
CA ALA F 1 48.69 -4.07 61.49
C ALA F 1 48.80 -4.37 60.00
N GLY F 2 49.82 -3.82 59.33
CA GLY F 2 50.08 -3.99 57.90
C GLY F 2 49.24 -3.12 56.98
N PHE F 3 49.38 -3.36 55.68
CA PHE F 3 48.79 -2.53 54.61
C PHE F 3 47.71 -3.22 53.77
N ALA F 4 47.54 -4.54 53.93
CA ALA F 4 46.67 -5.36 53.08
C ALA F 4 45.23 -5.53 53.58
N ASN F 5 44.85 -4.95 54.73
CA ASN F 5 43.49 -5.05 55.28
C ASN F 5 42.47 -4.29 54.42
N ILE F 6 41.34 -4.91 54.11
CA ILE F 6 40.15 -4.26 53.53
C ILE F 6 38.90 -5.00 53.97
N GLN F 7 37.79 -4.30 54.17
CA GLN F 7 36.50 -4.88 54.57
C GLN F 7 35.91 -5.71 53.41
N GLY F 8 35.90 -7.04 53.52
CA GLY F 8 35.26 -7.92 52.53
C GLY F 8 33.77 -8.17 52.80
N ARG F 9 33.11 -8.97 51.95
CA ARG F 9 31.72 -9.41 52.22
C ARG F 9 31.65 -10.56 53.23
N ALA F 10 32.66 -11.42 53.25
CA ALA F 10 32.82 -12.45 54.28
C ALA F 10 32.97 -11.89 55.71
N ASP F 11 33.32 -10.61 55.85
CA ASP F 11 33.46 -9.91 57.13
C ASP F 11 32.12 -9.44 57.73
N LEU F 12 30.98 -9.59 57.04
CA LEU F 12 29.64 -9.28 57.56
C LEU F 12 28.78 -10.55 57.66
N SER F 13 27.83 -10.58 58.58
CA SER F 13 26.80 -11.63 58.62
C SER F 13 25.76 -11.45 57.50
N ASP F 14 25.16 -12.57 57.08
CA ASP F 14 24.05 -12.58 56.13
C ASP F 14 22.80 -11.83 56.62
N VAL F 15 22.71 -11.51 57.91
CA VAL F 15 21.63 -10.67 58.46
C VAL F 15 21.73 -9.24 57.97
N HIS F 16 22.96 -8.71 57.82
CA HIS F 16 23.27 -7.36 57.38
C HIS F 16 23.52 -7.23 55.86
N LEU F 17 23.88 -8.32 55.18
CA LEU F 17 23.89 -8.42 53.71
C LEU F 17 22.85 -9.43 53.20
N PRO F 18 21.54 -9.15 53.37
CA PRO F 18 20.49 -10.05 52.96
C PRO F 18 20.28 -10.04 51.43
N ASP F 19 19.76 -11.14 50.91
CA ASP F 19 19.13 -11.13 49.59
C ASP F 19 17.75 -10.48 49.67
N GLN F 20 17.40 -9.67 48.68
CA GLN F 20 16.06 -9.09 48.57
C GLN F 20 15.06 -10.18 48.11
N VAL F 21 13.88 -10.26 48.71
CA VAL F 21 12.88 -11.27 48.36
C VAL F 21 11.66 -10.68 47.67
N ILE F 22 11.19 -11.40 46.66
CA ILE F 22 9.94 -11.12 45.96
C ILE F 22 8.89 -12.10 46.46
N LYS F 23 7.76 -11.60 46.96
CA LYS F 23 6.81 -12.39 47.76
C LYS F 23 5.94 -13.34 46.94
N ASP F 24 5.45 -12.91 45.77
CA ASP F 24 4.61 -13.73 44.90
C ASP F 24 5.41 -14.83 44.22
N VAL F 25 4.83 -16.03 44.10
CA VAL F 25 5.45 -17.16 43.41
C VAL F 25 5.42 -16.94 41.90
N LEU F 26 6.53 -17.23 41.21
CA LEU F 26 6.58 -17.20 39.75
C LEU F 26 5.93 -18.47 39.18
N GLN F 27 4.69 -18.33 38.70
CA GLN F 27 3.87 -19.42 38.16
C GLN F 27 2.87 -18.92 37.10
N THR F 28 2.42 -19.83 36.25
CA THR F 28 1.27 -19.64 35.34
C THR F 28 -0.03 -20.11 35.99
N ALA F 29 -1.16 -19.50 35.64
CA ALA F 29 -2.48 -19.86 36.19
C ALA F 29 -2.90 -21.30 35.84
N PRO F 30 -3.66 -21.99 36.71
CA PRO F 30 -4.14 -23.36 36.44
C PRO F 30 -5.13 -23.40 35.27
N GLU F 31 -4.99 -24.43 34.44
CA GLU F 31 -5.75 -24.61 33.20
C GLU F 31 -7.05 -25.43 33.42
N ALA F 32 -8.10 -25.12 32.65
CA ALA F 32 -9.37 -25.85 32.70
C ALA F 32 -9.35 -27.17 31.90
N SER F 33 -10.30 -28.07 32.20
CA SER F 33 -10.61 -29.22 31.36
C SER F 33 -11.48 -28.82 30.17
N VAL F 34 -11.29 -29.50 29.06
CA VAL F 34 -12.12 -29.39 27.87
C VAL F 34 -13.48 -30.03 28.12
N LEU F 35 -13.55 -31.33 28.43
CA LEU F 35 -14.82 -32.04 28.51
C LEU F 35 -15.73 -31.50 29.61
N LEU F 36 -15.22 -31.17 30.79
CA LEU F 36 -16.05 -30.63 31.89
C LEU F 36 -16.71 -29.28 31.55
N ASN F 37 -16.29 -28.59 30.48
CA ASN F 37 -16.86 -27.33 30.03
C ASN F 37 -17.58 -27.45 28.67
N ARG F 38 -17.15 -28.33 27.77
CA ARG F 38 -17.78 -28.51 26.44
C ARG F 38 -18.91 -29.54 26.41
N ALA F 39 -18.84 -30.62 27.17
CA ALA F 39 -19.87 -31.66 27.18
C ALA F 39 -21.17 -31.18 27.81
N ARG F 40 -22.29 -31.84 27.50
CA ARG F 40 -23.54 -31.73 28.27
C ARG F 40 -23.38 -32.42 29.62
N LYS F 41 -23.91 -31.83 30.69
CA LYS F 41 -23.78 -32.35 32.07
C LYS F 41 -25.03 -33.11 32.49
N VAL F 42 -24.88 -34.36 32.91
CA VAL F 42 -25.96 -35.11 33.59
C VAL F 42 -25.49 -35.56 34.96
N ARG F 43 -26.38 -35.65 35.94
CA ARG F 43 -26.08 -36.17 37.27
C ARG F 43 -26.54 -37.61 37.41
N MET F 44 -25.66 -38.51 37.86
CA MET F 44 -25.94 -39.93 38.00
C MET F 44 -26.36 -40.28 39.44
N SER F 45 -27.44 -41.05 39.59
CA SER F 45 -27.91 -41.59 40.88
C SER F 45 -27.40 -43.01 41.18
N SER F 46 -26.79 -43.68 40.21
CA SER F 46 -26.30 -45.06 40.30
C SER F 46 -24.97 -45.18 39.56
N LYS F 47 -24.20 -46.24 39.76
CA LYS F 47 -22.95 -46.47 39.02
C LYS F 47 -23.17 -46.60 37.51
N LYS F 48 -24.30 -47.17 37.10
CA LYS F 48 -24.66 -47.37 35.70
C LYS F 48 -26.01 -46.74 35.40
N THR F 49 -26.16 -46.24 34.18
CA THR F 49 -27.37 -45.63 33.63
C THR F 49 -27.69 -46.27 32.29
N LYS F 50 -28.97 -46.36 31.92
CA LYS F 50 -29.43 -46.91 30.63
C LYS F 50 -30.57 -46.10 30.00
N GLN F 51 -30.61 -46.11 28.67
CA GLN F 51 -31.62 -45.44 27.85
C GLN F 51 -31.98 -46.30 26.63
N PRO F 52 -33.26 -46.36 26.22
CA PRO F 52 -33.66 -47.02 24.98
C PRO F 52 -33.35 -46.17 23.74
N VAL F 53 -33.02 -46.80 22.62
CA VAL F 53 -32.72 -46.14 21.33
C VAL F 53 -33.52 -46.79 20.20
N LEU F 54 -34.03 -46.01 19.25
CA LEU F 54 -34.64 -46.54 18.04
C LEU F 54 -33.56 -47.08 17.10
N ALA F 55 -33.76 -48.26 16.52
CA ALA F 55 -32.68 -49.01 15.87
C ALA F 55 -33.02 -49.56 14.47
N SER F 56 -34.24 -49.36 13.96
CA SER F 56 -34.67 -49.66 12.59
C SER F 56 -35.92 -48.85 12.26
N LEU F 57 -36.33 -48.85 10.99
CA LEU F 57 -37.54 -48.19 10.50
C LEU F 57 -38.39 -49.17 9.67
N PRO F 58 -39.72 -49.02 9.63
CA PRO F 58 -40.59 -49.80 8.76
C PRO F 58 -40.48 -49.36 7.28
N ASP F 59 -40.81 -50.27 6.37
CA ASP F 59 -41.03 -49.98 4.96
C ASP F 59 -42.51 -49.67 4.63
N ALA F 60 -42.78 -49.35 3.37
CA ALA F 60 -44.08 -49.49 2.70
C ALA F 60 -43.83 -50.00 1.28
N TYR F 61 -44.83 -50.54 0.59
CA TYR F 61 -44.63 -51.18 -0.72
C TYR F 61 -45.78 -50.85 -1.67
N TRP F 62 -45.50 -50.82 -2.97
CA TRP F 62 -46.53 -50.67 -4.00
C TRP F 62 -47.35 -51.95 -4.13
N VAL F 63 -48.67 -51.82 -4.11
CA VAL F 63 -49.60 -52.95 -4.23
C VAL F 63 -49.82 -53.25 -5.71
N ASP F 64 -49.68 -54.51 -6.12
CA ASP F 64 -49.78 -54.95 -7.52
C ASP F 64 -51.23 -55.10 -8.03
N GLY F 65 -51.91 -53.98 -8.27
CA GLY F 65 -53.30 -53.94 -8.74
C GLY F 65 -54.34 -53.89 -7.62
N ASP F 66 -55.61 -54.05 -7.97
CA ASP F 66 -56.72 -53.84 -7.02
C ASP F 66 -56.80 -54.90 -5.90
N THR F 67 -56.26 -56.09 -6.13
CA THR F 67 -56.26 -57.23 -5.19
C THR F 67 -54.91 -57.95 -5.17
N GLY F 68 -53.81 -57.21 -5.10
CA GLY F 68 -52.50 -57.76 -4.75
C GLY F 68 -52.35 -57.97 -3.26
N LEU F 69 -51.49 -58.90 -2.83
CA LEU F 69 -51.18 -59.09 -1.42
C LEU F 69 -50.38 -57.92 -0.86
N LYS F 70 -50.95 -57.21 0.11
CA LYS F 70 -50.23 -56.23 0.94
C LYS F 70 -49.18 -56.96 1.78
N GLN F 71 -48.01 -56.37 1.98
CA GLN F 71 -46.87 -57.00 2.66
C GLN F 71 -46.75 -56.59 4.13
N THR F 72 -45.96 -57.31 4.92
CA THR F 72 -45.72 -57.02 6.35
C THR F 72 -44.41 -56.29 6.60
N THR F 73 -44.31 -55.57 7.72
CA THR F 73 -43.10 -54.86 8.18
C THR F 73 -42.99 -54.84 9.71
N LYS F 74 -41.84 -54.41 10.25
CA LYS F 74 -41.50 -54.48 11.69
C LYS F 74 -40.63 -53.30 12.12
N ASN F 75 -40.59 -53.02 13.41
CA ASN F 75 -39.80 -51.96 14.06
C ASN F 75 -38.87 -52.57 15.16
N ILE F 76 -37.70 -51.98 15.43
CA ILE F 76 -36.72 -52.51 16.41
C ILE F 76 -36.19 -51.39 17.30
N TRP F 77 -35.97 -51.69 18.57
CA TRP F 77 -35.27 -50.83 19.53
C TRP F 77 -34.06 -51.54 20.16
N SER F 78 -33.14 -50.77 20.73
CA SER F 78 -31.95 -51.24 21.43
C SER F 78 -31.70 -50.38 22.68
N ASN F 79 -30.55 -50.53 23.35
CA ASN F 79 -30.15 -49.76 24.55
C ASN F 79 -28.76 -49.16 24.39
N VAL F 80 -28.49 -48.08 25.13
CA VAL F 80 -27.14 -47.51 25.36
C VAL F 80 -26.93 -47.25 26.85
N PHE F 81 -25.67 -47.30 27.29
CA PHE F 81 -25.25 -47.25 28.68
C PHE F 81 -24.24 -46.13 28.98
N MET F 82 -24.21 -45.67 30.23
CA MET F 82 -23.11 -44.85 30.78
C MET F 82 -22.69 -45.42 32.13
N THR F 83 -21.39 -45.58 32.36
CA THR F 83 -20.83 -46.14 33.62
C THR F 83 -19.88 -45.16 34.29
N ALA F 84 -20.12 -44.81 35.56
CA ALA F 84 -19.22 -44.00 36.35
C ALA F 84 -17.98 -44.76 36.80
N GLU F 85 -16.84 -44.09 36.80
CA GLU F 85 -15.53 -44.57 37.23
C GLU F 85 -14.89 -43.54 38.17
N GLU F 86 -13.86 -43.94 38.90
CA GLU F 86 -13.32 -43.15 40.01
C GLU F 86 -11.85 -42.79 39.81
N LEU F 87 -11.48 -41.52 39.98
CA LEU F 87 -10.08 -41.10 40.12
C LEU F 87 -9.87 -40.30 41.39
N ALA F 88 -8.73 -40.56 42.04
CA ALA F 88 -8.44 -40.06 43.39
C ALA F 88 -6.95 -40.04 43.69
N VAL F 89 -6.53 -39.25 44.68
CA VAL F 89 -5.13 -39.25 45.18
C VAL F 89 -5.02 -38.78 46.63
N ILE F 90 -3.93 -39.12 47.30
CA ILE F 90 -3.58 -38.69 48.66
C ILE F 90 -2.34 -37.78 48.68
N VAL F 91 -2.33 -36.73 49.51
CA VAL F 91 -1.20 -35.81 49.71
C VAL F 91 -0.81 -35.74 51.20
N PRO F 92 0.23 -36.47 51.65
CA PRO F 92 0.68 -36.48 53.04
C PRO F 92 1.70 -35.37 53.34
N ILE F 93 1.52 -34.59 54.41
CA ILE F 93 2.42 -33.47 54.78
C ILE F 93 2.72 -33.52 56.30
N PRO F 94 3.98 -33.40 56.75
CA PRO F 94 4.31 -33.36 58.18
C PRO F 94 3.71 -32.18 58.93
N ASP F 95 3.29 -32.41 60.16
CA ASP F 95 2.47 -31.46 60.91
C ASP F 95 3.27 -30.27 61.46
N ALA F 96 4.58 -30.43 61.65
CA ALA F 96 5.51 -29.34 61.95
C ALA F 96 5.72 -28.42 60.74
N LEU F 97 5.90 -29.00 59.55
CA LEU F 97 6.11 -28.29 58.30
C LEU F 97 4.92 -27.38 57.98
N ILE F 98 3.69 -27.83 58.21
CA ILE F 98 2.51 -26.97 58.09
C ILE F 98 2.55 -25.73 59.01
N ALA F 99 3.14 -25.83 60.20
CA ALA F 99 3.26 -24.72 61.15
C ALA F 99 4.46 -23.81 60.88
N ASP F 100 5.57 -24.35 60.40
CA ASP F 100 6.78 -23.60 60.03
C ASP F 100 6.65 -22.86 58.69
N SER F 101 5.88 -23.42 57.76
CA SER F 101 5.76 -22.88 56.38
C SER F 101 4.92 -21.59 56.36
N ASP F 102 5.49 -20.48 55.90
CA ASP F 102 4.72 -19.21 55.74
C ASP F 102 3.63 -19.47 54.70
N LEU F 103 3.94 -20.24 53.65
CA LEU F 103 2.97 -20.57 52.58
C LEU F 103 1.84 -21.42 53.20
N PRO F 104 0.52 -21.13 52.99
CA PRO F 104 -0.58 -21.93 53.51
C PRO F 104 -0.87 -23.17 52.65
N LEU F 105 -0.10 -24.24 52.86
CA LEU F 105 0.02 -25.35 51.92
C LEU F 105 -1.29 -26.05 51.54
N TRP F 106 -2.22 -26.27 52.48
CA TRP F 106 -3.48 -26.95 52.12
C TRP F 106 -4.31 -26.11 51.16
N ASP F 107 -4.46 -24.82 51.41
CA ASP F 107 -5.18 -23.93 50.49
C ASP F 107 -4.46 -23.76 49.15
N GLU F 108 -3.14 -23.94 49.09
CA GLU F 108 -2.38 -23.87 47.85
C GLU F 108 -2.49 -25.12 46.99
N VAL F 109 -2.41 -26.32 47.57
CA VAL F 109 -2.43 -27.55 46.76
C VAL F 109 -3.79 -27.87 46.17
N LYS F 110 -4.90 -27.51 46.82
CA LYS F 110 -6.25 -27.87 46.34
C LYS F 110 -6.53 -27.46 44.88
N PRO F 111 -6.29 -26.22 44.43
CA PRO F 111 -6.44 -25.85 43.02
C PRO F 111 -5.61 -26.66 42.00
N LEU F 112 -4.40 -27.10 42.36
CA LEU F 112 -3.58 -27.93 41.49
C LEU F 112 -4.13 -29.37 41.39
N LEU F 113 -4.83 -29.87 42.39
CA LEU F 113 -5.50 -31.17 42.33
C LEU F 113 -6.76 -31.14 41.47
N VAL F 114 -7.54 -30.07 41.53
CA VAL F 114 -8.71 -29.87 40.67
C VAL F 114 -8.31 -29.85 39.18
N GLU F 115 -7.22 -29.18 38.85
CA GLU F 115 -6.66 -29.19 37.50
C GLU F 115 -6.18 -30.58 37.07
N ALA F 116 -5.47 -31.33 37.92
CA ALA F 116 -4.94 -32.64 37.54
C ALA F 116 -6.01 -33.71 37.33
N ILE F 117 -7.14 -33.60 38.04
CA ILE F 117 -8.33 -34.43 37.83
C ILE F 117 -8.93 -34.13 36.46
N GLY F 118 -9.18 -32.86 36.15
CA GLY F 118 -9.68 -32.45 34.83
C GLY F 118 -8.81 -32.95 33.68
N LYS F 119 -7.49 -32.88 33.82
CA LYS F 119 -6.54 -33.35 32.81
C LYS F 119 -6.63 -34.87 32.55
N LYS F 120 -6.87 -35.71 33.57
CA LYS F 120 -7.08 -37.16 33.39
C LYS F 120 -8.39 -37.49 32.69
N VAL F 121 -9.46 -36.75 32.98
CA VAL F 121 -10.76 -36.92 32.32
C VAL F 121 -10.69 -36.63 30.83
N ASP F 122 -10.10 -35.50 30.41
CA ASP F 122 -9.91 -35.18 28.99
C ASP F 122 -9.04 -36.19 28.25
N ASP F 123 -7.91 -36.61 28.83
CA ASP F 123 -6.98 -37.54 28.20
C ASP F 123 -7.63 -38.90 27.90
N ALA F 124 -8.47 -39.38 28.81
CA ALA F 124 -9.26 -40.58 28.59
C ALA F 124 -10.39 -40.35 27.58
N GLY F 125 -11.16 -39.27 27.70
CA GLY F 125 -12.36 -39.05 26.90
C GLY F 125 -12.12 -38.64 25.45
N ILE F 126 -11.04 -37.91 25.17
CA ILE F 126 -10.70 -37.41 23.83
C ILE F 126 -9.70 -38.33 23.13
N PHE F 127 -8.54 -38.62 23.73
CA PHE F 127 -7.46 -39.39 23.09
C PHE F 127 -7.43 -40.89 23.44
N GLY F 128 -8.05 -41.31 24.54
CA GLY F 128 -8.12 -42.71 24.95
C GLY F 128 -6.87 -43.25 25.65
N ASN F 129 -6.10 -42.42 26.34
CA ASN F 129 -4.94 -42.83 27.12
C ASN F 129 -5.34 -43.16 28.56
N ASP F 130 -4.86 -44.28 29.10
CA ASP F 130 -5.19 -44.79 30.44
C ASP F 130 -6.70 -44.97 30.68
N LYS F 131 -7.51 -45.13 29.63
CA LYS F 131 -8.96 -45.11 29.70
C LYS F 131 -9.50 -46.28 30.56
N PRO F 132 -10.47 -46.05 31.46
CA PRO F 132 -11.15 -47.13 32.17
C PRO F 132 -11.82 -48.15 31.24
N ALA F 133 -11.78 -49.43 31.58
CA ALA F 133 -12.25 -50.51 30.69
C ALA F 133 -13.76 -50.46 30.41
N SER F 134 -14.56 -49.88 31.30
CA SER F 134 -16.01 -49.75 31.13
C SER F 134 -16.46 -48.63 30.20
N TRP F 135 -15.59 -47.65 29.91
CA TRP F 135 -15.95 -46.49 29.08
C TRP F 135 -15.95 -46.83 27.58
N PRO F 136 -16.76 -46.12 26.78
CA PRO F 136 -16.78 -46.28 25.33
C PRO F 136 -15.45 -45.87 24.67
N ALA F 137 -15.32 -46.03 23.36
CA ALA F 137 -14.22 -45.43 22.63
C ALA F 137 -14.19 -43.90 22.79
N ALA F 138 -12.99 -43.34 22.88
CA ALA F 138 -12.78 -41.91 22.97
C ALA F 138 -13.08 -41.19 21.65
N LEU F 139 -13.32 -39.87 21.67
CA LEU F 139 -13.74 -39.13 20.47
C LEU F 139 -12.79 -39.28 19.29
N ILE F 140 -11.48 -39.16 19.45
CA ILE F 140 -10.54 -39.26 18.31
C ILE F 140 -10.48 -40.70 17.77
N PRO F 141 -10.22 -41.76 18.56
CA PRO F 141 -10.19 -43.12 18.04
C PRO F 141 -11.55 -43.65 17.55
N GLY F 142 -12.66 -43.20 18.12
CA GLY F 142 -14.00 -43.49 17.61
C GLY F 142 -14.23 -42.90 16.23
N ALA F 143 -13.89 -41.62 16.03
CA ALA F 143 -14.01 -40.97 14.73
C ALA F 143 -13.14 -41.63 13.65
N ILE F 144 -11.91 -42.01 13.98
CA ILE F 144 -11.01 -42.70 13.05
C ILE F 144 -11.53 -44.10 12.70
N ALA F 145 -12.09 -44.85 13.67
CA ALA F 145 -12.67 -46.16 13.42
C ALA F 145 -13.91 -46.09 12.50
N ALA F 146 -14.76 -45.07 12.70
CA ALA F 146 -15.94 -44.83 11.87
C ALA F 146 -15.64 -44.29 10.46
N GLY F 147 -14.41 -43.83 10.18
CA GLY F 147 -14.04 -43.25 8.90
C GLY F 147 -14.32 -41.75 8.77
N ASN F 148 -14.64 -41.06 9.86
CA ASN F 148 -14.80 -39.60 9.93
C ASN F 148 -13.44 -38.91 10.13
N SER F 149 -12.50 -39.24 9.26
CA SER F 149 -11.09 -38.84 9.29
C SER F 149 -10.69 -38.24 7.96
N VAL F 150 -9.90 -37.17 7.98
CA VAL F 150 -9.31 -36.55 6.79
C VAL F 150 -7.81 -36.42 7.00
N THR F 151 -6.98 -36.91 6.09
CA THR F 151 -5.53 -36.65 6.17
C THR F 151 -5.22 -35.25 5.67
N LEU F 152 -4.44 -34.48 6.44
CA LEU F 152 -4.02 -33.14 6.06
C LEU F 152 -3.24 -33.15 4.76
N GLY F 153 -3.55 -32.23 3.84
CA GLY F 153 -2.83 -32.10 2.58
C GLY F 153 -3.24 -33.12 1.51
N THR F 154 -4.34 -33.84 1.71
CA THR F 154 -5.02 -34.55 0.61
C THR F 154 -5.76 -33.59 -0.32
N GLY F 155 -6.29 -32.47 0.20
CA GLY F 155 -6.72 -31.33 -0.59
C GLY F 155 -5.64 -30.25 -0.74
N ASP F 156 -5.97 -29.18 -1.45
CA ASP F 156 -5.05 -28.10 -1.79
C ASP F 156 -4.67 -27.20 -0.61
N ASP F 157 -5.57 -27.01 0.36
CA ASP F 157 -5.37 -26.22 1.57
C ASP F 157 -6.19 -26.77 2.74
N ILE F 158 -5.80 -26.47 3.98
CA ILE F 158 -6.55 -26.93 5.16
C ILE F 158 -8.01 -26.49 5.15
N GLY F 159 -8.40 -25.43 4.44
CA GLY F 159 -9.80 -25.04 4.31
C GLY F 159 -10.64 -26.05 3.55
N VAL F 160 -10.09 -26.77 2.58
CA VAL F 160 -10.82 -27.85 1.90
C VAL F 160 -10.79 -29.15 2.70
N ASP F 161 -9.77 -29.40 3.53
CA ASP F 161 -9.76 -30.54 4.46
C ASP F 161 -10.79 -30.36 5.59
N VAL F 162 -10.91 -29.15 6.13
CA VAL F 162 -11.97 -28.79 7.09
C VAL F 162 -13.34 -28.81 6.43
N ALA F 163 -13.48 -28.40 5.17
CA ALA F 163 -14.75 -28.51 4.47
C ALA F 163 -15.13 -29.98 4.21
N THR F 164 -14.17 -30.83 3.83
CA THR F 164 -14.35 -32.28 3.70
C THR F 164 -14.83 -32.89 5.00
N LEU F 165 -14.24 -32.51 6.14
CA LEU F 165 -14.69 -32.89 7.47
C LEU F 165 -16.15 -32.48 7.74
N GLY F 166 -16.59 -31.28 7.38
CA GLY F 166 -17.98 -30.87 7.55
C GLY F 166 -18.96 -31.62 6.63
N GLU F 167 -18.52 -32.03 5.46
CA GLU F 167 -19.29 -32.88 4.56
C GLU F 167 -19.45 -34.30 5.10
N GLN F 168 -18.40 -34.92 5.65
CA GLN F 168 -18.50 -36.25 6.27
C GLN F 168 -19.55 -36.30 7.39
N LEU F 169 -19.67 -35.26 8.20
CA LEU F 169 -20.74 -35.19 9.21
C LEU F 169 -22.10 -34.96 8.57
N ALA F 170 -22.21 -34.12 7.55
CA ALA F 170 -23.47 -33.92 6.83
C ALA F 170 -23.99 -35.19 6.13
N LEU F 171 -23.11 -36.08 5.69
CA LEU F 171 -23.46 -37.39 5.13
C LEU F 171 -23.79 -38.45 6.19
N ASP F 172 -23.51 -38.20 7.47
CA ASP F 172 -24.02 -38.99 8.60
C ASP F 172 -25.31 -38.39 9.18
N GLY F 173 -25.63 -37.16 8.85
CA GLY F 173 -26.83 -36.47 9.33
C GLY F 173 -26.61 -35.56 10.54
N PHE F 174 -25.36 -35.31 10.91
CA PHE F 174 -24.97 -34.36 11.96
C PHE F 174 -24.43 -33.07 11.35
N SER F 175 -24.42 -31.99 12.12
CA SER F 175 -23.83 -30.69 11.76
C SER F 175 -22.72 -30.31 12.76
N ILE F 176 -21.60 -29.76 12.29
CA ILE F 176 -20.58 -29.20 13.19
C ILE F 176 -21.16 -28.03 13.98
N ASN F 177 -21.09 -28.09 15.31
CA ASN F 177 -21.48 -27.00 16.21
C ASN F 177 -20.26 -26.19 16.68
N GLY F 178 -19.06 -26.77 16.58
CA GLY F 178 -17.80 -26.15 16.95
C GLY F 178 -16.62 -27.13 16.92
N PHE F 179 -15.45 -26.67 17.34
CA PHE F 179 -14.18 -27.40 17.27
C PHE F 179 -13.41 -27.37 18.61
N ILE F 180 -12.41 -28.23 18.71
CA ILE F 180 -11.22 -28.07 19.55
C ILE F 180 -9.97 -28.34 18.71
N SER F 181 -8.89 -27.63 18.96
CA SER F 181 -7.70 -27.58 18.08
C SER F 181 -6.40 -27.81 18.82
N ARG F 182 -5.36 -28.25 18.10
CA ARG F 182 -4.00 -28.31 18.65
C ARG F 182 -3.52 -26.92 19.12
N PRO F 183 -2.61 -26.82 20.11
CA PRO F 183 -1.97 -25.54 20.43
C PRO F 183 -1.17 -25.00 19.24
N GLY F 184 -1.15 -23.68 19.09
CA GLY F 184 -0.39 -23.00 18.03
C GLY F 184 -1.01 -23.06 16.63
N LEU F 185 -2.25 -23.53 16.47
CA LEU F 185 -2.89 -23.63 15.17
C LEU F 185 -3.19 -22.26 14.57
N HIS F 186 -3.58 -21.26 15.37
CA HIS F 186 -3.91 -19.92 14.88
C HIS F 186 -2.76 -19.30 14.10
N TRP F 187 -1.56 -19.26 14.67
CA TRP F 187 -0.38 -18.77 13.96
C TRP F 187 -0.02 -19.65 12.77
N SER F 188 -0.27 -20.95 12.83
CA SER F 188 -0.07 -21.85 11.69
C SER F 188 -1.03 -21.57 10.53
N LEU F 189 -2.21 -20.99 10.80
CA LEU F 189 -3.14 -20.52 9.79
C LEU F 189 -2.77 -19.14 9.27
N VAL F 190 -2.36 -18.20 10.11
CA VAL F 190 -1.85 -16.89 9.68
C VAL F 190 -0.66 -17.01 8.73
N GLY F 191 0.18 -18.02 8.90
CA GLY F 191 1.30 -18.32 8.02
C GLY F 191 0.94 -19.07 6.74
N LEU F 192 -0.32 -19.39 6.49
CA LEU F 192 -0.74 -20.28 5.41
C LEU F 192 -0.79 -19.59 4.03
N ARG F 193 -0.26 -20.24 3.00
CA ARG F 193 -0.18 -19.74 1.62
C ARG F 193 -0.62 -20.79 0.62
N ASN F 194 -1.43 -20.42 -0.38
CA ASN F 194 -1.81 -21.30 -1.49
C ASN F 194 -0.63 -21.56 -2.45
N ALA F 195 -0.82 -22.36 -3.49
CA ALA F 195 0.24 -22.72 -4.45
C ALA F 195 0.80 -21.54 -5.27
N GLN F 196 0.03 -20.46 -5.46
CA GLN F 196 0.52 -19.19 -6.03
C GLN F 196 1.32 -18.34 -5.04
N GLY F 197 1.31 -18.69 -3.76
CA GLY F 197 1.97 -17.96 -2.69
C GLY F 197 1.11 -16.86 -2.06
N GLN F 198 -0.21 -16.95 -2.12
CA GLN F 198 -1.12 -15.92 -1.60
C GLN F 198 -1.78 -16.35 -0.28
N PRO F 199 -2.11 -15.42 0.63
CA PRO F 199 -2.77 -15.76 1.89
C PRO F 199 -4.18 -16.31 1.68
N ILE F 200 -4.53 -17.33 2.48
CA ILE F 200 -5.86 -17.98 2.43
C ILE F 200 -6.71 -17.65 3.66
N TYR F 201 -6.10 -17.53 4.83
CA TYR F 201 -6.81 -17.38 6.11
C TYR F 201 -7.65 -16.09 6.20
N THR F 202 -7.22 -15.04 5.50
CA THR F 202 -8.01 -13.83 5.19
C THR F 202 -7.87 -13.52 3.69
N PRO F 203 -8.79 -12.76 3.06
CA PRO F 203 -8.79 -12.59 1.61
C PRO F 203 -7.55 -11.84 1.08
N PRO F 204 -6.88 -12.28 0.01
CA PRO F 204 -5.66 -11.67 -0.51
C PRO F 204 -5.79 -10.23 -0.99
N LEU F 205 -6.95 -9.74 -1.42
CA LEU F 205 -7.13 -8.33 -1.75
C LEU F 205 -7.16 -7.43 -0.51
N SER F 206 -7.60 -7.94 0.64
CA SER F 206 -8.01 -7.12 1.78
C SER F 206 -7.04 -7.16 2.97
N THR F 207 -5.95 -7.91 2.92
CA THR F 207 -4.98 -8.00 4.02
C THR F 207 -3.53 -7.98 3.54
N GLY F 208 -2.67 -7.35 4.34
CA GLY F 208 -1.23 -7.36 4.16
C GLY F 208 -0.50 -7.52 5.50
N LEU F 209 0.81 -7.75 5.46
CA LEU F 209 1.59 -8.10 6.66
C LEU F 209 1.57 -7.05 7.78
N ASN F 210 1.28 -5.78 7.54
CA ASN F 210 1.34 -4.78 8.60
C ASN F 210 0.18 -4.87 9.61
N GLY F 211 -0.96 -5.45 9.23
CA GLY F 211 -2.22 -5.39 9.97
C GLY F 211 -2.48 -6.58 10.89
N ALA F 212 -3.19 -6.33 11.99
CA ALA F 212 -3.49 -7.32 13.02
C ALA F 212 -4.30 -8.51 12.47
N PRO F 213 -3.94 -9.77 12.80
CA PRO F 213 -4.73 -10.96 12.47
C PRO F 213 -6.18 -10.92 12.99
N PRO F 214 -7.10 -11.68 12.38
CA PRO F 214 -8.44 -11.85 12.90
C PRO F 214 -8.47 -12.70 14.18
N THR F 215 -9.54 -12.54 14.97
CA THR F 215 -9.80 -13.35 16.17
C THR F 215 -9.81 -14.85 15.85
N PRO F 216 -9.28 -15.74 16.71
CA PRO F 216 -9.08 -17.15 16.37
C PRO F 216 -10.41 -17.88 16.11
N ALA F 217 -10.69 -18.15 14.84
CA ALA F 217 -11.92 -18.79 14.39
C ALA F 217 -11.70 -19.50 13.06
N LEU F 218 -12.56 -20.45 12.73
CA LEU F 218 -12.52 -21.25 11.52
C LEU F 218 -13.95 -21.50 11.07
N TYR F 219 -14.31 -21.09 9.86
CA TYR F 219 -15.68 -21.01 9.37
C TYR F 219 -16.69 -20.41 10.34
N GLY F 220 -16.29 -19.39 11.09
CA GLY F 220 -17.17 -18.67 12.03
C GLY F 220 -17.27 -19.28 13.43
N PHE F 221 -16.63 -20.42 13.70
CA PHE F 221 -16.59 -21.06 15.01
C PHE F 221 -15.25 -20.79 15.71
N PRO F 222 -15.23 -20.42 17.00
CA PRO F 222 -14.00 -20.24 17.78
C PRO F 222 -13.03 -21.42 17.67
N LEU F 223 -11.74 -21.13 17.58
CA LEU F 223 -10.75 -22.16 17.27
C LEU F 223 -10.49 -23.12 18.43
N ASN F 224 -10.72 -22.68 19.68
CA ASN F 224 -10.57 -23.46 20.92
C ASN F 224 -9.29 -24.31 20.96
N GLU F 225 -8.13 -23.66 20.94
CA GLU F 225 -6.85 -24.34 21.08
C GLU F 225 -6.72 -24.91 22.49
N VAL F 226 -6.34 -26.19 22.62
CA VAL F 226 -6.28 -26.89 23.91
C VAL F 226 -4.93 -26.61 24.58
N THR F 227 -4.89 -25.71 25.57
CA THR F 227 -3.63 -25.25 26.18
C THR F 227 -3.21 -26.02 27.43
N SER F 228 -4.03 -26.92 27.95
CA SER F 228 -3.82 -27.64 29.21
C SER F 228 -2.74 -28.75 29.16
N GLY F 229 -2.07 -28.95 28.04
CA GLY F 229 -1.00 -29.94 27.85
C GLY F 229 -1.44 -31.34 27.43
N VAL F 230 -2.74 -31.66 27.49
CA VAL F 230 -3.29 -32.99 27.15
C VAL F 230 -3.19 -33.39 25.68
N TRP F 231 -3.20 -32.43 24.76
CA TRP F 231 -3.25 -32.66 23.32
C TRP F 231 -2.01 -33.37 22.77
N ASP F 232 -2.19 -34.32 21.84
CA ASP F 232 -1.10 -34.96 21.12
C ASP F 232 -1.15 -34.62 19.62
N ALA F 233 -0.29 -33.71 19.16
CA ALA F 233 -0.29 -33.26 17.77
C ALA F 233 0.16 -34.32 16.75
N ASP F 234 0.68 -35.45 17.20
CA ASP F 234 1.00 -36.60 16.34
C ASP F 234 -0.21 -37.52 16.10
N GLU F 235 -1.34 -37.28 16.78
CA GLU F 235 -2.60 -38.01 16.59
C GLU F 235 -3.61 -37.20 15.77
N ALA F 236 -3.83 -35.92 16.12
CA ALA F 236 -4.81 -35.08 15.47
C ALA F 236 -4.37 -33.61 15.44
N ILE F 237 -4.81 -32.89 14.42
CA ILE F 237 -4.64 -31.43 14.28
C ILE F 237 -5.87 -30.68 14.78
N LEU F 238 -7.05 -31.22 14.53
CA LEU F 238 -8.33 -30.58 14.77
C LEU F 238 -9.39 -31.66 15.01
N LEU F 239 -10.37 -31.39 15.85
CA LEU F 239 -11.57 -32.22 16.02
C LEU F 239 -12.82 -31.34 15.95
N GLY F 240 -13.80 -31.73 15.14
CA GLY F 240 -15.08 -31.04 14.99
C GLY F 240 -16.25 -31.96 15.25
N ALA F 241 -17.32 -31.45 15.86
CA ALA F 241 -18.39 -32.28 16.37
C ALA F 241 -19.72 -31.53 16.59
N ASP F 242 -20.80 -32.29 16.76
CA ASP F 242 -21.99 -31.79 17.46
C ASP F 242 -21.81 -31.98 18.99
N TRP F 243 -21.29 -30.98 19.68
CA TRP F 243 -21.02 -31.04 21.11
C TRP F 243 -22.26 -31.22 21.99
N SER F 244 -23.48 -31.07 21.48
CA SER F 244 -24.70 -31.43 22.23
C SER F 244 -24.87 -32.95 22.42
N LYS F 245 -24.07 -33.76 21.72
CA LYS F 245 -24.05 -35.23 21.76
C LYS F 245 -22.86 -35.83 22.50
N VAL F 246 -22.06 -35.03 23.18
CA VAL F 246 -20.98 -35.49 24.06
C VAL F 246 -21.42 -35.23 25.48
N VAL F 247 -21.43 -36.22 26.34
CA VAL F 247 -22.06 -36.16 27.66
C VAL F 247 -21.08 -36.58 28.75
N ILE F 248 -21.06 -35.81 29.84
CA ILE F 248 -20.32 -36.13 31.07
C ILE F 248 -21.34 -36.35 32.19
N GLY F 249 -21.28 -37.52 32.81
CA GLY F 249 -22.07 -37.89 33.98
C GLY F 249 -21.32 -37.65 35.27
N ILE F 250 -21.79 -36.74 36.12
CA ILE F 250 -21.21 -36.47 37.45
C ILE F 250 -21.89 -37.35 38.49
N ARG F 251 -21.16 -38.35 39.01
CA ARG F 251 -21.67 -39.25 40.06
C ARG F 251 -21.34 -38.76 41.47
N GLN F 252 -20.14 -38.22 41.67
CA GLN F 252 -19.70 -37.56 42.91
C GLN F 252 -18.75 -36.43 42.57
N ASP F 253 -19.11 -35.19 42.92
CA ASP F 253 -18.32 -33.99 42.68
C ASP F 253 -16.95 -34.01 43.38
N ILE F 254 -15.98 -33.20 42.94
CA ILE F 254 -14.64 -33.20 43.54
C ILE F 254 -14.76 -32.86 45.02
N THR F 255 -14.31 -33.79 45.88
CA THR F 255 -14.49 -33.72 47.34
C THR F 255 -13.18 -34.00 48.04
N PHE F 256 -12.89 -33.22 49.08
CA PHE F 256 -11.62 -33.23 49.84
C PHE F 256 -11.85 -33.64 51.30
N ASP F 257 -11.07 -34.60 51.80
CA ASP F 257 -11.09 -35.07 53.19
C ASP F 257 -9.71 -34.92 53.83
N LEU F 258 -9.64 -34.39 55.05
CA LEU F 258 -8.40 -34.19 55.79
C LEU F 258 -8.31 -35.15 56.99
N PHE F 259 -7.26 -35.96 57.05
CA PHE F 259 -7.08 -37.01 58.05
C PHE F 259 -5.87 -36.80 58.96
N SER F 260 -6.06 -36.85 60.28
CA SER F 260 -5.01 -36.83 61.31
C SER F 260 -4.61 -38.21 61.86
N GLU F 261 -5.38 -39.26 61.58
CA GLU F 261 -5.23 -40.61 62.13
C GLU F 261 -5.18 -41.68 61.03
N GLY F 262 -4.57 -42.82 61.31
CA GLY F 262 -4.43 -43.92 60.34
C GLY F 262 -3.06 -44.00 59.69
N VAL F 263 -2.94 -44.79 58.63
CA VAL F 263 -1.67 -45.07 57.93
C VAL F 263 -1.75 -44.88 56.42
N ILE F 264 -0.61 -44.61 55.81
CA ILE F 264 -0.33 -44.90 54.41
C ILE F 264 0.34 -46.28 54.39
N SER F 265 0.01 -47.13 53.44
CA SER F 265 0.51 -48.51 53.38
C SER F 265 0.82 -48.96 51.96
N ASP F 266 1.77 -49.86 51.84
CA ASP F 266 2.24 -50.44 50.59
C ASP F 266 1.19 -51.37 49.95
N SER F 267 1.48 -51.93 48.78
CA SER F 267 0.77 -53.09 48.22
C SER F 267 0.85 -54.34 49.08
N ASP F 268 1.87 -54.44 49.95
CA ASP F 268 2.22 -55.66 50.68
C ASP F 268 1.77 -55.63 52.16
N GLY F 269 0.91 -54.67 52.53
CA GLY F 269 0.35 -54.51 53.88
C GLY F 269 1.26 -53.83 54.90
N LYS F 270 2.51 -53.55 54.53
CA LYS F 270 3.48 -52.76 55.30
C LYS F 270 3.04 -51.30 55.46
N VAL F 271 3.15 -50.74 56.66
CA VAL F 271 2.96 -49.32 56.95
C VAL F 271 4.14 -48.52 56.42
N VAL F 272 3.91 -47.53 55.55
CA VAL F 272 4.99 -46.65 55.04
C VAL F 272 4.99 -45.26 55.69
N LEU F 273 3.85 -44.77 56.18
CA LEU F 273 3.78 -43.57 57.00
C LEU F 273 2.63 -43.72 58.00
N ASN F 274 2.90 -43.55 59.28
CA ASN F 274 1.90 -43.60 60.34
C ASN F 274 1.55 -42.19 60.78
N LEU F 275 0.32 -41.74 60.55
CA LEU F 275 -0.04 -40.33 60.71
C LEU F 275 -0.01 -39.87 62.17
N MET F 276 -0.41 -40.72 63.12
CA MET F 276 -0.30 -40.43 64.56
C MET F 276 1.14 -40.52 65.03
N GLN F 277 1.76 -41.69 64.89
CA GLN F 277 3.07 -41.98 65.46
C GLN F 277 4.22 -41.24 64.76
N GLN F 278 3.99 -40.60 63.62
CA GLN F 278 4.95 -39.74 62.90
C GLN F 278 4.44 -38.31 62.68
N ASP F 279 3.52 -37.82 63.49
CA ASP F 279 3.12 -36.40 63.58
C ASP F 279 2.83 -35.78 62.20
N SER F 280 1.87 -36.32 61.47
CA SER F 280 1.58 -35.98 60.06
C SER F 280 0.08 -35.99 59.78
N LYS F 281 -0.32 -35.36 58.68
CA LYS F 281 -1.70 -35.35 58.19
C LYS F 281 -1.72 -35.70 56.70
N ALA F 282 -2.88 -36.00 56.17
CA ALA F 282 -3.05 -36.22 54.74
C ALA F 282 -4.35 -35.60 54.22
N LEU F 283 -4.31 -35.09 52.99
CA LEU F 283 -5.50 -34.86 52.18
C LEU F 283 -5.80 -36.10 51.36
N ARG F 284 -7.08 -36.41 51.17
CA ARG F 284 -7.58 -37.27 50.09
C ARG F 284 -8.52 -36.46 49.21
N VAL F 285 -8.40 -36.61 47.89
CA VAL F 285 -9.37 -36.07 46.92
C VAL F 285 -9.98 -37.20 46.10
N VAL F 286 -11.29 -37.18 45.89
CA VAL F 286 -12.04 -38.22 45.17
C VAL F 286 -13.03 -37.58 44.19
N PHE F 287 -13.12 -38.12 42.98
CA PHE F 287 -14.09 -37.73 41.96
C PHE F 287 -14.65 -38.96 41.23
N ARG F 288 -15.98 -39.02 41.01
CA ARG F 288 -16.61 -40.11 40.24
C ARG F 288 -17.37 -39.56 39.05
N VAL F 289 -17.06 -40.09 37.87
CA VAL F 289 -17.46 -39.51 36.59
C VAL F 289 -17.66 -40.57 35.51
N GLY F 290 -18.64 -40.38 34.63
CA GLY F 290 -18.87 -41.23 33.46
C GLY F 290 -18.88 -40.42 32.17
N PHE F 291 -18.55 -41.05 31.05
CA PHE F 291 -18.49 -40.42 29.72
C PHE F 291 -19.31 -41.19 28.68
N GLN F 292 -20.04 -40.49 27.82
CA GLN F 292 -20.80 -41.07 26.72
C GLN F 292 -20.82 -40.14 25.51
N VAL F 293 -20.77 -40.66 24.29
CA VAL F 293 -21.07 -39.92 23.05
C VAL F 293 -22.26 -40.56 22.35
N ALA F 294 -23.35 -39.81 22.22
CA ALA F 294 -24.65 -40.28 21.76
C ALA F 294 -24.84 -40.11 20.26
N ASN F 295 -24.64 -41.15 19.45
CA ASN F 295 -25.12 -41.18 18.07
C ASN F 295 -26.53 -41.79 17.97
N PRO F 296 -27.63 -41.00 17.95
CA PRO F 296 -28.94 -41.51 17.53
C PRO F 296 -28.86 -42.05 16.10
N MET F 297 -29.78 -42.90 15.70
CA MET F 297 -29.93 -43.31 14.30
C MET F 297 -30.41 -42.13 13.45
N THR F 298 -29.92 -42.02 12.22
CA THR F 298 -30.27 -40.95 11.28
C THR F 298 -30.77 -41.59 9.97
N ARG F 299 -31.61 -40.88 9.21
CA ARG F 299 -32.10 -41.35 7.92
C ARG F 299 -31.00 -41.41 6.85
N LEU F 300 -30.00 -40.52 6.92
CA LEU F 300 -28.88 -40.50 5.99
C LEU F 300 -27.95 -41.70 6.12
N ASN F 301 -27.71 -42.17 7.35
CA ASN F 301 -26.82 -43.29 7.59
C ASN F 301 -27.43 -44.21 8.67
N PRO F 302 -28.05 -45.34 8.30
CA PRO F 302 -28.60 -46.26 9.27
C PRO F 302 -27.55 -47.24 9.82
N ASN F 303 -26.37 -47.33 9.21
CA ASN F 303 -25.29 -48.20 9.70
C ASN F 303 -24.67 -47.64 10.98
N GLU F 304 -24.31 -48.50 11.92
CA GLU F 304 -23.67 -48.14 13.18
C GLU F 304 -22.15 -48.04 13.09
N ALA F 305 -21.53 -48.89 12.26
CA ALA F 305 -20.09 -49.02 12.16
C ALA F 305 -19.39 -47.81 11.50
N THR F 306 -20.14 -46.90 10.87
CA THR F 306 -19.62 -45.79 10.07
C THR F 306 -20.25 -44.43 10.38
N ARG F 307 -21.20 -44.33 11.32
CA ARG F 307 -21.91 -43.10 11.67
C ARG F 307 -21.40 -42.55 12.99
N TYR F 308 -20.88 -41.33 13.04
CA TYR F 308 -20.36 -40.76 14.29
C TYR F 308 -20.59 -39.25 14.39
N PRO F 309 -20.84 -38.65 15.57
CA PRO F 309 -21.19 -37.23 15.67
C PRO F 309 -20.00 -36.27 15.60
N ALA F 310 -18.80 -36.78 15.30
CA ALA F 310 -17.53 -36.09 15.35
C ALA F 310 -16.59 -36.60 14.27
N GLY F 311 -15.61 -35.79 13.91
CA GLY F 311 -14.59 -36.14 12.92
C GLY F 311 -13.31 -35.35 13.10
N VAL F 312 -12.21 -35.86 12.55
CA VAL F 312 -10.84 -35.37 12.82
C VAL F 312 -10.04 -35.09 11.56
N ILE F 313 -9.10 -34.16 11.65
CA ILE F 313 -8.02 -34.01 10.67
C ILE F 313 -6.75 -34.58 11.27
N ILE F 314 -6.07 -35.45 10.55
CA ILE F 314 -4.92 -36.20 11.04
C ILE F 314 -3.65 -35.85 10.24
N PRO F 315 -2.44 -35.90 10.83
CA PRO F 315 -1.20 -35.53 10.14
C PRO F 315 -0.87 -36.39 8.92
N ALA F 316 -0.18 -35.81 7.96
CA ALA F 316 0.29 -36.51 6.76
C ALA F 316 1.24 -37.68 7.10
N GLY F 317 1.14 -38.79 6.39
CA GLY F 317 1.88 -40.02 6.68
C GLY F 317 3.40 -39.89 6.64
N ALA G 1 -70.88 -70.90 -9.51
CA ALA G 1 -70.17 -72.09 -9.00
C ALA G 1 -68.72 -71.76 -8.64
N GLY G 2 -68.09 -72.62 -7.85
CA GLY G 2 -66.70 -72.50 -7.39
C GLY G 2 -66.44 -71.37 -6.40
N PHE G 3 -65.17 -71.17 -6.06
CA PHE G 3 -64.70 -70.18 -5.08
C PHE G 3 -63.91 -69.01 -5.72
N ALA G 4 -63.63 -69.08 -7.02
CA ALA G 4 -62.69 -68.21 -7.73
C ALA G 4 -63.23 -66.85 -8.20
N ASN G 5 -64.54 -66.61 -8.14
CA ASN G 5 -65.16 -65.40 -8.69
C ASN G 5 -64.92 -64.15 -7.84
N ILE G 6 -64.63 -63.03 -8.48
CA ILE G 6 -64.52 -61.69 -7.88
C ILE G 6 -64.89 -60.63 -8.92
N GLN G 7 -65.36 -59.47 -8.50
CA GLN G 7 -65.79 -58.37 -9.37
C GLN G 7 -64.58 -57.58 -9.90
N GLY G 8 -64.23 -57.72 -11.18
CA GLY G 8 -63.11 -57.02 -11.81
C GLY G 8 -63.45 -55.66 -12.43
N ARG G 9 -62.44 -54.90 -12.88
CA ARG G 9 -62.61 -53.63 -13.62
C ARG G 9 -63.36 -53.80 -14.93
N ALA G 10 -63.05 -54.87 -15.65
CA ALA G 10 -63.69 -55.23 -16.92
C ALA G 10 -65.17 -55.63 -16.80
N ASP G 11 -65.67 -55.89 -15.60
CA ASP G 11 -67.07 -56.25 -15.36
C ASP G 11 -68.02 -55.05 -15.31
N LEU G 12 -67.54 -53.81 -15.34
CA LEU G 12 -68.36 -52.60 -15.37
C LEU G 12 -68.23 -51.88 -16.71
N SER G 13 -69.27 -51.15 -17.10
CA SER G 13 -69.21 -50.28 -18.27
C SER G 13 -68.37 -49.02 -18.02
N ASP G 14 -67.87 -48.43 -19.09
CA ASP G 14 -67.12 -47.17 -19.05
C ASP G 14 -67.93 -46.00 -18.51
N VAL G 15 -69.27 -46.08 -18.52
CA VAL G 15 -70.17 -45.07 -17.94
C VAL G 15 -70.04 -45.02 -16.42
N HIS G 16 -69.76 -46.15 -15.77
CA HIS G 16 -69.75 -46.27 -14.31
C HIS G 16 -68.38 -46.10 -13.68
N LEU G 17 -67.31 -46.29 -14.47
CA LEU G 17 -65.92 -45.98 -14.14
C LEU G 17 -65.38 -44.84 -15.02
N PRO G 18 -65.94 -43.62 -14.94
CA PRO G 18 -65.53 -42.53 -15.80
C PRO G 18 -64.13 -42.02 -15.41
N ASP G 19 -63.35 -41.58 -16.40
CA ASP G 19 -62.20 -40.71 -16.11
C ASP G 19 -62.70 -39.34 -15.65
N GLN G 20 -62.02 -38.75 -14.69
CA GLN G 20 -62.27 -37.36 -14.31
C GLN G 20 -61.74 -36.45 -15.43
N VAL G 21 -62.47 -35.41 -15.84
CA VAL G 21 -62.00 -34.48 -16.88
C VAL G 21 -61.68 -33.12 -16.29
N ILE G 22 -60.53 -32.56 -16.66
CA ILE G 22 -60.16 -31.18 -16.38
C ILE G 22 -60.49 -30.37 -17.64
N LYS G 23 -61.43 -29.43 -17.56
CA LYS G 23 -62.03 -28.80 -18.75
C LYS G 23 -61.15 -27.74 -19.42
N ASP G 24 -60.30 -27.06 -18.67
CA ASP G 24 -59.39 -26.02 -19.17
C ASP G 24 -58.24 -26.61 -20.00
N VAL G 25 -57.97 -26.08 -21.19
CA VAL G 25 -56.88 -26.56 -22.07
C VAL G 25 -55.51 -26.18 -21.49
N LEU G 26 -54.59 -27.13 -21.45
CA LEU G 26 -53.19 -26.90 -21.09
C LEU G 26 -52.45 -26.25 -22.27
N GLN G 27 -52.00 -25.00 -22.08
CA GLN G 27 -51.29 -24.20 -23.08
C GLN G 27 -50.45 -23.09 -22.43
N THR G 28 -49.43 -22.57 -23.12
CA THR G 28 -48.78 -21.29 -22.78
C THR G 28 -49.46 -20.14 -23.52
N ALA G 29 -49.62 -18.99 -22.86
CA ALA G 29 -50.26 -17.79 -23.40
C ALA G 29 -49.52 -17.21 -24.62
N PRO G 30 -50.22 -16.57 -25.58
CA PRO G 30 -49.62 -16.06 -26.80
C PRO G 30 -48.58 -14.96 -26.57
N GLU G 31 -47.50 -15.01 -27.32
CA GLU G 31 -46.40 -14.04 -27.28
C GLU G 31 -46.70 -12.80 -28.13
N ALA G 32 -46.13 -11.67 -27.74
CA ALA G 32 -46.19 -10.43 -28.51
C ALA G 32 -45.12 -10.38 -29.62
N SER G 33 -45.41 -9.67 -30.71
CA SER G 33 -44.45 -9.39 -31.79
C SER G 33 -43.39 -8.37 -31.35
N VAL G 34 -42.21 -8.43 -31.97
CA VAL G 34 -41.12 -7.47 -31.76
C VAL G 34 -41.44 -6.16 -32.45
N LEU G 35 -41.53 -6.10 -33.78
CA LEU G 35 -41.64 -4.84 -34.50
C LEU G 35 -42.95 -4.10 -34.22
N LEU G 36 -44.09 -4.79 -34.04
CA LEU G 36 -45.34 -4.11 -33.70
C LEU G 36 -45.32 -3.40 -32.34
N ASN G 37 -44.34 -3.68 -31.48
CA ASN G 37 -44.19 -3.01 -30.19
C ASN G 37 -42.96 -2.10 -30.14
N ARG G 38 -41.85 -2.49 -30.75
CA ARG G 38 -40.58 -1.75 -30.66
C ARG G 38 -40.47 -0.57 -31.62
N ALA G 39 -40.99 -0.68 -32.84
CA ALA G 39 -40.90 0.34 -33.88
C ALA G 39 -41.83 1.54 -33.61
N ARG G 40 -41.57 2.67 -34.27
CA ARG G 40 -42.49 3.82 -34.28
C ARG G 40 -43.69 3.55 -35.21
N LYS G 41 -44.88 3.93 -34.77
CA LYS G 41 -46.16 3.55 -35.37
C LYS G 41 -46.82 4.70 -36.11
N VAL G 42 -47.21 4.49 -37.37
CA VAL G 42 -47.91 5.49 -38.20
C VAL G 42 -49.09 4.89 -38.94
N ARG G 43 -50.18 5.64 -39.11
CA ARG G 43 -51.37 5.21 -39.88
C ARG G 43 -51.22 5.62 -41.34
N MET G 44 -51.19 4.64 -42.23
CA MET G 44 -51.21 4.87 -43.67
C MET G 44 -52.64 5.04 -44.21
N SER G 45 -52.82 5.92 -45.19
CA SER G 45 -54.09 6.17 -45.91
C SER G 45 -54.03 5.87 -47.41
N SER G 46 -52.92 5.36 -47.92
CA SER G 46 -52.67 5.00 -49.32
C SER G 46 -51.68 3.84 -49.39
N LYS G 47 -51.57 3.12 -50.51
CA LYS G 47 -50.59 2.04 -50.65
C LYS G 47 -49.15 2.53 -50.50
N LYS G 48 -48.86 3.80 -50.80
CA LYS G 48 -47.53 4.42 -50.68
C LYS G 48 -47.54 5.70 -49.88
N THR G 49 -46.43 5.92 -49.17
CA THR G 49 -46.09 7.17 -48.47
C THR G 49 -44.82 7.75 -49.09
N LYS G 50 -44.73 9.06 -49.27
CA LYS G 50 -43.58 9.80 -49.82
C LYS G 50 -43.12 10.88 -48.85
N GLN G 51 -41.82 10.98 -48.59
CA GLN G 51 -41.24 12.04 -47.75
C GLN G 51 -40.01 12.71 -48.40
N PRO G 52 -39.86 14.04 -48.33
CA PRO G 52 -38.68 14.75 -48.79
C PRO G 52 -37.46 14.57 -47.86
N VAL G 53 -36.27 14.53 -48.45
CA VAL G 53 -35.00 14.35 -47.73
C VAL G 53 -33.97 15.38 -48.17
N LEU G 54 -33.18 15.93 -47.24
CA LEU G 54 -31.99 16.72 -47.58
C LEU G 54 -30.93 15.81 -48.21
N ALA G 55 -30.34 16.21 -49.33
CA ALA G 55 -29.45 15.33 -50.11
C ALA G 55 -28.09 15.93 -50.48
N SER G 56 -27.81 17.18 -50.15
CA SER G 56 -26.51 17.83 -50.28
C SER G 56 -26.45 19.08 -49.42
N LEU G 57 -25.23 19.58 -49.19
CA LEU G 57 -24.96 20.75 -48.36
C LEU G 57 -24.27 21.86 -49.20
N PRO G 58 -24.50 23.15 -48.91
CA PRO G 58 -23.79 24.25 -49.55
C PRO G 58 -22.34 24.37 -49.06
N ASP G 59 -21.51 25.07 -49.83
CA ASP G 59 -20.13 25.43 -49.50
C ASP G 59 -19.98 26.86 -48.96
N ALA G 60 -18.78 27.17 -48.48
CA ALA G 60 -18.24 28.53 -48.36
C ALA G 60 -16.82 28.52 -48.92
N TYR G 61 -16.28 29.68 -49.30
CA TYR G 61 -14.95 29.76 -49.89
C TYR G 61 -14.17 30.96 -49.34
N TRP G 62 -12.87 30.81 -49.15
CA TRP G 62 -11.98 31.94 -48.80
C TRP G 62 -11.82 32.85 -50.02
N VAL G 63 -11.91 34.17 -49.83
CA VAL G 63 -11.78 35.14 -50.93
C VAL G 63 -10.41 35.82 -50.92
N ASP G 64 -9.76 35.86 -52.08
CA ASP G 64 -8.36 36.27 -52.25
C ASP G 64 -8.17 37.81 -52.26
N GLY G 65 -8.36 38.43 -51.10
CA GLY G 65 -8.11 39.86 -50.87
C GLY G 65 -9.35 40.71 -50.70
N ASP G 66 -9.17 42.02 -50.67
CA ASP G 66 -10.23 43.00 -50.37
C ASP G 66 -11.30 43.13 -51.47
N THR G 67 -11.02 42.66 -52.69
CA THR G 67 -11.76 42.88 -53.94
C THR G 67 -11.74 41.66 -54.87
N GLY G 68 -11.51 40.45 -54.35
CA GLY G 68 -11.66 39.21 -55.13
C GLY G 68 -13.13 38.88 -55.38
N LEU G 69 -13.43 38.18 -56.47
CA LEU G 69 -14.80 37.72 -56.77
C LEU G 69 -15.24 36.61 -55.81
N LYS G 70 -16.40 36.80 -55.16
CA LYS G 70 -17.07 35.79 -54.33
C LYS G 70 -17.67 34.70 -55.22
N GLN G 71 -17.64 33.43 -54.81
CA GLN G 71 -18.17 32.29 -55.57
C GLN G 71 -19.64 31.98 -55.23
N THR G 72 -20.27 31.02 -55.93
CA THR G 72 -21.67 30.62 -55.75
C THR G 72 -21.87 29.14 -55.38
N THR G 73 -22.98 28.79 -54.73
CA THR G 73 -23.30 27.42 -54.27
C THR G 73 -24.81 27.12 -54.24
N LYS G 74 -25.23 25.85 -54.05
CA LYS G 74 -26.65 25.41 -53.97
C LYS G 74 -26.89 24.13 -53.13
N ASN G 75 -28.14 23.91 -52.73
CA ASN G 75 -28.66 22.67 -52.14
C ASN G 75 -29.18 21.64 -53.19
N ILE G 76 -29.46 20.42 -52.74
CA ILE G 76 -30.26 19.38 -53.41
C ILE G 76 -31.19 18.72 -52.39
N TRP G 77 -32.36 18.24 -52.82
CA TRP G 77 -33.26 17.36 -52.06
C TRP G 77 -33.64 16.13 -52.88
N SER G 78 -34.19 15.10 -52.23
CA SER G 78 -34.71 13.89 -52.86
C SER G 78 -35.93 13.34 -52.09
N ASN G 79 -36.36 12.11 -52.37
CA ASN G 79 -37.52 11.45 -51.77
C ASN G 79 -37.18 10.05 -51.22
N VAL G 80 -37.91 9.63 -50.18
CA VAL G 80 -37.96 8.24 -49.70
C VAL G 80 -39.40 7.74 -49.59
N PHE G 81 -39.57 6.43 -49.73
CA PHE G 81 -40.85 5.76 -49.89
C PHE G 81 -41.07 4.61 -48.90
N MET G 82 -42.31 4.40 -48.50
CA MET G 82 -42.78 3.22 -47.77
C MET G 82 -44.00 2.64 -48.47
N THR G 83 -44.04 1.32 -48.69
CA THR G 83 -45.12 0.62 -49.42
C THR G 83 -45.85 -0.38 -48.52
N ALA G 84 -47.18 -0.34 -48.48
CA ALA G 84 -48.00 -1.35 -47.82
C ALA G 84 -48.05 -2.68 -48.58
N GLU G 85 -47.98 -3.79 -47.86
CA GLU G 85 -48.13 -5.15 -48.37
C GLU G 85 -49.15 -5.92 -47.53
N GLU G 86 -49.69 -7.01 -48.04
CA GLU G 86 -50.77 -7.77 -47.39
C GLU G 86 -50.33 -9.16 -46.95
N LEU G 87 -50.69 -9.56 -45.73
CA LEU G 87 -50.64 -10.96 -45.32
C LEU G 87 -51.98 -11.43 -44.76
N ALA G 88 -52.34 -12.65 -45.11
CA ALA G 88 -53.67 -13.19 -44.95
C ALA G 88 -53.67 -14.72 -44.93
N VAL G 89 -54.71 -15.32 -44.34
CA VAL G 89 -54.92 -16.77 -44.36
C VAL G 89 -56.40 -17.13 -44.23
N ILE G 90 -56.76 -18.34 -44.66
CA ILE G 90 -58.11 -18.91 -44.58
C ILE G 90 -58.11 -20.16 -43.69
N VAL G 91 -59.09 -20.31 -42.79
CA VAL G 91 -59.26 -21.51 -41.94
C VAL G 91 -60.61 -22.17 -42.24
N PRO G 92 -60.68 -23.28 -43.00
CA PRO G 92 -61.92 -23.97 -43.30
C PRO G 92 -62.31 -25.03 -42.25
N ILE G 93 -63.58 -25.07 -41.82
CA ILE G 93 -64.10 -26.04 -40.83
C ILE G 93 -65.50 -26.56 -41.23
N PRO G 94 -65.75 -27.89 -41.25
CA PRO G 94 -67.06 -28.47 -41.54
C PRO G 94 -68.15 -28.05 -40.55
N ASP G 95 -69.36 -27.83 -41.04
CA ASP G 95 -70.55 -27.47 -40.24
C ASP G 95 -70.84 -28.47 -39.12
N ALA G 96 -70.56 -29.75 -39.36
CA ALA G 96 -70.70 -30.82 -38.40
C ALA G 96 -69.83 -30.62 -37.14
N LEU G 97 -68.55 -30.26 -37.27
CA LEU G 97 -67.65 -30.05 -36.12
C LEU G 97 -68.03 -28.83 -35.27
N ILE G 98 -68.55 -27.77 -35.89
CA ILE G 98 -69.00 -26.57 -35.19
C ILE G 98 -70.21 -26.89 -34.31
N ALA G 99 -71.10 -27.77 -34.75
CA ALA G 99 -72.22 -28.24 -33.95
C ALA G 99 -71.80 -29.28 -32.89
N ASP G 100 -71.02 -30.29 -33.28
CA ASP G 100 -70.64 -31.41 -32.42
C ASP G 100 -69.79 -31.01 -31.21
N SER G 101 -68.78 -30.16 -31.39
CA SER G 101 -67.79 -29.89 -30.35
C SER G 101 -68.28 -28.89 -29.29
N ASP G 102 -67.86 -29.06 -28.03
CA ASP G 102 -68.23 -28.20 -26.89
C ASP G 102 -67.33 -26.96 -26.71
N LEU G 103 -66.18 -26.93 -27.39
CA LEU G 103 -65.29 -25.80 -27.47
C LEU G 103 -65.78 -24.77 -28.52
N PRO G 104 -65.82 -23.45 -28.27
CA PRO G 104 -66.31 -22.45 -29.22
C PRO G 104 -65.29 -22.18 -30.36
N LEU G 105 -65.26 -23.08 -31.33
CA LEU G 105 -64.10 -23.33 -32.17
C LEU G 105 -63.60 -22.16 -33.05
N TRP G 106 -64.45 -21.22 -33.44
CA TRP G 106 -64.00 -19.99 -34.10
C TRP G 106 -63.29 -19.02 -33.15
N ASP G 107 -63.76 -18.87 -31.91
CA ASP G 107 -63.14 -17.98 -30.94
C ASP G 107 -61.78 -18.50 -30.45
N GLU G 108 -61.54 -19.80 -30.50
CA GLU G 108 -60.23 -20.37 -30.17
C GLU G 108 -59.15 -20.04 -31.18
N VAL G 109 -59.45 -20.04 -32.47
CA VAL G 109 -58.43 -19.83 -33.50
C VAL G 109 -58.06 -18.35 -33.65
N LYS G 110 -58.94 -17.40 -33.37
CA LYS G 110 -58.68 -15.96 -33.54
C LYS G 110 -57.44 -15.44 -32.79
N PRO G 111 -57.24 -15.63 -31.47
CA PRO G 111 -56.02 -15.19 -30.79
C PRO G 111 -54.75 -15.84 -31.34
N LEU G 112 -54.84 -17.10 -31.79
CA LEU G 112 -53.70 -17.79 -32.37
C LEU G 112 -53.34 -17.25 -33.77
N LEU G 113 -54.32 -16.72 -34.50
CA LEU G 113 -54.09 -16.04 -35.79
C LEU G 113 -53.54 -14.62 -35.59
N VAL G 114 -54.01 -13.86 -34.60
CA VAL G 114 -53.42 -12.56 -34.26
C VAL G 114 -51.94 -12.69 -33.90
N GLU G 115 -51.56 -13.74 -33.18
CA GLU G 115 -50.15 -14.05 -32.91
C GLU G 115 -49.37 -14.42 -34.18
N ALA G 116 -49.94 -15.24 -35.05
CA ALA G 116 -49.30 -15.69 -36.30
C ALA G 116 -49.02 -14.54 -37.26
N ILE G 117 -49.91 -13.55 -37.36
CA ILE G 117 -49.71 -12.34 -38.17
C ILE G 117 -48.47 -11.58 -37.69
N GLY G 118 -48.41 -11.26 -36.38
CA GLY G 118 -47.26 -10.60 -35.79
C GLY G 118 -45.93 -11.33 -36.04
N LYS G 119 -45.90 -12.65 -35.88
CA LYS G 119 -44.71 -13.47 -36.12
C LYS G 119 -44.18 -13.36 -37.55
N LYS G 120 -45.03 -13.16 -38.57
CA LYS G 120 -44.55 -13.00 -39.96
C LYS G 120 -43.95 -11.63 -40.20
N VAL G 121 -44.51 -10.58 -39.61
CA VAL G 121 -44.00 -9.22 -39.75
C VAL G 121 -42.57 -9.14 -39.22
N ASP G 122 -42.33 -9.65 -38.01
CA ASP G 122 -41.00 -9.74 -37.42
C ASP G 122 -40.01 -10.54 -38.26
N ASP G 123 -40.41 -11.69 -38.79
CA ASP G 123 -39.56 -12.54 -39.60
C ASP G 123 -39.11 -11.83 -40.90
N ALA G 124 -40.02 -11.12 -41.55
CA ALA G 124 -39.72 -10.31 -42.73
C ALA G 124 -38.88 -9.07 -42.40
N GLY G 125 -39.25 -8.28 -41.39
CA GLY G 125 -38.58 -7.02 -41.09
C GLY G 125 -37.20 -7.16 -40.43
N ILE G 126 -36.95 -8.23 -39.67
CA ILE G 126 -35.67 -8.45 -38.98
C ILE G 126 -34.76 -9.36 -39.81
N PHE G 127 -35.18 -10.59 -40.12
CA PHE G 127 -34.33 -11.60 -40.76
C PHE G 127 -34.45 -11.62 -42.29
N GLY G 128 -35.58 -11.22 -42.87
CA GLY G 128 -35.78 -11.12 -44.30
C GLY G 128 -36.15 -12.42 -45.02
N ASN G 129 -36.70 -13.43 -44.34
CA ASN G 129 -36.87 -14.76 -44.91
C ASN G 129 -37.89 -14.84 -46.06
N ASP G 130 -39.13 -14.40 -45.83
CA ASP G 130 -40.22 -14.43 -46.83
C ASP G 130 -40.61 -13.00 -47.28
N LYS G 131 -39.65 -12.07 -47.23
CA LYS G 131 -39.86 -10.63 -47.35
C LYS G 131 -40.57 -10.26 -48.67
N PRO G 132 -41.53 -9.32 -48.65
CA PRO G 132 -42.10 -8.73 -49.86
C PRO G 132 -41.06 -8.05 -50.76
N ALA G 133 -41.26 -8.13 -52.07
CA ALA G 133 -40.32 -7.59 -53.05
C ALA G 133 -40.26 -6.05 -53.04
N SER G 134 -41.35 -5.38 -52.66
CA SER G 134 -41.40 -3.91 -52.61
C SER G 134 -40.71 -3.30 -51.39
N TRP G 135 -40.49 -4.06 -50.33
CA TRP G 135 -39.86 -3.57 -49.11
C TRP G 135 -38.35 -3.38 -49.28
N PRO G 136 -37.75 -2.40 -48.56
CA PRO G 136 -36.31 -2.23 -48.52
C PRO G 136 -35.64 -3.45 -47.85
N ALA G 137 -34.30 -3.47 -47.77
CA ALA G 137 -33.60 -4.52 -47.03
C ALA G 137 -34.09 -4.60 -45.58
N ALA G 138 -34.21 -5.82 -45.05
CA ALA G 138 -34.51 -6.09 -43.66
C ALA G 138 -33.33 -5.73 -42.74
N LEU G 139 -33.55 -5.51 -41.43
CA LEU G 139 -32.50 -5.03 -40.54
C LEU G 139 -31.20 -5.86 -40.57
N ILE G 140 -31.27 -7.19 -40.49
CA ILE G 140 -30.04 -8.00 -40.44
C ILE G 140 -29.30 -8.05 -41.80
N PRO G 141 -29.94 -8.34 -42.95
CA PRO G 141 -29.26 -8.26 -44.24
C PRO G 141 -28.83 -6.85 -44.64
N GLY G 142 -29.57 -5.82 -44.22
CA GLY G 142 -29.22 -4.42 -44.44
C GLY G 142 -27.94 -4.03 -43.73
N ALA G 143 -27.84 -4.36 -42.44
CA ALA G 143 -26.62 -4.15 -41.66
C ALA G 143 -25.44 -4.97 -42.19
N ILE G 144 -25.61 -6.23 -42.57
CA ILE G 144 -24.53 -7.05 -43.14
C ILE G 144 -24.04 -6.49 -44.47
N ALA G 145 -24.93 -5.97 -45.32
CA ALA G 145 -24.53 -5.36 -46.60
C ALA G 145 -23.80 -4.01 -46.40
N ALA G 146 -24.26 -3.19 -45.45
CA ALA G 146 -23.62 -1.93 -45.10
C ALA G 146 -22.25 -2.09 -44.41
N GLY G 147 -21.93 -3.26 -43.87
CA GLY G 147 -20.69 -3.51 -43.11
C GLY G 147 -20.79 -3.25 -41.62
N ASN G 148 -21.99 -3.03 -41.07
CA ASN G 148 -22.25 -2.87 -39.64
C ASN G 148 -22.38 -4.25 -38.96
N SER G 149 -21.41 -5.12 -39.20
CA SER G 149 -21.39 -6.52 -38.80
C SER G 149 -20.08 -6.85 -38.10
N VAL G 150 -20.12 -7.73 -37.10
CA VAL G 150 -18.95 -8.34 -36.45
C VAL G 150 -19.23 -9.80 -36.12
N THR G 151 -18.23 -10.67 -36.27
CA THR G 151 -18.37 -12.10 -35.96
C THR G 151 -18.05 -12.37 -34.49
N LEU G 152 -18.91 -13.14 -33.81
CA LEU G 152 -18.75 -13.54 -32.41
C LEU G 152 -17.38 -14.14 -32.13
N GLY G 153 -16.68 -13.63 -31.12
CA GLY G 153 -15.40 -14.15 -30.69
C GLY G 153 -14.22 -13.80 -31.61
N THR G 154 -14.36 -12.78 -32.47
CA THR G 154 -13.21 -12.18 -33.15
C THR G 154 -12.37 -11.31 -32.20
N GLY G 155 -12.98 -10.78 -31.14
CA GLY G 155 -12.27 -10.30 -29.95
C GLY G 155 -12.47 -11.20 -28.72
N ASP G 156 -11.93 -10.78 -27.57
CA ASP G 156 -11.73 -11.65 -26.41
C ASP G 156 -13.00 -12.07 -25.64
N ASP G 157 -14.03 -11.24 -25.61
CA ASP G 157 -15.33 -11.54 -25.01
C ASP G 157 -16.45 -10.82 -25.77
N ILE G 158 -17.69 -11.27 -25.61
CA ILE G 158 -18.88 -10.66 -26.23
C ILE G 158 -18.95 -9.14 -26.07
N GLY G 159 -18.43 -8.58 -24.98
CA GLY G 159 -18.44 -7.15 -24.71
C GLY G 159 -17.55 -6.34 -25.63
N VAL G 160 -16.51 -6.89 -26.25
CA VAL G 160 -15.74 -6.16 -27.28
C VAL G 160 -16.40 -6.23 -28.65
N ASP G 161 -17.17 -7.27 -28.93
CA ASP G 161 -18.03 -7.33 -30.12
C ASP G 161 -19.20 -6.35 -29.99
N VAL G 162 -19.86 -6.30 -28.84
CA VAL G 162 -20.90 -5.29 -28.57
C VAL G 162 -20.35 -3.87 -28.58
N ALA G 163 -19.13 -3.64 -28.09
CA ALA G 163 -18.47 -2.35 -28.23
C ALA G 163 -18.17 -2.02 -29.70
N THR G 164 -17.86 -3.03 -30.52
CA THR G 164 -17.64 -2.83 -31.96
C THR G 164 -18.89 -2.35 -32.69
N LEU G 165 -20.09 -2.83 -32.33
CA LEU G 165 -21.36 -2.27 -32.82
C LEU G 165 -21.46 -0.78 -32.49
N GLY G 166 -21.24 -0.37 -31.24
CA GLY G 166 -21.32 1.04 -30.86
C GLY G 166 -20.36 1.92 -31.66
N GLU G 167 -19.14 1.46 -31.91
CA GLU G 167 -18.19 2.21 -32.74
C GLU G 167 -18.59 2.27 -34.21
N GLN G 168 -18.96 1.15 -34.85
CA GLN G 168 -19.42 1.17 -36.25
C GLN G 168 -20.63 2.08 -36.46
N LEU G 169 -21.55 2.18 -35.50
CA LEU G 169 -22.67 3.10 -35.57
C LEU G 169 -22.26 4.55 -35.31
N ALA G 170 -21.30 4.81 -34.41
CA ALA G 170 -20.76 6.15 -34.21
C ALA G 170 -19.99 6.68 -35.41
N LEU G 171 -19.33 5.82 -36.18
CA LEU G 171 -18.70 6.17 -37.46
C LEU G 171 -19.70 6.49 -38.58
N ASP G 172 -20.96 6.04 -38.50
CA ASP G 172 -22.05 6.42 -39.40
C ASP G 172 -22.82 7.66 -38.94
N GLY G 173 -22.71 8.02 -37.66
CA GLY G 173 -23.36 9.17 -37.07
C GLY G 173 -24.63 8.86 -36.28
N PHE G 174 -24.82 7.61 -35.86
CA PHE G 174 -25.97 7.17 -35.07
C PHE G 174 -25.57 6.69 -33.67
N SER G 175 -26.37 7.02 -32.67
CA SER G 175 -26.21 6.48 -31.32
C SER G 175 -26.97 5.17 -31.16
N ILE G 176 -26.30 4.13 -30.71
CA ILE G 176 -26.93 2.86 -30.32
C ILE G 176 -27.90 3.11 -29.15
N ASN G 177 -29.11 2.57 -29.23
CA ASN G 177 -30.23 3.00 -28.38
C ASN G 177 -30.85 1.84 -27.58
N GLY G 178 -30.63 0.61 -28.03
CA GLY G 178 -31.14 -0.60 -27.39
C GLY G 178 -30.86 -1.84 -28.22
N PHE G 179 -31.14 -3.01 -27.67
CA PHE G 179 -30.91 -4.31 -28.30
C PHE G 179 -32.19 -5.14 -28.48
N ILE G 180 -32.12 -6.12 -29.37
CA ILE G 180 -32.91 -7.36 -29.34
C ILE G 180 -31.94 -8.52 -29.55
N SER G 181 -32.21 -9.69 -28.97
CA SER G 181 -31.20 -10.74 -28.83
C SER G 181 -31.76 -12.14 -28.71
N ARG G 182 -30.91 -13.15 -28.95
CA ARG G 182 -31.30 -14.56 -28.98
C ARG G 182 -31.90 -15.03 -27.65
N PRO G 183 -32.80 -16.03 -27.63
CA PRO G 183 -33.33 -16.58 -26.38
C PRO G 183 -32.25 -17.26 -25.54
N GLY G 184 -32.31 -17.05 -24.22
CA GLY G 184 -31.38 -17.63 -23.25
C GLY G 184 -29.99 -17.01 -23.21
N LEU G 185 -29.75 -15.87 -23.84
CA LEU G 185 -28.45 -15.19 -23.84
C LEU G 185 -28.02 -14.81 -22.43
N HIS G 186 -28.92 -14.37 -21.56
CA HIS G 186 -28.63 -14.00 -20.18
C HIS G 186 -28.00 -15.14 -19.37
N TRP G 187 -28.55 -16.35 -19.38
CA TRP G 187 -27.89 -17.48 -18.73
C TRP G 187 -26.59 -17.86 -19.43
N SER G 188 -26.48 -17.61 -20.73
CA SER G 188 -25.22 -17.79 -21.42
C SER G 188 -24.16 -16.78 -20.97
N LEU G 189 -24.52 -15.54 -20.60
CA LEU G 189 -23.62 -14.52 -20.06
C LEU G 189 -23.20 -14.82 -18.63
N VAL G 190 -24.11 -15.23 -17.76
CA VAL G 190 -23.80 -15.66 -16.38
C VAL G 190 -22.79 -16.82 -16.35
N GLY G 191 -22.74 -17.64 -17.38
CA GLY G 191 -21.74 -18.70 -17.55
C GLY G 191 -20.36 -18.26 -18.04
N LEU G 192 -20.12 -16.99 -18.41
CA LEU G 192 -18.82 -16.57 -18.98
C LEU G 192 -17.71 -16.40 -17.95
N ARG G 193 -16.47 -16.65 -18.39
CA ARG G 193 -15.23 -16.60 -17.61
C ARG G 193 -14.09 -15.95 -18.40
N ASN G 194 -13.18 -15.23 -17.74
CA ASN G 194 -11.87 -14.85 -18.29
C ASN G 194 -10.99 -16.09 -18.55
N ALA G 195 -9.85 -15.92 -19.23
CA ALA G 195 -8.77 -16.91 -19.22
C ALA G 195 -8.21 -17.18 -17.80
N GLN G 196 -8.23 -16.17 -16.93
CA GLN G 196 -7.96 -16.27 -15.48
C GLN G 196 -9.18 -16.73 -14.65
N GLY G 197 -10.20 -17.33 -15.26
CA GLY G 197 -11.33 -18.00 -14.59
C GLY G 197 -12.28 -17.14 -13.76
N GLN G 198 -12.14 -15.83 -13.73
CA GLN G 198 -13.06 -14.92 -13.05
C GLN G 198 -14.38 -14.71 -13.83
N PRO G 199 -15.53 -14.45 -13.18
CA PRO G 199 -16.76 -14.03 -13.83
C PRO G 199 -16.65 -12.63 -14.43
N ILE G 200 -17.19 -12.42 -15.64
CA ILE G 200 -17.11 -11.13 -16.35
C ILE G 200 -18.43 -10.37 -16.48
N TYR G 201 -19.57 -11.01 -16.24
CA TYR G 201 -20.87 -10.39 -16.47
C TYR G 201 -21.23 -9.29 -15.45
N THR G 202 -20.75 -9.41 -14.22
CA THR G 202 -20.88 -8.42 -13.14
C THR G 202 -19.54 -8.20 -12.44
N PRO G 203 -19.35 -7.10 -11.70
CA PRO G 203 -18.07 -6.74 -11.09
C PRO G 203 -17.42 -7.87 -10.29
N PRO G 204 -16.21 -8.33 -10.63
CA PRO G 204 -15.53 -9.40 -9.93
C PRO G 204 -15.43 -9.22 -8.42
N LEU G 205 -15.38 -7.99 -7.90
CA LEU G 205 -15.30 -7.71 -6.47
C LEU G 205 -16.60 -8.02 -5.71
N SER G 206 -17.73 -8.07 -6.41
CA SER G 206 -19.07 -8.19 -5.79
C SER G 206 -19.81 -9.49 -6.12
N THR G 207 -19.18 -10.44 -6.83
CA THR G 207 -19.85 -11.64 -7.37
C THR G 207 -19.13 -12.94 -7.04
N GLY G 208 -19.89 -13.92 -6.58
CA GLY G 208 -19.53 -15.33 -6.39
C GLY G 208 -20.81 -16.18 -6.44
N LEU G 209 -20.69 -17.50 -6.49
CA LEU G 209 -21.79 -18.37 -6.95
C LEU G 209 -23.09 -18.30 -6.15
N ASN G 210 -23.07 -17.97 -4.86
CA ASN G 210 -24.30 -18.02 -4.05
C ASN G 210 -25.28 -16.86 -4.29
N GLY G 211 -24.81 -15.71 -4.78
CA GLY G 211 -25.59 -14.47 -4.89
C GLY G 211 -26.44 -14.40 -6.17
N ALA G 212 -27.55 -13.67 -6.15
CA ALA G 212 -28.48 -13.58 -7.28
C ALA G 212 -27.89 -12.89 -8.53
N PRO G 213 -28.25 -13.33 -9.75
CA PRO G 213 -27.87 -12.66 -11.00
C PRO G 213 -28.49 -11.26 -11.11
N PRO G 214 -27.92 -10.39 -11.95
CA PRO G 214 -28.41 -9.02 -12.13
C PRO G 214 -29.65 -8.99 -13.03
N THR G 215 -30.33 -7.85 -13.11
CA THR G 215 -31.33 -7.62 -14.17
C THR G 215 -30.67 -7.75 -15.56
N PRO G 216 -31.26 -8.45 -16.54
CA PRO G 216 -30.64 -8.67 -17.83
C PRO G 216 -30.38 -7.37 -18.61
N ALA G 217 -29.11 -7.09 -18.87
CA ALA G 217 -28.63 -5.95 -19.65
C ALA G 217 -27.24 -6.24 -20.24
N LEU G 218 -26.83 -5.43 -21.21
CA LEU G 218 -25.43 -5.25 -21.62
C LEU G 218 -25.20 -3.74 -21.67
N TYR G 219 -24.08 -3.26 -21.12
CA TYR G 219 -23.73 -1.84 -21.08
C TYR G 219 -24.86 -0.90 -20.65
N GLY G 220 -25.69 -1.34 -19.71
CA GLY G 220 -26.82 -0.55 -19.19
C GLY G 220 -28.09 -0.58 -20.02
N PHE G 221 -28.10 -1.17 -21.21
CA PHE G 221 -29.31 -1.33 -22.03
C PHE G 221 -29.98 -2.68 -21.75
N PRO G 222 -31.29 -2.74 -21.47
CA PRO G 222 -32.02 -3.99 -21.30
C PRO G 222 -31.78 -4.98 -22.43
N LEU G 223 -31.59 -6.23 -22.06
CA LEU G 223 -31.20 -7.31 -22.97
C LEU G 223 -32.46 -8.02 -23.46
N ASN G 224 -33.23 -7.39 -24.34
CA ASN G 224 -34.52 -7.93 -24.75
C ASN G 224 -34.33 -9.24 -25.51
N GLU G 225 -34.84 -10.36 -24.99
CA GLU G 225 -34.70 -11.67 -25.60
C GLU G 225 -35.97 -12.04 -26.35
N VAL G 226 -35.83 -12.52 -27.58
CA VAL G 226 -36.99 -12.80 -28.44
C VAL G 226 -37.55 -14.19 -28.12
N THR G 227 -38.70 -14.24 -27.45
CA THR G 227 -39.32 -15.46 -26.90
C THR G 227 -40.50 -16.03 -27.69
N SER G 228 -40.94 -15.43 -28.79
CA SER G 228 -41.65 -16.16 -29.84
C SER G 228 -40.67 -17.04 -30.62
N GLY G 229 -41.14 -17.97 -31.45
CA GLY G 229 -40.26 -18.91 -32.17
C GLY G 229 -39.46 -18.33 -33.33
N VAL G 230 -39.47 -17.00 -33.52
CA VAL G 230 -39.04 -16.31 -34.74
C VAL G 230 -37.52 -16.15 -34.88
N TRP G 231 -36.77 -16.09 -33.79
CA TRP G 231 -35.33 -15.85 -33.84
C TRP G 231 -34.57 -17.04 -34.41
N ASP G 232 -33.71 -16.82 -35.40
CA ASP G 232 -32.78 -17.84 -35.89
C ASP G 232 -31.37 -17.62 -35.31
N ALA G 233 -31.00 -18.42 -34.31
CA ALA G 233 -29.72 -18.32 -33.62
C ALA G 233 -28.51 -18.65 -34.50
N ASP G 234 -28.72 -19.21 -35.68
CA ASP G 234 -27.67 -19.47 -36.66
C ASP G 234 -27.43 -18.30 -37.64
N GLU G 235 -28.23 -17.24 -37.56
CA GLU G 235 -28.05 -16.02 -38.36
C GLU G 235 -27.59 -14.82 -37.52
N ALA G 236 -28.02 -14.69 -36.26
CA ALA G 236 -27.60 -13.62 -35.37
C ALA G 236 -27.64 -13.99 -33.88
N ILE G 237 -26.77 -13.37 -33.07
CA ILE G 237 -26.80 -13.40 -31.60
C ILE G 237 -27.57 -12.20 -31.05
N LEU G 238 -27.30 -11.03 -31.59
CA LEU G 238 -27.82 -9.77 -31.09
C LEU G 238 -27.88 -8.75 -32.22
N LEU G 239 -28.90 -7.90 -32.22
CA LEU G 239 -29.09 -6.76 -33.11
C LEU G 239 -29.20 -5.49 -32.27
N GLY G 240 -28.36 -4.50 -32.54
CA GLY G 240 -28.37 -3.20 -31.88
C GLY G 240 -28.67 -2.09 -32.87
N ALA G 241 -29.43 -1.08 -32.48
CA ALA G 241 -29.93 -0.09 -33.43
C ALA G 241 -30.33 1.21 -32.76
N ASP G 242 -30.57 2.25 -33.56
CA ASP G 242 -31.42 3.36 -33.13
C ASP G 242 -32.89 3.09 -33.45
N TRP G 243 -33.60 2.45 -32.52
CA TRP G 243 -35.00 2.05 -32.67
C TRP G 243 -35.96 3.22 -32.92
N SER G 244 -35.55 4.47 -32.69
CA SER G 244 -36.34 5.64 -33.11
C SER G 244 -36.52 5.72 -34.63
N LYS G 245 -35.61 5.11 -35.41
CA LYS G 245 -35.62 5.12 -36.88
C LYS G 245 -36.23 3.89 -37.54
N VAL G 246 -36.71 2.91 -36.80
CA VAL G 246 -37.50 1.80 -37.37
C VAL G 246 -38.97 2.17 -37.33
N VAL G 247 -39.67 2.12 -38.47
CA VAL G 247 -41.06 2.55 -38.63
C VAL G 247 -41.92 1.43 -39.19
N ILE G 248 -43.09 1.22 -38.60
CA ILE G 248 -44.12 0.31 -39.10
C ILE G 248 -45.38 1.12 -39.40
N GLY G 249 -45.85 1.07 -40.65
CA GLY G 249 -47.04 1.77 -41.09
C GLY G 249 -48.23 0.84 -41.21
N ILE G 250 -49.32 1.12 -40.51
CA ILE G 250 -50.52 0.27 -40.51
C ILE G 250 -51.50 0.81 -41.55
N ARG G 251 -51.68 0.07 -42.66
CA ARG G 251 -52.67 0.42 -43.67
C ARG G 251 -54.06 -0.12 -43.35
N GLN G 252 -54.15 -1.37 -42.91
CA GLN G 252 -55.40 -2.00 -42.48
C GLN G 252 -55.17 -2.95 -41.31
N ASP G 253 -55.90 -2.74 -40.21
CA ASP G 253 -55.89 -3.54 -38.99
C ASP G 253 -56.32 -5.00 -39.22
N ILE G 254 -55.99 -5.90 -38.29
CA ILE G 254 -56.42 -7.30 -38.40
C ILE G 254 -57.94 -7.35 -38.39
N THR G 255 -58.52 -7.79 -39.50
CA THR G 255 -59.97 -7.81 -39.75
C THR G 255 -60.41 -9.19 -40.21
N PHE G 256 -61.51 -9.70 -39.66
CA PHE G 256 -62.00 -11.07 -39.88
C PHE G 256 -63.33 -11.10 -40.64
N ASP G 257 -63.44 -12.00 -41.63
CA ASP G 257 -64.66 -12.28 -42.39
C ASP G 257 -64.98 -13.78 -42.42
N LEU G 258 -66.22 -14.16 -42.15
CA LEU G 258 -66.67 -15.55 -42.15
C LEU G 258 -67.54 -15.85 -43.38
N PHE G 259 -67.21 -16.89 -44.15
CA PHE G 259 -67.88 -17.24 -45.40
C PHE G 259 -68.60 -18.58 -45.33
N SER G 260 -69.82 -18.62 -45.86
CA SER G 260 -70.66 -19.81 -45.99
C SER G 260 -70.73 -20.39 -47.41
N GLU G 261 -70.17 -19.70 -48.40
CA GLU G 261 -70.35 -19.97 -49.83
C GLU G 261 -69.04 -19.78 -50.61
N GLY G 262 -68.94 -20.39 -51.79
CA GLY G 262 -67.77 -20.28 -52.66
C GLY G 262 -66.80 -21.44 -52.51
N VAL G 263 -65.55 -21.24 -52.93
CA VAL G 263 -64.59 -22.34 -53.04
C VAL G 263 -63.19 -21.97 -52.55
N ILE G 264 -62.43 -22.96 -52.12
CA ILE G 264 -60.97 -22.95 -52.11
C ILE G 264 -60.53 -23.61 -53.42
N SER G 265 -59.53 -23.07 -54.12
CA SER G 265 -59.04 -23.59 -55.39
C SER G 265 -57.52 -23.49 -55.54
N ASP G 266 -56.97 -24.33 -56.41
CA ASP G 266 -55.56 -24.33 -56.79
C ASP G 266 -55.10 -23.02 -57.44
N SER G 267 -53.77 -22.87 -57.55
CA SER G 267 -53.11 -21.98 -58.50
C SER G 267 -53.55 -22.20 -59.96
N ASP G 268 -53.99 -23.40 -60.29
CA ASP G 268 -54.36 -23.82 -61.65
C ASP G 268 -55.89 -23.85 -61.87
N GLY G 269 -56.67 -23.29 -60.93
CA GLY G 269 -58.10 -23.08 -61.05
C GLY G 269 -59.00 -24.27 -60.71
N LYS G 270 -58.46 -25.45 -60.42
CA LYS G 270 -59.23 -26.62 -59.96
C LYS G 270 -59.82 -26.36 -58.57
N VAL G 271 -61.08 -26.70 -58.36
CA VAL G 271 -61.74 -26.60 -57.04
C VAL G 271 -61.15 -27.65 -56.07
N VAL G 272 -60.90 -27.27 -54.81
CA VAL G 272 -60.29 -28.14 -53.79
C VAL G 272 -61.22 -28.36 -52.59
N LEU G 273 -61.95 -27.33 -52.16
CA LEU G 273 -63.05 -27.44 -51.22
C LEU G 273 -64.18 -26.55 -51.73
N ASN G 274 -65.36 -27.08 -51.96
CA ASN G 274 -66.57 -26.30 -52.19
C ASN G 274 -67.29 -26.13 -50.85
N LEU G 275 -67.48 -24.90 -50.38
CA LEU G 275 -68.07 -24.65 -49.07
C LEU G 275 -69.54 -25.05 -49.02
N MET G 276 -70.30 -24.83 -50.10
CA MET G 276 -71.71 -25.20 -50.17
C MET G 276 -71.90 -26.70 -50.33
N GLN G 277 -71.29 -27.29 -51.36
CA GLN G 277 -71.49 -28.69 -51.73
C GLN G 277 -70.74 -29.68 -50.82
N GLN G 278 -69.95 -29.20 -49.87
CA GLN G 278 -69.30 -30.01 -48.82
C GLN G 278 -69.55 -29.48 -47.40
N ASP G 279 -70.69 -28.81 -47.17
CA ASP G 279 -71.20 -28.46 -45.83
C ASP G 279 -70.15 -27.88 -44.86
N SER G 280 -69.47 -26.81 -45.27
CA SER G 280 -68.33 -26.22 -44.58
C SER G 280 -68.39 -24.71 -44.58
N LYS G 281 -67.72 -24.06 -43.63
CA LYS G 281 -67.49 -22.62 -43.62
C LYS G 281 -66.00 -22.33 -43.62
N ALA G 282 -65.61 -21.10 -43.89
CA ALA G 282 -64.23 -20.69 -43.77
C ALA G 282 -64.11 -19.29 -43.16
N LEU G 283 -63.20 -19.11 -42.23
CA LEU G 283 -62.85 -17.81 -41.66
C LEU G 283 -61.65 -17.25 -42.43
N ARG G 284 -61.70 -15.99 -42.85
CA ARG G 284 -60.61 -15.27 -43.49
C ARG G 284 -60.12 -14.14 -42.59
N VAL G 285 -58.80 -13.99 -42.48
CA VAL G 285 -58.15 -12.88 -41.78
C VAL G 285 -57.20 -12.17 -42.72
N VAL G 286 -57.18 -10.84 -42.69
CA VAL G 286 -56.28 -10.00 -43.51
C VAL G 286 -55.64 -8.89 -42.67
N PHE G 287 -54.41 -8.53 -43.01
CA PHE G 287 -53.68 -7.40 -42.42
C PHE G 287 -52.85 -6.72 -43.50
N ARG G 288 -52.74 -5.38 -43.48
CA ARG G 288 -51.90 -4.62 -44.44
C ARG G 288 -50.93 -3.69 -43.73
N VAL G 289 -49.65 -3.80 -44.04
CA VAL G 289 -48.56 -3.22 -43.26
C VAL G 289 -47.39 -2.80 -44.16
N GLY G 290 -46.70 -1.72 -43.81
CA GLY G 290 -45.47 -1.28 -44.48
C GLY G 290 -44.33 -1.09 -43.50
N PHE G 291 -43.10 -1.26 -43.98
CA PHE G 291 -41.88 -1.20 -43.19
C PHE G 291 -40.87 -0.25 -43.80
N GLN G 292 -40.32 0.66 -43.00
CA GLN G 292 -39.24 1.55 -43.38
C GLN G 292 -38.25 1.66 -42.23
N VAL G 293 -36.95 1.67 -42.53
CA VAL G 293 -35.93 2.19 -41.61
C VAL G 293 -35.43 3.53 -42.15
N ALA G 294 -35.56 4.60 -41.38
CA ALA G 294 -35.22 5.95 -41.82
C ALA G 294 -33.71 6.14 -41.77
N ASN G 295 -33.07 6.31 -42.92
CA ASN G 295 -31.61 6.44 -43.04
C ASN G 295 -31.25 7.85 -43.52
N PRO G 296 -31.48 8.92 -42.72
CA PRO G 296 -31.19 10.29 -43.12
C PRO G 296 -29.73 10.46 -43.51
N MET G 297 -29.42 11.47 -44.30
CA MET G 297 -28.03 11.89 -44.52
C MET G 297 -27.40 12.37 -43.22
N THR G 298 -26.16 11.97 -42.95
CA THR G 298 -25.38 12.39 -41.77
C THR G 298 -24.12 13.11 -42.23
N ARG G 299 -23.64 14.08 -41.44
CA ARG G 299 -22.42 14.84 -41.76
C ARG G 299 -21.18 13.92 -41.82
N LEU G 300 -21.18 12.85 -41.01
CA LEU G 300 -20.09 11.87 -40.92
C LEU G 300 -19.97 10.88 -42.07
N ASN G 301 -21.06 10.31 -42.59
CA ASN G 301 -21.02 9.30 -43.64
C ASN G 301 -22.07 9.59 -44.73
N PRO G 302 -21.77 10.41 -45.74
CA PRO G 302 -22.76 10.76 -46.75
C PRO G 302 -23.06 9.63 -47.75
N ASN G 303 -22.20 8.61 -47.86
CA ASN G 303 -22.38 7.46 -48.74
C ASN G 303 -23.44 6.49 -48.22
N GLU G 304 -24.65 6.49 -48.78
CA GLU G 304 -25.75 5.64 -48.33
C GLU G 304 -25.50 4.15 -48.51
N ALA G 305 -24.55 3.73 -49.34
CA ALA G 305 -24.19 2.32 -49.49
C ALA G 305 -23.55 1.71 -48.23
N THR G 306 -22.96 2.51 -47.34
CA THR G 306 -22.25 2.05 -46.14
C THR G 306 -22.79 2.64 -44.84
N ARG G 307 -23.66 3.64 -44.88
CA ARG G 307 -24.32 4.20 -43.69
C ARG G 307 -25.56 3.39 -43.31
N TYR G 308 -25.69 2.89 -42.08
CA TYR G 308 -26.92 2.22 -41.65
C TYR G 308 -27.25 2.38 -40.15
N PRO G 309 -28.51 2.53 -39.71
CA PRO G 309 -28.86 2.84 -38.31
C PRO G 309 -28.85 1.65 -37.33
N ALA G 310 -28.27 0.52 -37.72
CA ALA G 310 -28.31 -0.75 -37.02
C ALA G 310 -27.06 -1.60 -37.28
N GLY G 311 -26.75 -2.55 -36.39
CA GLY G 311 -25.59 -3.43 -36.48
C GLY G 311 -25.80 -4.77 -35.77
N VAL G 312 -25.09 -5.82 -36.19
CA VAL G 312 -25.33 -7.22 -35.78
C VAL G 312 -24.09 -7.95 -35.32
N ILE G 313 -24.22 -8.83 -34.32
CA ILE G 313 -23.23 -9.86 -34.01
C ILE G 313 -23.72 -11.18 -34.58
N ILE G 314 -22.90 -11.85 -35.40
CA ILE G 314 -23.23 -13.09 -36.11
C ILE G 314 -22.35 -14.27 -35.62
N PRO G 315 -22.80 -15.54 -35.68
CA PRO G 315 -22.02 -16.67 -35.19
C PRO G 315 -20.72 -16.91 -35.99
N ALA G 316 -19.73 -17.51 -35.34
CA ALA G 316 -18.50 -17.96 -35.98
C ALA G 316 -18.73 -19.13 -36.96
N GLY G 317 -17.74 -19.42 -37.81
CA GLY G 317 -17.84 -20.46 -38.84
C GLY G 317 -18.92 -20.20 -39.87
#